data_9MHV
#
_entry.id   9MHV
#
_cell.length_a   98.265
_cell.length_b   139.436
_cell.length_c   149.415
_cell.angle_alpha   90.00
_cell.angle_beta   90.00
_cell.angle_gamma   90.00
#
_symmetry.space_group_name_H-M   'P 21 21 21'
#
loop_
_entity.id
_entity.type
_entity.pdbx_description
1 polymer 'Toll-like receptor 7'
2 branched beta-D-mannopyranose-(1-4)-2-acetamido-2-deoxy-beta-D-glucopyranose-(1-4)-2-acetamido-2-deoxy-beta-D-glucopyranose
3 branched 2-acetamido-2-deoxy-beta-D-glucopyranose-(1-4)-2-acetamido-2-deoxy-beta-D-glucopyranose
4 non-polymer 2-acetamido-2-deoxy-beta-D-glucopyranose
5 non-polymer 'CHLORIDE ION'
6 non-polymer (3S)-3-[(2-amino-5-{[2-methoxy-5-({[(3S)-oxolan-3-yl]amino}methyl)phenyl]methyl}-5H-pyrimido[5,4-b]indol-4-yl)amino]hexan-1-ol
7 non-polymer 'CITRIC ACID'
8 water water
#
_entity_poly.entity_id   1
_entity_poly.type   'polypeptide(L)'
_entity_poly.pdbx_seq_one_letter_code
;RSPWARWFPKTLPCDVTLDVSKNHVIVDCTDKHLTEIPGGIPTNTTNLTLTINHIPDISPASFHRLVHLVEIDFRCNCVP
IRLGSKSNMCPRRLQIKPRSFSGLTYLKSLYLDGNQLLEIPQGLPPSLQLLSLEANNIFSIRKEQLTELANIEILYLGQN
CYYRNPCYVSYSIEKDAFLNLTKLKVLSLKDNNVTTVPTVLPSTLTELYLYNNMIAEIQEDDFNNLNQLQILDLSGNCPR
CYNAPFPCTPCKNNSPLQIPVNAFDALTELKVLRLHSNSLQHVPPRWFKNINNLQELDLSQNFLAKEIGDAKFLHFLPNL
IQLDLSFNFELQVYRASMNLSQAFSSLKSLKILRIRGYVFKELKSFQLSPLHNLQNLEVLDLGTNFIKIANLSMFKQFKR
LKVIDLSVNKISPSGDSSEVGFCSNARTSVESYEPQVLEQLYYFRYDKYARSCRFKNKEASFTSVQESCYKYGQTLDLSK
NSIFFIKSSDFQHLSFLKCLNLSGNLISQTLNGSEFQPLAELRYLDFSNNRLDLLHSTAFEELRKLEVLDISSNSHYFQS
EGITHMLNFTKNLKVLQKLMMNDNDISSSTSRTMESESLRTLEFRGNHLDVLWRDGDNRYLQLFKNLLKLEELDISKNSL
SFLPSGVFDGMPPNLKNLSLAKNGLKSFIWEKLRYLKNLETLDLSHNQLTTVPERLSNCSRSLKNLILKNNQIRSLTKYF
LQDAFQLRYLDLSSNKIQMIQKTSFPENVLNNLKMLLLHHNRFLCTCDAVWFVWWVQHTEVTIPYLATDVTCVGPGAHKG
QSVISLDLYTCELDLTN
;
_entity_poly.pdbx_strand_id   A,B
#
# COMPACT_ATOMS: atom_id res chain seq x y z
N ALA A 5 11.00 -7.05 43.87
CA ALA A 5 11.22 -8.49 43.92
C ALA A 5 12.73 -8.78 43.75
N ARG A 6 13.38 -8.35 42.63
CA ARG A 6 14.82 -8.59 42.49
C ARG A 6 15.56 -7.68 43.47
N TRP A 7 16.57 -8.21 44.14
CA TRP A 7 17.39 -7.41 45.06
C TRP A 7 18.47 -6.63 44.29
N PHE A 8 18.98 -7.19 43.17
CA PHE A 8 20.02 -6.58 42.34
C PHE A 8 19.52 -6.42 40.91
N PRO A 9 19.23 -5.20 40.41
CA PRO A 9 18.72 -5.07 39.03
C PRO A 9 19.73 -5.49 37.94
N LYS A 10 19.23 -6.10 36.86
CA LYS A 10 20.08 -6.54 35.74
C LYS A 10 20.39 -5.31 34.89
N THR A 11 21.64 -4.87 34.88
CA THR A 11 22.04 -3.67 34.13
C THR A 11 22.75 -4.02 32.81
N LEU A 12 23.23 -5.29 32.62
CA LEU A 12 23.91 -5.70 31.39
C LEU A 12 23.01 -5.51 30.18
N PRO A 13 23.50 -4.91 29.07
CA PRO A 13 22.64 -4.71 27.90
C PRO A 13 22.45 -5.94 27.00
N CYS A 14 22.54 -7.17 27.56
CA CYS A 14 22.44 -8.40 26.81
C CYS A 14 21.42 -9.34 27.45
N ASP A 15 20.80 -10.20 26.65
CA ASP A 15 19.82 -11.15 27.18
C ASP A 15 20.54 -12.34 27.77
N VAL A 16 20.45 -12.54 29.09
CA VAL A 16 21.08 -13.67 29.75
C VAL A 16 20.00 -14.72 29.99
N THR A 17 20.25 -15.95 29.49
CA THR A 17 19.35 -17.09 29.63
C THR A 17 20.13 -18.21 30.29
N LEU A 18 19.50 -18.93 31.20
CA LEU A 18 20.12 -20.03 31.92
C LEU A 18 19.42 -21.33 31.51
N ASP A 19 20.18 -22.32 31.03
CA ASP A 19 19.61 -23.61 30.64
C ASP A 19 20.22 -24.69 31.54
N VAL A 20 19.58 -24.95 32.71
CA VAL A 20 20.08 -25.91 33.68
C VAL A 20 20.14 -27.35 33.15
N SER A 21 19.21 -27.73 32.25
CA SER A 21 19.19 -29.08 31.68
C SER A 21 20.47 -29.38 30.88
N LYS A 22 20.77 -28.56 29.85
CA LYS A 22 21.97 -28.72 29.02
C LYS A 22 23.19 -27.94 29.55
N ASN A 23 23.13 -27.45 30.81
CA ASN A 23 24.18 -26.70 31.52
C ASN A 23 24.87 -25.62 30.67
N HIS A 24 24.09 -24.63 30.20
CA HIS A 24 24.61 -23.52 29.40
C HIS A 24 24.13 -22.18 29.96
N VAL A 25 25.04 -21.19 30.02
CA VAL A 25 24.73 -19.82 30.44
C VAL A 25 24.91 -19.00 29.17
N ILE A 26 23.79 -18.73 28.48
CA ILE A 26 23.81 -18.02 27.21
C ILE A 26 23.67 -16.52 27.41
N VAL A 27 24.60 -15.73 26.85
CA VAL A 27 24.60 -14.27 26.92
C VAL A 27 24.52 -13.75 25.49
N ASP A 28 23.35 -13.18 25.09
CA ASP A 28 23.12 -12.69 23.74
C ASP A 28 23.14 -11.16 23.64
N CYS A 29 24.22 -10.60 23.05
CA CYS A 29 24.40 -9.17 22.83
C CYS A 29 24.19 -8.84 21.34
N THR A 30 23.33 -9.58 20.61
CA THR A 30 23.13 -9.33 19.18
C THR A 30 22.50 -7.96 18.98
N ASP A 31 23.12 -7.12 18.14
CA ASP A 31 22.61 -5.80 17.80
C ASP A 31 22.25 -4.95 19.04
N LYS A 32 23.28 -4.58 19.80
CA LYS A 32 23.13 -3.74 20.99
C LYS A 32 24.03 -2.48 20.90
N HIS A 33 24.44 -2.08 19.66
CA HIS A 33 25.24 -0.88 19.39
C HIS A 33 26.44 -0.74 20.33
N LEU A 34 27.16 -1.84 20.55
CA LEU A 34 28.29 -1.88 21.47
C LEU A 34 29.58 -1.50 20.77
N THR A 35 30.35 -0.60 21.38
CA THR A 35 31.69 -0.23 20.92
C THR A 35 32.78 -1.02 21.71
N GLU A 36 32.41 -1.69 22.83
CA GLU A 36 33.29 -2.51 23.67
C GLU A 36 32.49 -3.71 24.17
N ILE A 37 33.18 -4.80 24.57
CA ILE A 37 32.49 -5.96 25.16
C ILE A 37 31.97 -5.51 26.53
N PRO A 38 30.66 -5.60 26.82
CA PRO A 38 30.17 -5.08 28.11
C PRO A 38 30.80 -5.72 29.34
N GLY A 39 30.90 -4.92 30.39
CA GLY A 39 31.46 -5.38 31.65
C GLY A 39 30.43 -6.13 32.45
N GLY A 40 30.90 -7.03 33.31
CA GLY A 40 30.03 -7.81 34.16
C GLY A 40 29.30 -8.95 33.49
N ILE A 41 29.89 -9.53 32.43
CA ILE A 41 29.28 -10.69 31.78
C ILE A 41 29.50 -11.87 32.75
N PRO A 42 28.48 -12.68 33.09
CA PRO A 42 28.68 -13.75 34.09
C PRO A 42 29.92 -14.62 33.87
N THR A 43 30.61 -14.97 34.95
CA THR A 43 31.82 -15.80 34.86
C THR A 43 31.50 -17.21 34.32
N ASN A 44 30.26 -17.72 34.53
CA ASN A 44 29.82 -19.01 34.03
C ASN A 44 29.43 -18.99 32.54
N THR A 45 29.55 -17.86 31.83
CA THR A 45 29.12 -17.75 30.43
C THR A 45 29.75 -18.80 29.52
N THR A 46 28.90 -19.65 28.89
CA THR A 46 29.33 -20.68 27.96
C THR A 46 29.12 -20.20 26.51
N ASN A 47 27.94 -19.66 26.19
CA ASN A 47 27.63 -19.18 24.83
C ASN A 47 27.54 -17.66 24.78
N LEU A 48 28.58 -16.96 24.27
CA LEU A 48 28.60 -15.51 24.18
C LEU A 48 28.45 -15.05 22.72
N THR A 49 27.41 -14.23 22.42
CA THR A 49 27.17 -13.71 21.07
C THR A 49 27.28 -12.20 21.06
N LEU A 50 28.14 -11.67 20.18
CA LEU A 50 28.37 -10.23 20.02
C LEU A 50 28.21 -9.85 18.53
N THR A 51 27.24 -10.49 17.83
CA THR A 51 26.98 -10.24 16.41
C THR A 51 26.32 -8.87 16.23
N ILE A 52 26.66 -8.18 15.12
CA ILE A 52 26.12 -6.87 14.76
C ILE A 52 26.40 -5.83 15.84
N ASN A 53 27.67 -5.55 16.05
CA ASN A 53 28.14 -4.53 16.99
C ASN A 53 29.33 -3.84 16.29
N HIS A 54 29.96 -2.86 16.95
CA HIS A 54 31.09 -2.14 16.37
C HIS A 54 32.26 -2.18 17.31
N ILE A 55 32.58 -3.39 17.80
CA ILE A 55 33.70 -3.62 18.70
C ILE A 55 34.92 -3.66 17.79
N PRO A 56 35.86 -2.71 17.92
CA PRO A 56 36.99 -2.66 16.98
C PRO A 56 38.07 -3.71 17.15
N ASP A 57 38.17 -4.35 18.32
CA ASP A 57 39.24 -5.30 18.56
C ASP A 57 38.96 -6.34 19.64
N ILE A 58 39.70 -7.47 19.56
CA ILE A 58 39.68 -8.56 20.54
C ILE A 58 41.11 -8.66 21.09
N SER A 59 41.24 -8.89 22.40
CA SER A 59 42.55 -9.01 23.06
C SER A 59 42.44 -9.99 24.26
N PRO A 60 43.55 -10.40 24.92
CA PRO A 60 43.42 -11.29 26.09
C PRO A 60 42.45 -10.78 27.17
N ALA A 61 42.32 -9.44 27.31
CA ALA A 61 41.40 -8.83 28.28
C ALA A 61 39.90 -9.08 27.94
N SER A 62 39.58 -9.34 26.65
CA SER A 62 38.21 -9.57 26.19
C SER A 62 37.49 -10.73 26.90
N PHE A 63 38.16 -11.89 27.03
CA PHE A 63 37.59 -13.09 27.65
C PHE A 63 38.47 -13.55 28.82
N HIS A 64 39.02 -12.59 29.60
CA HIS A 64 39.93 -12.87 30.72
C HIS A 64 39.30 -13.77 31.81
N ARG A 65 38.09 -13.42 32.28
CA ARG A 65 37.41 -14.19 33.34
C ARG A 65 36.42 -15.23 32.82
N LEU A 66 36.09 -15.20 31.52
CA LEU A 66 35.11 -16.10 30.91
C LEU A 66 35.80 -17.39 30.45
N VAL A 67 36.50 -18.05 31.39
CA VAL A 67 37.26 -19.28 31.11
C VAL A 67 36.38 -20.47 30.72
N HIS A 68 35.09 -20.45 31.08
CA HIS A 68 34.16 -21.54 30.77
C HIS A 68 33.51 -21.41 29.37
N LEU A 69 33.99 -20.49 28.51
CA LEU A 69 33.40 -20.30 27.18
C LEU A 69 33.50 -21.53 26.31
N VAL A 70 32.37 -21.97 25.73
CA VAL A 70 32.27 -23.07 24.78
C VAL A 70 32.00 -22.54 23.37
N GLU A 71 31.36 -21.34 23.23
CA GLU A 71 31.06 -20.74 21.93
C GLU A 71 31.19 -19.22 21.99
N ILE A 72 31.86 -18.63 20.99
CA ILE A 72 32.01 -17.18 20.84
C ILE A 72 31.53 -16.86 19.44
N ASP A 73 30.41 -16.15 19.32
CA ASP A 73 29.90 -15.74 18.03
C ASP A 73 30.18 -14.24 17.90
N PHE A 74 31.28 -13.88 17.22
CA PHE A 74 31.70 -12.48 17.03
C PHE A 74 31.58 -12.14 15.53
N ARG A 75 30.41 -12.36 14.95
CA ARG A 75 30.18 -12.10 13.53
C ARG A 75 29.74 -10.66 13.24
N CYS A 76 30.04 -10.20 12.02
CA CYS A 76 29.62 -8.93 11.46
C CYS A 76 29.88 -7.70 12.35
N ASN A 77 31.10 -7.59 12.87
CA ASN A 77 31.52 -6.39 13.59
C ASN A 77 32.27 -5.42 12.64
N CYS A 78 32.77 -5.92 11.48
CA CYS A 78 33.35 -5.13 10.41
C CYS A 78 33.00 -5.78 9.07
N VAL A 79 31.70 -5.95 8.84
CA VAL A 79 31.14 -6.56 7.63
C VAL A 79 31.69 -5.90 6.34
N PRO A 80 32.09 -6.63 5.27
CA PRO A 80 32.62 -5.96 4.06
C PRO A 80 31.71 -4.86 3.52
N ILE A 81 32.30 -3.77 3.02
CA ILE A 81 31.58 -2.58 2.56
C ILE A 81 30.38 -2.88 1.62
N ARG A 82 30.52 -3.80 0.66
CA ARG A 82 29.42 -4.11 -0.26
C ARG A 82 28.29 -4.95 0.37
N LEU A 83 28.55 -5.64 1.48
CA LEU A 83 27.56 -6.46 2.18
C LEU A 83 26.89 -5.74 3.36
N GLY A 84 27.62 -4.84 4.02
CA GLY A 84 27.14 -4.12 5.18
C GLY A 84 26.42 -2.82 4.93
N SER A 85 26.03 -2.15 6.03
CA SER A 85 25.34 -0.86 6.04
C SER A 85 26.23 0.24 5.45
N LYS A 86 25.60 1.27 4.83
CA LYS A 86 26.31 2.42 4.26
C LYS A 86 26.22 3.64 5.20
N SER A 87 25.16 3.74 6.01
CA SER A 87 25.00 4.82 6.99
C SER A 87 26.07 4.69 8.10
N ASN A 88 26.41 3.44 8.48
CA ASN A 88 27.44 3.20 9.49
C ASN A 88 28.41 2.13 8.99
N MET A 89 29.28 2.53 8.04
CA MET A 89 30.29 1.64 7.47
C MET A 89 31.43 1.41 8.48
N CYS A 90 32.16 0.31 8.31
CA CYS A 90 33.28 -0.01 9.18
C CYS A 90 34.53 0.79 8.76
N PRO A 91 35.19 1.51 9.69
CA PRO A 91 36.38 2.28 9.30
C PRO A 91 37.64 1.44 9.10
N ARG A 92 37.93 0.51 10.05
CA ARG A 92 39.10 -0.37 9.98
C ARG A 92 38.69 -1.81 10.30
N ARG A 93 39.41 -2.79 9.72
CA ARG A 93 39.14 -4.22 9.95
C ARG A 93 39.31 -4.62 11.43
N LEU A 94 38.67 -5.73 11.85
CA LEU A 94 38.76 -6.22 13.24
C LEU A 94 40.21 -6.57 13.56
N GLN A 95 40.71 -6.12 14.73
CA GLN A 95 42.09 -6.39 15.15
C GLN A 95 42.07 -7.44 16.26
N ILE A 96 42.66 -8.61 16.01
CA ILE A 96 42.72 -9.69 17.01
C ILE A 96 44.16 -9.72 17.53
N LYS A 97 44.38 -9.24 18.76
CA LYS A 97 45.74 -9.22 19.33
C LYS A 97 46.15 -10.65 19.76
N PRO A 98 47.46 -10.95 19.89
CA PRO A 98 47.86 -12.33 20.26
C PRO A 98 47.33 -12.83 21.60
N ARG A 99 47.20 -14.17 21.73
CA ARG A 99 46.73 -14.87 22.94
C ARG A 99 45.30 -14.49 23.36
N SER A 100 44.45 -14.10 22.39
CA SER A 100 43.06 -13.72 22.66
C SER A 100 42.19 -14.93 22.96
N PHE A 101 42.47 -16.08 22.34
CA PHE A 101 41.68 -17.31 22.51
C PHE A 101 42.49 -18.46 23.13
N SER A 102 43.83 -18.40 23.14
CA SER A 102 44.66 -19.48 23.66
C SER A 102 44.31 -19.90 25.11
N GLY A 103 43.86 -18.95 25.93
CA GLY A 103 43.47 -19.24 27.30
C GLY A 103 42.16 -20.01 27.43
N LEU A 104 41.27 -19.89 26.44
CA LEU A 104 39.95 -20.53 26.49
C LEU A 104 40.05 -22.01 26.11
N THR A 105 40.52 -22.83 27.05
CA THR A 105 40.74 -24.27 26.84
C THR A 105 39.45 -25.09 26.63
N TYR A 106 38.25 -24.50 26.80
CA TYR A 106 36.98 -25.21 26.57
C TYR A 106 36.27 -24.75 25.27
N LEU A 107 36.85 -23.80 24.52
CA LEU A 107 36.22 -23.24 23.31
C LEU A 107 36.02 -24.29 22.22
N LYS A 108 34.75 -24.58 21.86
CA LYS A 108 34.37 -25.56 20.83
C LYS A 108 33.97 -24.88 19.52
N SER A 109 33.24 -23.75 19.57
CA SER A 109 32.80 -23.04 18.36
C SER A 109 33.20 -21.59 18.37
N LEU A 110 33.74 -21.09 17.25
CA LEU A 110 34.15 -19.71 17.12
C LEU A 110 33.76 -19.21 15.74
N TYR A 111 32.88 -18.19 15.68
CA TYR A 111 32.46 -17.58 14.42
C TYR A 111 33.04 -16.19 14.33
N LEU A 112 33.88 -15.94 13.33
CA LEU A 112 34.48 -14.64 13.08
C LEU A 112 34.15 -14.17 11.64
N ASP A 113 32.95 -14.52 11.15
CA ASP A 113 32.47 -14.14 9.81
C ASP A 113 32.25 -12.63 9.71
N GLY A 114 32.39 -12.10 8.50
CA GLY A 114 32.15 -10.70 8.19
C GLY A 114 32.90 -9.72 9.07
N ASN A 115 34.23 -9.85 9.14
CA ASN A 115 35.08 -8.96 9.94
C ASN A 115 36.29 -8.40 9.15
N GLN A 116 36.36 -8.65 7.83
CA GLN A 116 37.46 -8.18 6.97
C GLN A 116 38.85 -8.65 7.44
N LEU A 117 38.94 -9.85 8.01
CA LEU A 117 40.21 -10.40 8.48
C LEU A 117 41.06 -10.79 7.25
N LEU A 118 42.36 -10.50 7.29
CA LEU A 118 43.27 -10.80 6.17
C LEU A 118 43.88 -12.19 6.25
N GLU A 119 44.03 -12.75 7.46
CA GLU A 119 44.63 -14.07 7.66
C GLU A 119 43.84 -14.90 8.68
N ILE A 120 44.06 -16.22 8.67
CA ILE A 120 43.38 -17.13 9.59
C ILE A 120 43.88 -16.83 11.02
N PRO A 121 43.00 -16.50 11.99
CA PRO A 121 43.49 -16.20 13.35
C PRO A 121 44.33 -17.32 13.94
N GLN A 122 45.51 -16.96 14.48
CA GLN A 122 46.43 -17.94 15.08
C GLN A 122 46.30 -17.93 16.62
N GLY A 123 46.85 -18.95 17.25
CA GLY A 123 46.79 -19.08 18.70
C GLY A 123 45.42 -19.50 19.19
N LEU A 124 44.74 -20.37 18.43
CA LEU A 124 43.43 -20.86 18.81
C LEU A 124 43.60 -22.11 19.68
N PRO A 125 42.67 -22.40 20.61
CA PRO A 125 42.83 -23.59 21.47
C PRO A 125 42.69 -24.93 20.75
N PRO A 126 43.29 -26.01 21.32
CA PRO A 126 43.17 -27.33 20.69
C PRO A 126 41.79 -27.98 20.83
N SER A 127 40.89 -27.40 21.64
CA SER A 127 39.54 -27.92 21.82
C SER A 127 38.56 -27.43 20.74
N LEU A 128 38.98 -26.55 19.82
CA LEU A 128 38.08 -26.01 18.82
C LEU A 128 37.66 -27.08 17.80
N GLN A 129 36.35 -27.15 17.54
CA GLN A 129 35.73 -28.10 16.61
C GLN A 129 35.07 -27.39 15.44
N LEU A 130 34.59 -26.15 15.60
CA LEU A 130 33.98 -25.38 14.52
C LEU A 130 34.66 -24.02 14.42
N LEU A 131 35.13 -23.65 13.22
CA LEU A 131 35.73 -22.35 12.95
C LEU A 131 35.04 -21.82 11.69
N SER A 132 34.53 -20.59 11.75
CA SER A 132 33.82 -19.97 10.63
C SER A 132 34.46 -18.63 10.32
N LEU A 133 34.89 -18.42 9.08
CA LEU A 133 35.55 -17.21 8.63
C LEU A 133 34.98 -16.74 7.29
N GLU A 134 33.68 -16.90 7.08
CA GLU A 134 33.03 -16.45 5.84
C GLU A 134 33.05 -14.91 5.75
N ALA A 135 32.94 -14.36 4.54
CA ALA A 135 32.89 -12.90 4.30
C ALA A 135 34.05 -12.11 4.94
N ASN A 136 35.25 -12.68 4.90
CA ASN A 136 36.50 -12.03 5.34
C ASN A 136 37.36 -11.82 4.06
N ASN A 137 38.64 -11.44 4.18
CA ASN A 137 39.52 -11.25 3.02
C ASN A 137 40.68 -12.24 3.10
N ILE A 138 40.36 -13.54 3.33
CA ILE A 138 41.33 -14.62 3.43
C ILE A 138 41.20 -15.43 2.14
N PHE A 139 42.11 -15.22 1.17
CA PHE A 139 42.07 -15.89 -0.14
C PHE A 139 43.37 -16.62 -0.49
N SER A 140 44.10 -17.08 0.53
CA SER A 140 45.33 -17.87 0.36
C SER A 140 45.49 -18.76 1.60
N ILE A 141 45.23 -20.06 1.43
CA ILE A 141 45.29 -21.06 2.49
C ILE A 141 46.63 -21.79 2.45
N ARG A 142 47.43 -21.66 3.52
CA ARG A 142 48.73 -22.31 3.64
C ARG A 142 48.63 -23.42 4.69
N LYS A 143 49.38 -24.51 4.48
CA LYS A 143 49.39 -25.67 5.38
C LYS A 143 49.79 -25.29 6.81
N GLU A 144 50.78 -24.38 6.95
CA GLU A 144 51.29 -23.93 8.25
C GLU A 144 50.22 -23.23 9.08
N GLN A 145 49.36 -22.39 8.44
CA GLN A 145 48.30 -21.67 9.16
C GLN A 145 47.23 -22.60 9.75
N LEU A 146 47.08 -23.81 9.17
CA LEU A 146 46.10 -24.81 9.60
C LEU A 146 46.64 -25.82 10.62
N THR A 147 47.94 -25.77 10.97
CA THR A 147 48.51 -26.73 11.93
C THR A 147 47.82 -26.62 13.31
N GLU A 148 47.44 -25.40 13.73
CA GLU A 148 46.70 -25.20 15.00
C GLU A 148 45.32 -25.86 15.02
N LEU A 149 44.72 -26.07 13.84
CA LEU A 149 43.37 -26.63 13.71
C LEU A 149 43.33 -28.16 13.68
N ALA A 150 44.32 -28.84 14.30
CA ALA A 150 44.41 -30.31 14.32
C ALA A 150 43.10 -31.06 14.63
N ASN A 151 42.32 -30.61 15.63
CA ASN A 151 41.07 -31.29 16.04
C ASN A 151 39.81 -30.68 15.43
N ILE A 152 39.93 -29.84 14.38
CA ILE A 152 38.75 -29.18 13.80
C ILE A 152 37.86 -30.19 13.07
N GLU A 153 36.53 -29.97 13.11
CA GLU A 153 35.52 -30.83 12.49
C GLU A 153 34.72 -30.09 11.43
N ILE A 154 34.46 -28.79 11.63
CA ILE A 154 33.67 -27.99 10.70
C ILE A 154 34.43 -26.71 10.41
N LEU A 155 34.62 -26.39 9.12
CA LEU A 155 35.42 -25.26 8.69
C LEU A 155 34.74 -24.51 7.54
N TYR A 156 34.26 -23.29 7.78
CA TYR A 156 33.63 -22.46 6.75
C TYR A 156 34.60 -21.36 6.35
N LEU A 157 35.01 -21.34 5.08
CA LEU A 157 35.94 -20.33 4.54
C LEU A 157 35.37 -19.63 3.28
N GLY A 158 34.08 -19.82 2.97
CA GLY A 158 33.47 -19.26 1.77
C GLY A 158 33.16 -17.78 1.83
N GLN A 159 32.79 -17.21 0.69
CA GLN A 159 32.43 -15.79 0.54
C GLN A 159 33.62 -14.83 0.79
N ASN A 160 34.86 -15.34 0.64
CA ASN A 160 36.07 -14.53 0.82
C ASN A 160 36.60 -13.94 -0.51
N CYS A 161 35.99 -14.30 -1.66
CA CYS A 161 36.40 -13.74 -2.95
C CYS A 161 35.33 -13.91 -4.02
N TYR A 162 34.27 -13.09 -3.98
CA TYR A 162 33.22 -13.14 -4.97
C TYR A 162 32.75 -11.70 -5.35
N TYR A 163 31.69 -11.52 -6.17
CA TYR A 163 31.30 -10.19 -6.62
C TYR A 163 30.95 -9.19 -5.48
N ARG A 164 30.31 -9.65 -4.38
CA ARG A 164 29.98 -8.77 -3.24
C ARG A 164 31.19 -8.58 -2.27
N ASN A 165 32.32 -9.24 -2.52
CA ASN A 165 33.50 -9.15 -1.66
C ASN A 165 34.73 -9.61 -2.45
N PRO A 166 35.16 -8.83 -3.46
CA PRO A 166 36.27 -9.29 -4.31
C PRO A 166 37.66 -9.27 -3.71
N CYS A 167 38.49 -10.20 -4.17
CA CYS A 167 39.89 -10.29 -3.80
C CYS A 167 40.82 -10.01 -5.01
N TYR A 168 40.26 -9.91 -6.26
CA TYR A 168 40.96 -9.54 -7.48
C TYR A 168 42.02 -10.55 -7.96
N VAL A 169 42.14 -11.71 -7.30
CA VAL A 169 43.08 -12.77 -7.69
C VAL A 169 42.38 -14.13 -7.51
N SER A 170 42.93 -15.21 -8.11
CA SER A 170 42.38 -16.55 -7.91
C SER A 170 42.67 -16.99 -6.47
N TYR A 171 41.81 -17.83 -5.91
CA TYR A 171 41.99 -18.34 -4.56
C TYR A 171 43.13 -19.35 -4.61
N SER A 172 44.06 -19.29 -3.64
CA SER A 172 45.20 -20.21 -3.60
C SER A 172 45.06 -21.13 -2.42
N ILE A 173 45.30 -22.42 -2.62
CA ILE A 173 45.30 -23.41 -1.55
C ILE A 173 46.57 -24.22 -1.75
N GLU A 174 47.39 -24.34 -0.70
CA GLU A 174 48.63 -25.11 -0.77
C GLU A 174 48.30 -26.61 -0.91
N LYS A 175 49.22 -27.40 -1.49
CA LYS A 175 48.98 -28.83 -1.67
C LYS A 175 48.92 -29.52 -0.30
N ASP A 176 47.94 -30.42 -0.09
CA ASP A 176 47.74 -31.14 1.17
C ASP A 176 47.57 -30.19 2.37
N ALA A 177 46.95 -29.01 2.17
CA ALA A 177 46.75 -28.05 3.25
C ALA A 177 45.83 -28.62 4.33
N PHE A 178 44.71 -29.27 3.94
CA PHE A 178 43.75 -29.86 4.88
C PHE A 178 44.03 -31.35 5.17
N LEU A 179 45.03 -31.97 4.55
CA LEU A 179 45.27 -33.40 4.71
C LEU A 179 45.49 -33.85 6.15
N ASN A 180 46.26 -33.09 6.96
CA ASN A 180 46.51 -33.49 8.35
C ASN A 180 45.39 -33.06 9.33
N LEU A 181 44.24 -32.57 8.82
CA LEU A 181 43.09 -32.26 9.67
C LEU A 181 42.31 -33.58 9.73
N THR A 182 42.85 -34.52 10.52
CA THR A 182 42.38 -35.90 10.63
C THR A 182 40.99 -36.10 11.25
N LYS A 183 40.29 -35.02 11.65
CA LYS A 183 38.93 -35.10 12.21
C LYS A 183 37.92 -34.24 11.40
N LEU A 184 38.36 -33.62 10.26
CA LEU A 184 37.56 -32.72 9.44
C LEU A 184 36.40 -33.41 8.72
N LYS A 185 35.17 -33.09 9.12
CA LYS A 185 33.95 -33.65 8.55
C LYS A 185 33.29 -32.70 7.54
N VAL A 186 33.30 -31.39 7.80
CA VAL A 186 32.68 -30.42 6.88
C VAL A 186 33.69 -29.39 6.44
N LEU A 187 33.79 -29.15 5.13
CA LEU A 187 34.66 -28.14 4.55
C LEU A 187 33.87 -27.39 3.51
N SER A 188 33.86 -26.04 3.61
CA SER A 188 33.13 -25.21 2.67
C SER A 188 34.04 -24.11 2.13
N LEU A 189 34.33 -24.17 0.82
CA LEU A 189 35.12 -23.18 0.09
C LEU A 189 34.25 -22.51 -1.00
N LYS A 190 32.94 -22.35 -0.74
CA LYS A 190 31.98 -21.74 -1.67
C LYS A 190 32.25 -20.26 -1.94
N ASP A 191 31.77 -19.71 -3.06
CA ASP A 191 31.89 -18.28 -3.39
C ASP A 191 33.32 -17.71 -3.13
N ASN A 192 34.37 -18.41 -3.61
CA ASN A 192 35.76 -18.04 -3.34
C ASN A 192 36.68 -17.85 -4.55
N ASN A 193 36.22 -18.04 -5.79
CA ASN A 193 37.08 -17.87 -6.96
C ASN A 193 38.22 -18.93 -6.95
N VAL A 194 37.86 -20.19 -6.63
CA VAL A 194 38.76 -21.34 -6.57
C VAL A 194 38.87 -21.92 -7.99
N THR A 195 40.07 -22.25 -8.46
CA THR A 195 40.24 -22.76 -9.83
C THR A 195 40.40 -24.30 -9.93
N THR A 196 40.80 -24.99 -8.85
CA THR A 196 40.92 -26.46 -8.87
C THR A 196 40.46 -27.05 -7.54
N VAL A 197 40.04 -28.33 -7.54
CA VAL A 197 39.61 -29.00 -6.30
C VAL A 197 40.85 -29.17 -5.44
N PRO A 198 40.91 -28.65 -4.20
CA PRO A 198 42.14 -28.81 -3.40
C PRO A 198 42.38 -30.28 -3.08
N THR A 199 43.61 -30.75 -3.25
CA THR A 199 43.97 -32.13 -2.95
C THR A 199 45.28 -32.15 -2.16
N VAL A 200 45.56 -33.19 -1.34
CA VAL A 200 44.65 -34.31 -1.02
C VAL A 200 43.81 -33.87 0.18
N LEU A 201 42.51 -34.18 0.16
CA LEU A 201 41.60 -33.83 1.26
C LEU A 201 41.55 -34.98 2.27
N PRO A 202 41.26 -34.70 3.56
CA PRO A 202 41.20 -35.80 4.55
C PRO A 202 40.01 -36.73 4.28
N SER A 203 40.25 -38.06 4.26
CA SER A 203 39.21 -39.07 3.96
C SER A 203 38.03 -39.07 4.94
N THR A 204 38.16 -38.39 6.08
CA THR A 204 37.10 -38.32 7.07
C THR A 204 36.01 -37.28 6.69
N LEU A 205 36.10 -36.60 5.51
CA LEU A 205 35.10 -35.62 5.08
C LEU A 205 33.75 -36.25 4.79
N THR A 206 32.67 -35.66 5.33
CA THR A 206 31.27 -36.04 5.11
C THR A 206 30.54 -35.02 4.23
N GLU A 207 30.96 -33.75 4.23
CA GLU A 207 30.31 -32.71 3.42
C GLU A 207 31.37 -31.82 2.80
N LEU A 208 31.31 -31.61 1.48
CA LEU A 208 32.27 -30.76 0.75
C LEU A 208 31.50 -29.81 -0.17
N TYR A 209 31.63 -28.49 0.06
CA TYR A 209 30.94 -27.45 -0.72
C TYR A 209 31.99 -26.65 -1.47
N LEU A 210 31.98 -26.74 -2.80
CA LEU A 210 32.89 -26.03 -3.69
C LEU A 210 32.10 -25.30 -4.78
N TYR A 211 30.91 -24.78 -4.45
CA TYR A 211 30.08 -24.12 -5.45
C TYR A 211 30.36 -22.63 -5.61
N ASN A 212 29.99 -22.08 -6.79
CA ASN A 212 30.18 -20.69 -7.15
C ASN A 212 31.66 -20.35 -7.13
N ASN A 213 32.44 -21.06 -7.96
CA ASN A 213 33.89 -20.91 -8.09
C ASN A 213 34.28 -20.91 -9.60
N MET A 214 35.59 -20.97 -9.93
CA MET A 214 36.09 -21.01 -11.30
C MET A 214 36.72 -22.37 -11.61
N ILE A 215 36.13 -23.45 -11.09
CA ILE A 215 36.63 -24.80 -11.35
C ILE A 215 36.06 -25.19 -12.72
N ALA A 216 36.92 -25.29 -13.73
CA ALA A 216 36.51 -25.66 -15.09
C ALA A 216 36.53 -27.16 -15.35
N GLU A 217 37.33 -27.92 -14.59
CA GLU A 217 37.49 -29.35 -14.82
C GLU A 217 37.83 -30.06 -13.52
N ILE A 218 37.30 -31.28 -13.36
CA ILE A 218 37.55 -32.15 -12.21
C ILE A 218 38.50 -33.25 -12.68
N GLN A 219 39.54 -33.55 -11.92
CA GLN A 219 40.47 -34.64 -12.25
C GLN A 219 39.86 -35.95 -11.75
N GLU A 220 40.13 -37.08 -12.42
CA GLU A 220 39.55 -38.37 -12.03
C GLU A 220 39.90 -38.81 -10.60
N ASP A 221 40.90 -38.20 -9.97
CA ASP A 221 41.35 -38.55 -8.63
C ASP A 221 41.15 -37.43 -7.58
N ASP A 222 40.34 -36.40 -7.89
CA ASP A 222 40.08 -35.32 -6.96
C ASP A 222 39.34 -35.79 -5.71
N PHE A 223 38.51 -36.84 -5.83
CA PHE A 223 37.75 -37.39 -4.69
C PHE A 223 38.01 -38.91 -4.56
N ASN A 224 39.25 -39.35 -4.82
CA ASN A 224 39.64 -40.77 -4.78
C ASN A 224 39.65 -41.37 -3.38
N ASN A 225 39.78 -40.55 -2.34
CA ASN A 225 39.85 -41.07 -0.97
C ASN A 225 38.69 -40.67 -0.08
N LEU A 226 37.72 -39.88 -0.58
CA LEU A 226 36.61 -39.42 0.24
C LEU A 226 35.50 -40.49 0.32
N ASN A 227 35.87 -41.66 0.84
CA ASN A 227 34.96 -42.80 0.99
C ASN A 227 33.84 -42.62 2.04
N GLN A 228 33.85 -41.50 2.81
CA GLN A 228 32.82 -41.19 3.80
C GLN A 228 31.97 -39.95 3.39
N LEU A 229 32.16 -39.41 2.16
CA LEU A 229 31.46 -38.22 1.72
C LEU A 229 29.97 -38.51 1.52
N GLN A 230 29.12 -37.65 2.08
CA GLN A 230 27.68 -37.74 2.05
C GLN A 230 27.10 -36.62 1.19
N ILE A 231 27.66 -35.41 1.28
CA ILE A 231 27.18 -34.28 0.51
C ILE A 231 28.31 -33.73 -0.33
N LEU A 232 28.08 -33.54 -1.64
CA LEU A 232 29.05 -32.94 -2.55
C LEU A 232 28.28 -31.90 -3.38
N ASP A 233 28.76 -30.66 -3.37
CA ASP A 233 28.14 -29.58 -4.12
C ASP A 233 29.19 -28.94 -5.01
N LEU A 234 29.05 -29.09 -6.34
CA LEU A 234 29.97 -28.49 -7.32
C LEU A 234 29.22 -27.48 -8.21
N SER A 235 28.10 -26.89 -7.72
CA SER A 235 27.26 -25.97 -8.48
C SER A 235 27.96 -24.67 -8.85
N GLY A 236 27.45 -23.97 -9.86
CA GLY A 236 28.00 -22.68 -10.26
C GLY A 236 29.46 -22.69 -10.67
N ASN A 237 29.92 -23.78 -11.28
CA ASN A 237 31.28 -23.90 -11.82
C ASN A 237 31.00 -24.13 -13.30
N CYS A 238 31.28 -23.12 -14.13
CA CYS A 238 30.83 -23.05 -15.54
C CYS A 238 29.33 -22.82 -15.49
N PRO A 239 28.89 -21.65 -14.97
CA PRO A 239 27.46 -21.43 -14.78
C PRO A 239 26.66 -21.14 -16.04
N ARG A 240 25.36 -21.42 -15.98
CA ARG A 240 24.41 -21.10 -17.03
C ARG A 240 23.98 -19.68 -16.64
N CYS A 241 24.37 -18.68 -17.43
CA CYS A 241 24.13 -17.27 -17.09
C CYS A 241 22.87 -16.63 -17.70
N TYR A 242 22.07 -17.36 -18.50
CA TYR A 242 20.88 -16.76 -19.10
C TYR A 242 19.88 -16.28 -18.02
N ASN A 243 19.67 -14.94 -17.94
CA ASN A 243 18.79 -14.27 -16.97
C ASN A 243 19.28 -14.40 -15.52
N ALA A 244 20.61 -14.43 -15.30
CA ALA A 244 21.16 -14.49 -13.96
C ALA A 244 20.98 -13.11 -13.33
N PRO A 245 20.36 -13.00 -12.13
CA PRO A 245 20.19 -11.68 -11.50
C PRO A 245 21.42 -11.24 -10.68
N PHE A 246 22.62 -11.78 -11.02
CA PHE A 246 23.89 -11.44 -10.39
C PHE A 246 25.01 -11.51 -11.46
N PRO A 247 26.17 -10.85 -11.28
CA PRO A 247 27.23 -10.94 -12.30
C PRO A 247 27.66 -12.40 -12.49
N CYS A 248 27.56 -12.89 -13.73
CA CYS A 248 27.76 -14.30 -14.06
C CYS A 248 28.68 -14.44 -15.29
N THR A 249 29.83 -15.12 -15.14
CA THR A 249 30.75 -15.34 -16.26
C THR A 249 30.78 -16.85 -16.57
N PRO A 250 30.28 -17.28 -17.74
CA PRO A 250 30.30 -18.71 -18.07
C PRO A 250 31.67 -19.17 -18.56
N CYS A 251 31.87 -20.49 -18.61
CA CYS A 251 33.14 -21.04 -19.12
C CYS A 251 33.22 -20.77 -20.64
N LYS A 252 34.44 -20.58 -21.17
CA LYS A 252 34.63 -20.27 -22.59
C LYS A 252 34.02 -21.33 -23.49
N ASN A 253 33.62 -20.91 -24.71
CA ASN A 253 33.02 -21.81 -25.71
C ASN A 253 31.71 -22.44 -25.22
N ASN A 254 31.05 -21.87 -24.17
CA ASN A 254 29.84 -22.44 -23.57
C ASN A 254 30.07 -23.89 -23.07
N SER A 255 31.33 -24.26 -22.75
CA SER A 255 31.64 -25.62 -22.32
C SER A 255 31.15 -25.89 -20.90
N PRO A 256 30.81 -27.15 -20.57
CA PRO A 256 30.36 -27.46 -19.20
C PRO A 256 31.51 -27.69 -18.21
N LEU A 257 31.16 -27.98 -16.93
CA LEU A 257 32.12 -28.41 -15.93
C LEU A 257 32.51 -29.83 -16.38
N GLN A 258 33.78 -30.04 -16.75
CA GLN A 258 34.20 -31.35 -17.24
C GLN A 258 34.42 -32.30 -16.08
N ILE A 259 33.62 -33.35 -15.97
CA ILE A 259 33.75 -34.34 -14.90
C ILE A 259 34.03 -35.71 -15.52
N PRO A 260 35.21 -36.32 -15.28
CA PRO A 260 35.46 -37.67 -15.83
C PRO A 260 34.40 -38.68 -15.42
N VAL A 261 34.12 -39.66 -16.29
CA VAL A 261 33.09 -40.66 -16.00
C VAL A 261 33.32 -41.44 -14.69
N ASN A 262 34.58 -41.54 -14.22
CA ASN A 262 34.93 -42.27 -12.99
C ASN A 262 35.26 -41.36 -11.80
N ALA A 263 34.89 -40.07 -11.84
CA ALA A 263 35.25 -39.13 -10.78
C ALA A 263 34.59 -39.37 -9.42
N PHE A 264 33.39 -39.97 -9.40
CA PHE A 264 32.66 -40.24 -8.16
C PHE A 264 32.74 -41.70 -7.70
N ASP A 265 33.69 -42.51 -8.22
CA ASP A 265 33.78 -43.93 -7.88
C ASP A 265 34.01 -44.25 -6.40
N ALA A 266 34.83 -43.45 -5.71
CA ALA A 266 35.12 -43.69 -4.29
C ALA A 266 34.01 -43.21 -3.35
N LEU A 267 32.99 -42.48 -3.86
CA LEU A 267 31.93 -41.88 -3.07
C LEU A 267 30.76 -42.84 -2.84
N THR A 268 31.06 -44.02 -2.27
CA THR A 268 30.04 -45.03 -2.01
C THR A 268 28.99 -44.61 -0.97
N GLU A 269 29.28 -43.57 -0.16
CA GLU A 269 28.35 -43.08 0.86
C GLU A 269 27.60 -41.80 0.43
N LEU A 270 27.77 -41.33 -0.83
CA LEU A 270 27.13 -40.09 -1.28
C LEU A 270 25.61 -40.18 -1.25
N LYS A 271 24.98 -39.23 -0.55
CA LYS A 271 23.52 -39.11 -0.41
C LYS A 271 23.02 -37.89 -1.18
N VAL A 272 23.79 -36.79 -1.21
CA VAL A 272 23.38 -35.58 -1.92
C VAL A 272 24.46 -35.20 -2.91
N LEU A 273 24.07 -34.97 -4.17
CA LEU A 273 24.98 -34.52 -5.23
C LEU A 273 24.29 -33.33 -5.87
N ARG A 274 24.93 -32.16 -5.87
CA ARG A 274 24.33 -30.97 -6.45
C ARG A 274 25.17 -30.46 -7.59
N LEU A 275 24.61 -30.53 -8.81
CA LEU A 275 25.25 -30.08 -10.04
C LEU A 275 24.37 -29.01 -10.70
N HIS A 276 24.02 -27.99 -9.90
CA HIS A 276 23.19 -26.89 -10.35
C HIS A 276 24.05 -25.87 -11.08
N SER A 277 23.60 -25.37 -12.23
CA SER A 277 24.31 -24.33 -12.96
C SER A 277 25.74 -24.72 -13.30
N ASN A 278 25.89 -25.86 -13.98
CA ASN A 278 27.18 -26.37 -14.47
C ASN A 278 27.22 -26.46 -16.01
N SER A 279 26.19 -25.89 -16.71
CA SER A 279 26.08 -25.87 -18.16
C SER A 279 26.22 -27.29 -18.77
N LEU A 280 25.80 -28.32 -18.03
CA LEU A 280 25.91 -29.71 -18.48
C LEU A 280 24.98 -29.95 -19.65
N GLN A 281 25.43 -30.68 -20.66
CA GLN A 281 24.61 -31.04 -21.82
C GLN A 281 24.26 -32.53 -21.79
N HIS A 282 25.09 -33.37 -21.13
CA HIS A 282 24.88 -34.81 -20.97
C HIS A 282 25.14 -35.23 -19.51
N VAL A 283 24.45 -36.27 -19.04
CA VAL A 283 24.66 -36.84 -17.70
C VAL A 283 25.04 -38.31 -17.94
N PRO A 284 26.35 -38.67 -17.97
CA PRO A 284 26.71 -40.05 -18.30
C PRO A 284 26.29 -41.04 -17.22
N PRO A 285 25.58 -42.14 -17.59
CA PRO A 285 25.19 -43.13 -16.57
C PRO A 285 26.35 -43.64 -15.72
N ARG A 286 27.53 -43.72 -16.32
CA ARG A 286 28.74 -44.21 -15.65
C ARG A 286 29.07 -43.44 -14.36
N TRP A 287 28.68 -42.15 -14.24
CA TRP A 287 28.93 -41.38 -13.00
C TRP A 287 28.39 -42.10 -11.74
N PHE A 288 27.17 -42.70 -11.85
CA PHE A 288 26.47 -43.34 -10.74
C PHE A 288 26.66 -44.86 -10.65
N LYS A 289 27.70 -45.42 -11.28
CA LYS A 289 27.96 -46.86 -11.24
C LYS A 289 28.15 -47.35 -9.79
N ASN A 290 29.02 -46.66 -9.01
CA ASN A 290 29.32 -47.02 -7.61
C ASN A 290 28.53 -46.20 -6.57
N ILE A 291 27.63 -45.31 -7.00
CA ILE A 291 26.83 -44.53 -6.06
C ILE A 291 25.44 -45.17 -6.06
N ASN A 292 25.19 -46.06 -5.12
CA ASN A 292 23.93 -46.77 -5.03
C ASN A 292 22.95 -46.08 -4.09
N ASN A 293 23.45 -45.45 -3.02
CA ASN A 293 22.61 -44.81 -2.00
C ASN A 293 22.32 -43.32 -2.25
N LEU A 294 22.42 -42.81 -3.49
CA LEU A 294 22.18 -41.39 -3.74
C LEU A 294 20.69 -41.11 -3.52
N GLN A 295 20.38 -40.09 -2.70
CA GLN A 295 19.02 -39.70 -2.34
C GLN A 295 18.58 -38.38 -2.99
N GLU A 296 19.45 -37.37 -3.06
CA GLU A 296 19.10 -36.06 -3.64
C GLU A 296 20.02 -35.72 -4.82
N LEU A 297 19.45 -35.31 -5.96
CA LEU A 297 20.22 -34.94 -7.14
C LEU A 297 19.65 -33.66 -7.75
N ASP A 298 20.44 -32.57 -7.72
CA ASP A 298 20.03 -31.29 -8.28
C ASP A 298 20.76 -31.11 -9.60
N LEU A 299 20.04 -31.09 -10.73
CA LEU A 299 20.59 -30.85 -12.07
C LEU A 299 19.88 -29.64 -12.73
N SER A 300 19.46 -28.65 -11.92
CA SER A 300 18.79 -27.45 -12.43
C SER A 300 19.79 -26.44 -13.01
N GLN A 301 19.34 -25.59 -13.95
CA GLN A 301 20.18 -24.60 -14.61
C GLN A 301 21.33 -25.22 -15.40
N ASN A 302 21.01 -26.18 -16.24
CA ASN A 302 21.98 -26.80 -17.14
C ASN A 302 21.32 -26.75 -18.54
N PHE A 303 21.85 -27.47 -19.53
CA PHE A 303 21.29 -27.53 -20.87
C PHE A 303 20.91 -28.97 -21.15
N LEU A 304 20.15 -29.56 -20.24
CA LEU A 304 19.75 -30.96 -20.30
C LEU A 304 18.34 -31.15 -20.86
N ALA A 305 17.84 -30.24 -21.73
CA ALA A 305 16.51 -30.41 -22.32
C ALA A 305 16.42 -31.69 -23.16
N LYS A 306 17.41 -31.95 -24.03
CA LYS A 306 17.41 -33.17 -24.86
C LYS A 306 17.68 -34.41 -23.98
N GLU A 307 18.58 -34.28 -22.99
CA GLU A 307 18.88 -35.39 -22.09
C GLU A 307 17.63 -35.86 -21.32
N ILE A 308 16.69 -34.97 -20.95
CA ILE A 308 15.47 -35.39 -20.26
C ILE A 308 14.67 -36.44 -21.07
N GLY A 309 14.80 -36.42 -22.39
CA GLY A 309 14.12 -37.37 -23.26
C GLY A 309 14.80 -38.73 -23.37
N ASP A 310 16.08 -38.83 -22.98
CA ASP A 310 16.86 -40.07 -23.02
C ASP A 310 17.11 -40.56 -21.57
N ALA A 311 17.85 -39.76 -20.78
CA ALA A 311 18.12 -39.95 -19.36
C ALA A 311 18.42 -41.40 -18.90
N LYS A 312 19.32 -42.10 -19.60
CA LYS A 312 19.67 -43.48 -19.24
C LYS A 312 20.28 -43.58 -17.84
N PHE A 313 20.89 -42.51 -17.32
CA PHE A 313 21.48 -42.53 -15.96
C PHE A 313 20.47 -42.81 -14.85
N LEU A 314 19.16 -42.57 -15.08
CA LEU A 314 18.13 -42.81 -14.06
C LEU A 314 18.00 -44.29 -13.69
N HIS A 315 18.44 -45.21 -14.57
CA HIS A 315 18.42 -46.65 -14.28
C HIS A 315 19.39 -47.01 -13.14
N PHE A 316 20.41 -46.16 -12.85
CA PHE A 316 21.37 -46.39 -11.76
C PHE A 316 20.99 -45.64 -10.47
N LEU A 317 19.73 -45.15 -10.35
CA LEU A 317 19.30 -44.35 -9.18
C LEU A 317 17.96 -44.86 -8.58
N PRO A 318 17.89 -46.14 -8.15
CA PRO A 318 16.63 -46.64 -7.57
C PRO A 318 16.31 -46.16 -6.15
N ASN A 319 17.29 -45.57 -5.42
CA ASN A 319 17.07 -45.07 -4.06
C ASN A 319 16.94 -43.55 -4.00
N LEU A 320 16.77 -42.87 -5.16
CA LEU A 320 16.67 -41.41 -5.24
C LEU A 320 15.31 -40.96 -4.76
N ILE A 321 15.28 -40.03 -3.80
CA ILE A 321 14.08 -39.46 -3.21
C ILE A 321 13.71 -38.14 -3.92
N GLN A 322 14.72 -37.29 -4.19
CA GLN A 322 14.52 -35.96 -4.75
C GLN A 322 15.30 -35.76 -6.04
N LEU A 323 14.62 -35.34 -7.14
CA LEU A 323 15.23 -35.08 -8.45
C LEU A 323 14.80 -33.72 -8.94
N ASP A 324 15.75 -32.82 -9.21
CA ASP A 324 15.45 -31.50 -9.73
C ASP A 324 16.07 -31.33 -11.11
N LEU A 325 15.24 -31.10 -12.13
CA LEU A 325 15.68 -30.87 -13.51
C LEU A 325 15.11 -29.53 -14.03
N SER A 326 14.93 -28.54 -13.13
CA SER A 326 14.37 -27.23 -13.48
C SER A 326 15.32 -26.35 -14.28
N PHE A 327 14.75 -25.43 -15.06
CA PHE A 327 15.44 -24.47 -15.90
C PHE A 327 16.55 -25.09 -16.73
N ASN A 328 16.15 -26.00 -17.60
CA ASN A 328 17.02 -26.68 -18.57
C ASN A 328 16.58 -26.38 -20.03
N PHE A 329 15.61 -25.44 -20.24
CA PHE A 329 15.11 -25.10 -21.56
C PHE A 329 16.20 -24.71 -22.54
N GLU A 330 15.95 -24.96 -23.84
CA GLU A 330 16.88 -24.55 -24.89
C GLU A 330 16.50 -23.08 -25.10
N LEU A 331 17.46 -22.17 -24.90
CA LEU A 331 17.25 -20.71 -24.89
C LEU A 331 16.23 -20.14 -25.90
N GLN A 332 16.21 -20.61 -27.13
CA GLN A 332 15.32 -20.06 -28.18
C GLN A 332 14.23 -21.02 -28.66
N VAL A 333 13.86 -22.03 -27.87
CA VAL A 333 12.87 -23.01 -28.32
C VAL A 333 11.70 -23.13 -27.35
N TYR A 334 10.48 -22.96 -27.87
CA TYR A 334 9.24 -23.15 -27.13
C TYR A 334 8.70 -24.50 -27.61
N ARG A 335 9.06 -25.60 -26.93
CA ARG A 335 8.66 -26.94 -27.33
C ARG A 335 7.15 -27.11 -27.39
N ALA A 336 6.69 -28.01 -28.25
CA ALA A 336 5.25 -28.30 -28.38
C ALA A 336 4.75 -29.14 -27.20
N SER A 337 5.61 -29.99 -26.62
CA SER A 337 5.24 -30.92 -25.56
C SER A 337 6.45 -31.35 -24.72
N MET A 338 6.21 -31.95 -23.54
CA MET A 338 7.29 -32.42 -22.69
C MET A 338 7.66 -33.88 -22.98
N ASN A 339 8.93 -34.14 -23.29
CA ASN A 339 9.43 -35.48 -23.58
C ASN A 339 10.15 -36.06 -22.35
N LEU A 340 9.41 -36.79 -21.48
CA LEU A 340 9.99 -37.46 -20.31
C LEU A 340 10.36 -38.87 -20.73
N SER A 341 11.63 -39.25 -20.58
CA SER A 341 12.09 -40.59 -20.93
C SER A 341 11.36 -41.68 -20.13
N GLN A 342 11.20 -42.89 -20.72
CA GLN A 342 10.62 -44.00 -19.96
C GLN A 342 11.53 -44.40 -18.78
N ALA A 343 12.82 -43.97 -18.75
CA ALA A 343 13.75 -44.26 -17.66
C ALA A 343 13.27 -43.68 -16.33
N PHE A 344 12.44 -42.61 -16.34
CA PHE A 344 11.86 -42.04 -15.12
C PHE A 344 11.04 -43.11 -14.35
N SER A 345 10.51 -44.15 -15.05
CA SER A 345 9.77 -45.22 -14.40
C SER A 345 10.64 -46.10 -13.49
N SER A 346 11.98 -46.09 -13.68
CA SER A 346 12.89 -46.87 -12.86
C SER A 346 13.27 -46.14 -11.54
N LEU A 347 12.69 -44.95 -11.25
CA LEU A 347 12.97 -44.21 -10.02
C LEU A 347 11.98 -44.64 -8.92
N LYS A 348 12.03 -45.92 -8.53
CA LYS A 348 11.15 -46.54 -7.54
C LYS A 348 10.96 -45.75 -6.23
N SER A 349 12.01 -45.14 -5.69
CA SER A 349 11.92 -44.42 -4.41
C SER A 349 11.60 -42.92 -4.53
N LEU A 350 11.34 -42.38 -5.73
CA LEU A 350 11.14 -40.95 -5.89
C LEU A 350 9.90 -40.40 -5.21
N LYS A 351 10.08 -39.31 -4.45
CA LYS A 351 9.03 -38.59 -3.72
C LYS A 351 8.81 -37.20 -4.34
N ILE A 352 9.89 -36.50 -4.71
CA ILE A 352 9.80 -35.15 -5.25
C ILE A 352 10.47 -35.09 -6.62
N LEU A 353 9.73 -34.58 -7.63
CA LEU A 353 10.24 -34.38 -8.98
C LEU A 353 9.89 -32.96 -9.36
N ARG A 354 10.89 -32.13 -9.65
CA ARG A 354 10.66 -30.75 -10.05
C ARG A 354 11.22 -30.54 -11.45
N ILE A 355 10.41 -30.04 -12.38
CA ILE A 355 10.83 -29.75 -13.74
C ILE A 355 10.21 -28.42 -14.16
N ARG A 356 10.58 -27.35 -13.45
CA ARG A 356 10.16 -26.01 -13.87
C ARG A 356 11.05 -25.60 -15.07
N GLY A 357 10.74 -24.50 -15.73
CA GLY A 357 11.56 -24.00 -16.83
C GLY A 357 11.98 -25.00 -17.90
N TYR A 358 11.15 -26.00 -18.17
CA TYR A 358 11.37 -26.92 -19.29
C TYR A 358 10.90 -26.13 -20.54
N VAL A 359 9.71 -25.45 -20.43
CA VAL A 359 9.11 -24.55 -21.42
C VAL A 359 8.50 -25.33 -22.59
N PHE A 360 7.17 -25.55 -22.54
CA PHE A 360 6.44 -26.30 -23.55
C PHE A 360 4.97 -25.86 -23.59
N LYS A 361 4.33 -25.95 -24.77
CA LYS A 361 2.97 -25.46 -25.01
C LYS A 361 1.86 -26.34 -24.43
N GLU A 362 1.87 -27.67 -24.72
CA GLU A 362 0.81 -28.61 -24.33
C GLU A 362 1.28 -29.71 -23.39
N LEU A 363 0.54 -29.95 -22.31
CA LEU A 363 0.79 -31.08 -21.43
C LEU A 363 -0.32 -32.09 -21.72
N LYS A 364 0.04 -33.30 -22.17
CA LYS A 364 -0.88 -34.39 -22.49
C LYS A 364 -0.69 -35.52 -21.47
N SER A 365 -1.78 -36.20 -21.11
CA SER A 365 -1.79 -37.25 -20.08
C SER A 365 -0.73 -38.35 -20.24
N PHE A 366 -0.49 -38.79 -21.48
CA PHE A 366 0.48 -39.84 -21.74
C PHE A 366 1.93 -39.36 -21.53
N GLN A 367 2.20 -38.04 -21.58
CA GLN A 367 3.56 -37.54 -21.37
C GLN A 367 4.05 -37.79 -19.93
N LEU A 368 3.12 -37.94 -18.96
CA LEU A 368 3.48 -38.24 -17.57
C LEU A 368 3.36 -39.74 -17.27
N SER A 369 3.23 -40.63 -18.30
CA SER A 369 3.08 -42.08 -18.08
C SER A 369 4.32 -42.74 -17.47
N PRO A 370 5.59 -42.29 -17.71
CA PRO A 370 6.71 -42.88 -16.96
C PRO A 370 6.55 -42.71 -15.43
N LEU A 371 5.78 -41.68 -14.98
CA LEU A 371 5.54 -41.41 -13.55
C LEU A 371 4.35 -42.18 -12.95
N HIS A 372 3.50 -42.86 -13.76
CA HIS A 372 2.30 -43.55 -13.26
C HIS A 372 2.54 -44.61 -12.17
N ASN A 373 3.58 -45.43 -12.31
CA ASN A 373 3.84 -46.50 -11.34
C ASN A 373 5.03 -46.17 -10.41
N LEU A 374 5.10 -44.93 -9.91
CA LEU A 374 6.10 -44.49 -8.94
C LEU A 374 5.29 -44.31 -7.66
N GLN A 375 5.11 -45.41 -6.91
CA GLN A 375 4.22 -45.46 -5.75
C GLN A 375 4.50 -44.43 -4.65
N ASN A 376 5.74 -43.94 -4.49
CA ASN A 376 6.04 -42.98 -3.42
C ASN A 376 6.03 -41.52 -3.91
N LEU A 377 5.59 -41.23 -5.15
CA LEU A 377 5.59 -39.85 -5.65
C LEU A 377 4.61 -38.99 -4.82
N GLU A 378 5.11 -37.86 -4.30
CA GLU A 378 4.37 -36.93 -3.46
C GLU A 378 4.26 -35.55 -4.10
N VAL A 379 5.32 -35.08 -4.77
CA VAL A 379 5.29 -33.76 -5.39
C VAL A 379 5.68 -33.85 -6.86
N LEU A 380 4.87 -33.25 -7.74
CA LEU A 380 5.16 -33.13 -9.16
C LEU A 380 5.05 -31.63 -9.39
N ASP A 381 6.17 -30.97 -9.70
CA ASP A 381 6.19 -29.54 -9.87
C ASP A 381 6.58 -29.15 -11.29
N LEU A 382 5.62 -28.64 -12.07
CA LEU A 382 5.80 -28.20 -13.46
C LEU A 382 5.48 -26.72 -13.59
N GLY A 383 5.93 -25.93 -12.63
CA GLY A 383 5.72 -24.49 -12.66
C GLY A 383 6.59 -23.78 -13.68
N THR A 384 6.30 -22.50 -13.95
CA THR A 384 7.10 -21.66 -14.87
C THR A 384 7.47 -22.36 -16.19
N ASN A 385 6.47 -22.92 -16.90
CA ASN A 385 6.71 -23.62 -18.17
C ASN A 385 5.95 -23.00 -19.36
N PHE A 386 5.11 -21.97 -19.14
CA PHE A 386 4.32 -21.37 -20.22
C PHE A 386 3.43 -22.39 -20.89
N ILE A 387 2.84 -23.30 -20.09
CA ILE A 387 1.94 -24.33 -20.61
C ILE A 387 0.62 -23.62 -20.90
N LYS A 388 0.12 -23.68 -22.15
CA LYS A 388 -1.15 -23.06 -22.55
C LYS A 388 -2.30 -24.06 -22.49
N ILE A 389 -2.04 -25.35 -22.76
CA ILE A 389 -3.09 -26.37 -22.81
C ILE A 389 -2.77 -27.53 -21.88
N ALA A 390 -3.71 -27.90 -21.02
CA ALA A 390 -3.54 -29.03 -20.10
C ALA A 390 -4.91 -29.46 -19.56
N ASN A 391 -5.34 -30.70 -19.90
CA ASN A 391 -6.61 -31.20 -19.39
C ASN A 391 -6.38 -31.56 -17.93
N LEU A 392 -6.93 -30.77 -17.00
CA LEU A 392 -6.74 -30.98 -15.57
C LEU A 392 -7.17 -32.38 -15.12
N SER A 393 -8.10 -33.03 -15.83
CA SER A 393 -8.55 -34.38 -15.47
C SER A 393 -7.44 -35.44 -15.59
N MET A 394 -6.34 -35.18 -16.33
CA MET A 394 -5.23 -36.14 -16.43
C MET A 394 -4.66 -36.48 -15.05
N PHE A 395 -4.79 -35.55 -14.07
CA PHE A 395 -4.28 -35.77 -12.73
C PHE A 395 -5.12 -36.74 -11.90
N LYS A 396 -6.15 -37.39 -12.49
CA LYS A 396 -6.90 -38.44 -11.80
C LYS A 396 -5.97 -39.66 -11.52
N GLN A 397 -4.94 -39.88 -12.36
CA GLN A 397 -3.97 -40.95 -12.15
C GLN A 397 -2.87 -40.57 -11.12
N PHE A 398 -2.98 -39.40 -10.46
CA PHE A 398 -2.02 -38.94 -9.46
C PHE A 398 -2.76 -38.51 -8.19
N LYS A 399 -3.71 -39.35 -7.72
CA LYS A 399 -4.46 -39.12 -6.47
C LYS A 399 -3.54 -39.26 -5.25
N ARG A 400 -2.50 -40.11 -5.34
CA ARG A 400 -1.56 -40.34 -4.26
C ARG A 400 -0.68 -39.11 -3.94
N LEU A 401 -0.47 -38.23 -4.94
CA LEU A 401 0.39 -37.05 -4.73
C LEU A 401 -0.21 -36.07 -3.73
N LYS A 402 0.66 -35.37 -3.00
CA LYS A 402 0.30 -34.36 -2.02
C LYS A 402 0.19 -32.99 -2.69
N VAL A 403 1.11 -32.65 -3.62
CA VAL A 403 1.10 -31.36 -4.31
C VAL A 403 1.35 -31.56 -5.80
N ILE A 404 0.54 -30.92 -6.65
CA ILE A 404 0.69 -30.91 -8.10
C ILE A 404 0.80 -29.44 -8.43
N ASP A 405 2.02 -28.94 -8.64
CA ASP A 405 2.25 -27.53 -8.84
C ASP A 405 2.34 -27.15 -10.31
N LEU A 406 1.36 -26.40 -10.81
CA LEU A 406 1.36 -25.84 -12.16
C LEU A 406 1.31 -24.30 -12.07
N SER A 407 1.93 -23.72 -11.02
CA SER A 407 1.95 -22.29 -10.82
C SER A 407 2.75 -21.58 -11.91
N VAL A 408 2.41 -20.32 -12.21
CA VAL A 408 3.10 -19.50 -13.21
C VAL A 408 3.07 -20.19 -14.57
N ASN A 409 1.94 -20.13 -15.26
CA ASN A 409 1.77 -20.77 -16.56
C ASN A 409 0.69 -20.01 -17.36
N LYS A 410 0.36 -20.46 -18.59
CA LYS A 410 -0.64 -19.78 -19.40
C LYS A 410 -1.84 -20.68 -19.71
N ILE A 411 -2.19 -21.59 -18.77
CA ILE A 411 -3.35 -22.48 -18.95
C ILE A 411 -4.62 -21.63 -19.01
N SER A 412 -5.53 -22.00 -19.90
CA SER A 412 -6.78 -21.28 -20.13
C SER A 412 -7.82 -22.20 -20.78
N PRO A 413 -9.13 -21.92 -20.66
CA PRO A 413 -10.13 -22.84 -21.26
C PRO A 413 -10.04 -22.99 -22.78
N LEU A 441 12.59 -16.24 -5.02
CA LEU A 441 13.91 -16.46 -5.63
C LEU A 441 14.53 -17.75 -5.06
N TYR A 442 14.75 -18.76 -5.92
CA TYR A 442 15.27 -20.06 -5.54
C TYR A 442 16.26 -20.59 -6.59
N TYR A 443 15.79 -20.83 -7.82
CA TYR A 443 16.67 -21.31 -8.90
C TYR A 443 17.57 -20.24 -9.48
N PHE A 444 17.24 -18.95 -9.27
CA PHE A 444 18.00 -17.87 -9.86
C PHE A 444 18.85 -17.10 -8.86
N ARG A 445 18.74 -17.34 -7.53
CA ARG A 445 19.62 -16.64 -6.61
C ARG A 445 21.03 -17.24 -6.63
N TYR A 446 22.03 -16.41 -6.33
CA TYR A 446 23.44 -16.80 -6.38
C TYR A 446 23.76 -17.93 -5.39
N ASP A 447 23.40 -17.76 -4.12
CA ASP A 447 23.69 -18.73 -3.08
C ASP A 447 22.45 -18.83 -2.18
N LYS A 448 21.61 -19.86 -2.41
CA LYS A 448 20.40 -20.03 -1.61
C LYS A 448 20.69 -20.42 -0.14
N TYR A 449 21.96 -20.73 0.22
CA TYR A 449 22.34 -21.04 1.60
C TYR A 449 23.26 -19.94 2.17
N ALA A 450 23.12 -18.67 1.70
CA ALA A 450 23.96 -17.58 2.19
C ALA A 450 23.53 -17.20 3.59
N ARG A 451 24.48 -17.19 4.52
CA ARG A 451 24.25 -16.86 5.92
C ARG A 451 24.10 -15.35 6.10
N SER A 452 23.20 -14.93 6.99
CA SER A 452 22.99 -13.51 7.33
C SER A 452 23.43 -13.27 8.79
N CYS A 453 23.72 -12.00 9.12
CA CYS A 453 24.15 -11.61 10.46
C CYS A 453 22.94 -11.66 11.41
N SER A 468 -0.51 -21.53 3.72
CA SER A 468 -0.42 -22.75 2.91
C SER A 468 -1.52 -23.75 3.25
N CYS A 469 -1.96 -24.54 2.25
CA CYS A 469 -3.06 -25.49 2.38
C CYS A 469 -2.65 -26.96 2.21
N TYR A 470 -1.33 -27.25 2.11
CA TYR A 470 -0.85 -28.62 1.91
C TYR A 470 -1.32 -29.56 3.02
N LYS A 471 -1.44 -29.04 4.27
CA LYS A 471 -1.91 -29.81 5.43
C LYS A 471 -3.30 -30.43 5.22
N TYR A 472 -4.16 -29.82 4.38
CA TYR A 472 -5.51 -30.32 4.10
C TYR A 472 -5.52 -31.58 3.25
N GLY A 473 -4.51 -31.79 2.42
CA GLY A 473 -4.38 -32.97 1.59
C GLY A 473 -4.00 -32.65 0.15
N GLN A 474 -4.46 -33.47 -0.81
CA GLN A 474 -4.17 -33.31 -2.24
C GLN A 474 -4.41 -31.88 -2.73
N THR A 475 -3.33 -31.20 -3.11
CA THR A 475 -3.35 -29.83 -3.56
C THR A 475 -3.05 -29.75 -5.04
N LEU A 476 -3.85 -28.98 -5.79
CA LEU A 476 -3.61 -28.69 -7.18
C LEU A 476 -3.43 -27.18 -7.25
N ASP A 477 -2.21 -26.72 -7.53
CA ASP A 477 -1.92 -25.30 -7.60
C ASP A 477 -1.94 -24.79 -9.04
N LEU A 478 -3.00 -24.06 -9.40
CA LEU A 478 -3.12 -23.41 -10.70
C LEU A 478 -2.93 -21.88 -10.55
N SER A 479 -2.21 -21.43 -9.50
CA SER A 479 -2.03 -20.00 -9.27
C SER A 479 -1.16 -19.33 -10.34
N LYS A 480 -1.36 -18.02 -10.53
CA LYS A 480 -0.63 -17.21 -11.52
C LYS A 480 -0.70 -17.79 -12.94
N ASN A 481 -1.92 -18.11 -13.35
CA ASN A 481 -2.23 -18.67 -14.67
C ASN A 481 -3.23 -17.75 -15.41
N SER A 482 -3.59 -18.05 -16.67
CA SER A 482 -4.49 -17.22 -17.47
C SER A 482 -5.92 -17.79 -17.56
N ILE A 483 -6.40 -18.50 -16.52
CA ILE A 483 -7.74 -19.05 -16.52
C ILE A 483 -8.69 -17.86 -16.34
N PHE A 484 -9.55 -17.57 -17.33
CA PHE A 484 -10.49 -16.45 -17.25
C PHE A 484 -11.93 -16.91 -17.00
N PHE A 485 -12.26 -18.17 -17.31
CA PHE A 485 -13.59 -18.71 -17.12
C PHE A 485 -13.50 -20.15 -16.62
N ILE A 486 -14.35 -20.52 -15.65
CA ILE A 486 -14.38 -21.87 -15.10
C ILE A 486 -15.77 -22.49 -15.23
N LYS A 487 -15.79 -23.80 -15.43
CA LYS A 487 -17.00 -24.60 -15.54
C LYS A 487 -16.75 -25.98 -14.91
N SER A 488 -17.80 -26.65 -14.44
CA SER A 488 -17.68 -27.94 -13.77
C SER A 488 -16.84 -28.97 -14.55
N SER A 489 -17.01 -29.07 -15.88
CA SER A 489 -16.25 -30.02 -16.69
C SER A 489 -14.72 -29.87 -16.53
N ASP A 490 -14.24 -28.65 -16.22
CA ASP A 490 -12.80 -28.40 -16.02
C ASP A 490 -12.20 -29.18 -14.85
N PHE A 491 -13.03 -29.57 -13.88
CA PHE A 491 -12.61 -30.30 -12.69
C PHE A 491 -13.18 -31.73 -12.64
N GLN A 492 -13.53 -32.29 -13.80
CA GLN A 492 -14.10 -33.64 -13.84
C GLN A 492 -13.00 -34.64 -13.48
N HIS A 493 -13.35 -35.70 -12.71
CA HIS A 493 -12.41 -36.73 -12.27
C HIS A 493 -11.41 -36.26 -11.19
N LEU A 494 -11.55 -35.02 -10.66
CA LEU A 494 -10.67 -34.51 -9.59
C LEU A 494 -11.43 -34.35 -8.28
N SER A 495 -12.44 -35.19 -8.02
CA SER A 495 -13.23 -35.12 -6.78
C SER A 495 -12.40 -35.31 -5.51
N PHE A 496 -11.24 -35.96 -5.62
CA PHE A 496 -10.36 -36.20 -4.48
C PHE A 496 -9.64 -34.95 -3.95
N LEU A 497 -9.58 -33.84 -4.71
CA LEU A 497 -8.83 -32.67 -4.27
C LEU A 497 -9.31 -32.12 -2.95
N LYS A 498 -8.36 -31.81 -2.05
CA LYS A 498 -8.62 -31.21 -0.75
C LYS A 498 -8.28 -29.71 -0.79
N CYS A 499 -7.33 -29.28 -1.64
CA CYS A 499 -7.04 -27.86 -1.80
C CYS A 499 -6.88 -27.55 -3.27
N LEU A 500 -7.43 -26.41 -3.71
CA LEU A 500 -7.30 -25.94 -5.09
C LEU A 500 -6.92 -24.47 -4.97
N ASN A 501 -5.74 -24.10 -5.49
CA ASN A 501 -5.30 -22.72 -5.44
C ASN A 501 -5.42 -22.08 -6.82
N LEU A 502 -6.50 -21.30 -7.05
CA LEU A 502 -6.72 -20.55 -8.28
C LEU A 502 -6.29 -19.08 -8.08
N SER A 503 -5.39 -18.77 -7.12
CA SER A 503 -4.98 -17.40 -6.85
C SER A 503 -4.27 -16.77 -8.03
N GLY A 504 -4.56 -15.51 -8.31
CA GLY A 504 -3.88 -14.79 -9.39
C GLY A 504 -4.21 -15.22 -10.79
N ASN A 505 -5.47 -15.58 -11.05
CA ASN A 505 -5.92 -15.92 -12.40
C ASN A 505 -6.75 -14.71 -12.95
N LEU A 506 -7.43 -14.83 -14.10
CA LEU A 506 -8.19 -13.73 -14.70
C LEU A 506 -9.70 -13.99 -14.57
N ILE A 507 -10.14 -14.62 -13.46
CA ILE A 507 -11.53 -15.03 -13.32
C ILE A 507 -12.48 -13.86 -13.01
N SER A 508 -13.10 -13.30 -14.06
N SER A 508 -13.11 -13.29 -14.05
CA SER A 508 -14.08 -12.22 -13.99
CA SER A 508 -14.09 -12.20 -13.97
C SER A 508 -15.42 -12.89 -14.28
C SER A 508 -15.42 -12.85 -14.28
N GLN A 509 -16.07 -13.41 -13.24
CA GLN A 509 -17.29 -14.20 -13.41
C GLN A 509 -18.24 -14.14 -12.23
N THR A 510 -19.52 -14.44 -12.48
CA THR A 510 -20.56 -14.49 -11.47
C THR A 510 -20.75 -15.96 -11.15
N LEU A 511 -20.34 -16.39 -9.98
CA LEU A 511 -20.49 -17.79 -9.56
C LEU A 511 -21.91 -17.99 -9.02
N ASN A 512 -22.60 -19.08 -9.43
CA ASN A 512 -23.96 -19.40 -9.00
C ASN A 512 -24.10 -20.77 -8.27
N GLY A 513 -22.98 -21.46 -8.04
CA GLY A 513 -22.99 -22.77 -7.39
C GLY A 513 -22.98 -23.94 -8.35
N SER A 514 -22.37 -23.76 -9.53
CA SER A 514 -22.27 -24.80 -10.56
C SER A 514 -20.90 -24.85 -11.26
N GLU A 515 -19.88 -24.14 -10.77
CA GLU A 515 -18.59 -24.09 -11.40
C GLU A 515 -17.62 -25.15 -10.88
N PHE A 516 -17.79 -25.59 -9.61
CA PHE A 516 -16.93 -26.61 -8.99
C PHE A 516 -17.77 -27.83 -8.52
N GLN A 517 -18.79 -28.24 -9.30
CA GLN A 517 -19.63 -29.39 -8.90
C GLN A 517 -18.83 -30.68 -8.61
N PRO A 518 -17.78 -31.05 -9.38
CA PRO A 518 -17.07 -32.30 -9.08
C PRO A 518 -16.20 -32.30 -7.83
N LEU A 519 -15.77 -31.12 -7.35
CA LEU A 519 -14.90 -31.01 -6.17
C LEU A 519 -15.68 -31.19 -4.86
N ALA A 520 -16.17 -32.43 -4.62
CA ALA A 520 -16.95 -32.76 -3.44
C ALA A 520 -16.14 -32.91 -2.17
N GLU A 521 -14.81 -33.13 -2.25
CA GLU A 521 -13.99 -33.29 -1.05
C GLU A 521 -13.18 -32.04 -0.69
N LEU A 522 -13.30 -30.94 -1.47
CA LEU A 522 -12.50 -29.73 -1.26
C LEU A 522 -12.73 -29.06 0.09
N ARG A 523 -11.63 -28.87 0.84
CA ARG A 523 -11.62 -28.23 2.15
C ARG A 523 -11.06 -26.80 2.10
N TYR A 524 -10.24 -26.47 1.09
CA TYR A 524 -9.61 -25.16 1.00
C TYR A 524 -9.61 -24.67 -0.44
N LEU A 525 -10.23 -23.51 -0.70
CA LEU A 525 -10.19 -22.90 -2.01
C LEU A 525 -9.54 -21.52 -1.89
N ASP A 526 -8.39 -21.30 -2.56
CA ASP A 526 -7.77 -19.98 -2.57
C ASP A 526 -8.17 -19.33 -3.89
N PHE A 527 -9.09 -18.36 -3.83
CA PHE A 527 -9.58 -17.62 -4.99
C PHE A 527 -9.08 -16.16 -4.95
N SER A 528 -7.99 -15.84 -4.23
CA SER A 528 -7.50 -14.48 -4.14
C SER A 528 -6.96 -13.97 -5.49
N ASN A 529 -6.86 -12.64 -5.65
CA ASN A 529 -6.33 -12.01 -6.85
C ASN A 529 -7.04 -12.46 -8.13
N ASN A 530 -8.37 -12.38 -8.10
CA ASN A 530 -9.24 -12.67 -9.24
C ASN A 530 -10.25 -11.48 -9.35
N ARG A 531 -11.35 -11.63 -10.11
CA ARG A 531 -12.35 -10.58 -10.25
C ARG A 531 -13.71 -11.17 -10.01
N LEU A 532 -13.89 -11.77 -8.83
CA LEU A 532 -15.15 -12.39 -8.41
C LEU A 532 -16.30 -11.36 -8.47
N ASP A 533 -17.45 -11.79 -9.01
CA ASP A 533 -18.64 -10.94 -9.09
C ASP A 533 -19.72 -11.63 -8.27
N LEU A 534 -19.94 -11.16 -7.03
CA LEU A 534 -20.94 -11.75 -6.15
C LEU A 534 -22.34 -11.23 -6.50
N LEU A 535 -22.81 -11.58 -7.69
CA LEU A 535 -24.16 -11.23 -8.12
C LEU A 535 -25.16 -12.12 -7.40
N HIS A 536 -24.83 -13.42 -7.22
CA HIS A 536 -25.71 -14.41 -6.60
C HIS A 536 -25.21 -14.83 -5.24
N SER A 537 -26.12 -14.99 -4.27
CA SER A 537 -25.76 -15.49 -2.95
C SER A 537 -25.52 -17.01 -2.94
N THR A 538 -25.72 -17.71 -4.07
CA THR A 538 -25.48 -19.15 -4.19
C THR A 538 -24.02 -19.45 -4.62
N ALA A 539 -23.12 -18.44 -4.64
CA ALA A 539 -21.73 -18.64 -5.03
C ALA A 539 -21.05 -19.60 -4.06
N PHE A 540 -20.26 -20.57 -4.58
CA PHE A 540 -19.49 -21.54 -3.79
C PHE A 540 -20.32 -22.60 -3.04
N GLU A 541 -21.66 -22.56 -3.09
CA GLU A 541 -22.47 -23.53 -2.33
C GLU A 541 -22.28 -25.01 -2.71
N GLU A 542 -21.83 -25.32 -3.93
CA GLU A 542 -21.60 -26.70 -4.37
C GLU A 542 -20.40 -27.35 -3.62
N LEU A 543 -19.47 -26.53 -3.10
CA LEU A 543 -18.33 -27.03 -2.33
C LEU A 543 -18.83 -27.24 -0.89
N ARG A 544 -19.53 -28.36 -0.69
CA ARG A 544 -20.19 -28.67 0.58
C ARG A 544 -19.26 -29.01 1.74
N LYS A 545 -18.02 -29.45 1.47
CA LYS A 545 -17.07 -29.76 2.54
C LYS A 545 -16.02 -28.64 2.72
N LEU A 546 -16.27 -27.43 2.18
CA LEU A 546 -15.31 -26.32 2.24
C LEU A 546 -15.21 -25.75 3.64
N GLU A 547 -13.98 -25.72 4.18
CA GLU A 547 -13.65 -25.20 5.51
C GLU A 547 -12.96 -23.83 5.43
N VAL A 548 -12.16 -23.56 4.38
CA VAL A 548 -11.46 -22.29 4.27
C VAL A 548 -11.64 -21.73 2.86
N LEU A 549 -12.08 -20.46 2.77
CA LEU A 549 -12.33 -19.77 1.51
C LEU A 549 -11.61 -18.44 1.51
N ASP A 550 -10.70 -18.22 0.57
CA ASP A 550 -10.01 -16.95 0.45
C ASP A 550 -10.48 -16.23 -0.81
N ILE A 551 -11.25 -15.14 -0.66
CA ILE A 551 -11.67 -14.31 -1.79
C ILE A 551 -11.04 -12.90 -1.64
N SER A 552 -9.85 -12.79 -1.01
CA SER A 552 -9.17 -11.52 -0.85
C SER A 552 -8.69 -10.99 -2.20
N SER A 553 -8.47 -9.67 -2.28
CA SER A 553 -7.98 -9.02 -3.49
C SER A 553 -8.79 -9.37 -4.74
N ASN A 554 -10.12 -9.25 -4.63
CA ASN A 554 -11.10 -9.39 -5.70
C ASN A 554 -11.87 -8.05 -5.67
N SER A 555 -11.15 -6.92 -5.69
CA SER A 555 -11.75 -5.58 -5.56
C SER A 555 -12.40 -5.04 -6.82
N HIS A 556 -12.09 -5.59 -8.01
CA HIS A 556 -12.58 -5.06 -9.29
C HIS A 556 -14.06 -4.58 -9.31
N TYR A 557 -15.02 -5.48 -9.05
CA TYR A 557 -16.43 -5.11 -9.09
C TYR A 557 -16.88 -4.29 -7.88
N PHE A 558 -16.16 -4.34 -6.75
CA PHE A 558 -16.49 -3.51 -5.59
C PHE A 558 -16.08 -2.05 -5.77
N GLN A 559 -15.25 -1.73 -6.77
CA GLN A 559 -14.77 -0.37 -7.02
C GLN A 559 -15.69 0.50 -7.91
N SER A 560 -16.60 -0.10 -8.69
CA SER A 560 -17.51 0.69 -9.54
C SER A 560 -18.91 0.78 -8.91
N GLU A 561 -19.49 1.98 -8.86
CA GLU A 561 -20.78 2.19 -8.21
C GLU A 561 -21.96 1.51 -8.89
N GLY A 562 -23.02 1.29 -8.13
CA GLY A 562 -24.28 0.74 -8.62
C GLY A 562 -24.34 -0.73 -8.92
N ILE A 563 -23.28 -1.48 -8.62
CA ILE A 563 -23.21 -2.92 -8.90
C ILE A 563 -23.69 -3.71 -7.69
N THR A 564 -24.54 -4.71 -7.91
CA THR A 564 -25.07 -5.57 -6.84
C THR A 564 -24.00 -6.50 -6.30
N HIS A 565 -23.91 -6.61 -4.97
CA HIS A 565 -22.95 -7.48 -4.28
C HIS A 565 -23.71 -8.23 -3.19
N MET A 566 -23.62 -9.54 -3.16
CA MET A 566 -24.29 -10.36 -2.17
C MET A 566 -23.26 -10.94 -1.21
N LEU A 567 -23.03 -10.27 -0.07
CA LEU A 567 -22.10 -10.77 0.93
C LEU A 567 -22.71 -11.86 1.83
N ASN A 568 -24.02 -12.17 1.68
CA ASN A 568 -24.73 -13.19 2.45
C ASN A 568 -24.62 -14.60 1.83
N PHE A 569 -23.64 -14.82 0.95
CA PHE A 569 -23.42 -16.13 0.35
C PHE A 569 -22.92 -17.20 1.37
N THR A 570 -22.45 -16.75 2.56
CA THR A 570 -21.91 -17.62 3.60
C THR A 570 -22.93 -18.58 4.20
N LYS A 571 -24.22 -18.19 4.22
CA LYS A 571 -25.30 -19.00 4.80
C LYS A 571 -25.33 -20.43 4.28
N ASN A 572 -25.05 -20.62 2.97
CA ASN A 572 -25.10 -21.95 2.35
C ASN A 572 -23.89 -22.84 2.67
N LEU A 573 -22.75 -22.27 3.08
CA LEU A 573 -21.54 -23.03 3.39
C LEU A 573 -21.59 -23.52 4.85
N LYS A 574 -22.07 -24.75 5.04
CA LYS A 574 -22.39 -25.31 6.35
C LYS A 574 -21.21 -25.76 7.21
N VAL A 575 -20.01 -25.96 6.65
CA VAL A 575 -18.84 -26.31 7.45
C VAL A 575 -17.70 -25.30 7.29
N LEU A 576 -17.98 -24.07 6.78
CA LEU A 576 -16.97 -23.04 6.60
C LEU A 576 -16.48 -22.59 7.95
N GLN A 577 -15.16 -22.59 8.18
CA GLN A 577 -14.51 -22.21 9.43
C GLN A 577 -13.82 -20.86 9.30
N LYS A 578 -13.21 -20.55 8.15
CA LYS A 578 -12.45 -19.32 7.95
C LYS A 578 -12.72 -18.73 6.58
N LEU A 579 -13.07 -17.45 6.55
CA LEU A 579 -13.35 -16.70 5.33
C LEU A 579 -12.46 -15.50 5.32
N MET A 580 -11.69 -15.31 4.24
CA MET A 580 -10.84 -14.14 4.11
C MET A 580 -11.34 -13.36 2.94
N MET A 581 -11.72 -12.12 3.17
CA MET A 581 -12.18 -11.25 2.12
C MET A 581 -11.51 -9.90 2.31
N ASN A 582 -10.17 -9.93 2.42
CA ASN A 582 -9.31 -8.78 2.65
C ASN A 582 -9.07 -7.99 1.38
N ASP A 583 -8.77 -6.70 1.51
CA ASP A 583 -8.38 -5.85 0.40
C ASP A 583 -9.32 -5.91 -0.80
N ASN A 584 -10.63 -5.95 -0.55
CA ASN A 584 -11.66 -5.94 -1.59
C ASN A 584 -12.26 -4.54 -1.82
N ASP A 585 -11.90 -3.53 -0.98
CA ASP A 585 -12.40 -2.17 -1.16
C ASP A 585 -13.94 -2.12 -1.02
N ILE A 586 -14.53 -3.00 -0.20
CA ILE A 586 -15.98 -3.11 -0.04
C ILE A 586 -16.50 -1.89 0.67
N SER A 587 -17.26 -1.05 -0.04
CA SER A 587 -17.92 0.14 0.50
C SER A 587 -19.45 0.04 0.38
N SER A 588 -20.00 -1.04 -0.23
CA SER A 588 -21.45 -1.19 -0.41
C SER A 588 -21.84 -2.68 -0.47
N SER A 589 -23.10 -2.99 -0.17
CA SER A 589 -23.58 -4.36 -0.18
C SER A 589 -25.10 -4.38 -0.35
N THR A 590 -25.63 -5.20 -1.26
CA THR A 590 -27.08 -5.31 -1.42
C THR A 590 -27.69 -5.99 -0.18
N SER A 591 -26.97 -6.94 0.43
CA SER A 591 -27.41 -7.65 1.63
C SER A 591 -26.90 -6.95 2.87
N ARG A 592 -27.74 -6.80 3.90
CA ARG A 592 -27.36 -6.13 5.15
C ARG A 592 -26.77 -7.05 6.20
N THR A 593 -26.91 -8.39 6.04
CA THR A 593 -26.41 -9.32 7.03
C THR A 593 -25.72 -10.54 6.44
N MET A 594 -24.52 -10.84 6.92
CA MET A 594 -23.80 -12.06 6.59
C MET A 594 -24.22 -13.05 7.67
N GLU A 595 -24.62 -14.27 7.29
CA GLU A 595 -25.07 -15.26 8.27
C GLU A 595 -24.28 -16.54 8.14
N SER A 596 -24.04 -17.22 9.26
CA SER A 596 -23.33 -18.49 9.27
C SER A 596 -23.43 -19.14 10.62
N GLU A 597 -23.70 -20.45 10.65
CA GLU A 597 -23.75 -21.22 11.89
C GLU A 597 -22.39 -21.82 12.23
N SER A 598 -21.39 -21.82 11.31
CA SER A 598 -20.10 -22.48 11.51
C SER A 598 -18.87 -21.60 11.46
N LEU A 599 -18.91 -20.46 10.74
CA LEU A 599 -17.73 -19.60 10.58
C LEU A 599 -17.17 -19.15 11.91
N ARG A 600 -15.86 -19.37 12.12
CA ARG A 600 -15.16 -19.01 13.35
C ARG A 600 -14.19 -17.84 13.15
N THR A 601 -13.69 -17.61 11.92
CA THR A 601 -12.77 -16.51 11.63
C THR A 601 -13.19 -15.78 10.37
N LEU A 602 -13.22 -14.44 10.42
CA LEU A 602 -13.55 -13.61 9.26
C LEU A 602 -12.50 -12.52 9.18
N GLU A 603 -11.75 -12.47 8.08
CA GLU A 603 -10.78 -11.42 7.87
C GLU A 603 -11.41 -10.45 6.88
N PHE A 604 -11.69 -9.21 7.32
CA PHE A 604 -12.34 -8.19 6.49
C PHE A 604 -11.47 -6.93 6.48
N ARG A 605 -10.14 -7.06 6.47
CA ARG A 605 -9.25 -5.90 6.47
C ARG A 605 -9.18 -5.30 5.04
N GLY A 606 -8.73 -4.08 4.92
CA GLY A 606 -8.58 -3.43 3.62
C GLY A 606 -9.88 -3.15 2.87
N ASN A 607 -10.97 -2.96 3.61
CA ASN A 607 -12.30 -2.66 3.04
C ASN A 607 -12.73 -1.24 3.48
N HIS A 608 -14.00 -0.86 3.26
CA HIS A 608 -14.48 0.48 3.61
C HIS A 608 -15.69 0.43 4.53
N LEU A 609 -15.50 -0.15 5.72
CA LEU A 609 -16.55 -0.15 6.73
C LEU A 609 -16.84 1.29 7.20
N ASP A 610 -15.91 2.26 6.99
CA ASP A 610 -16.19 3.66 7.30
C ASP A 610 -17.37 4.17 6.45
N VAL A 611 -17.48 3.71 5.18
CA VAL A 611 -18.58 4.08 4.30
C VAL A 611 -19.85 3.26 4.61
N LEU A 612 -19.73 1.92 4.81
CA LEU A 612 -20.91 1.11 5.14
C LEU A 612 -21.56 1.58 6.45
N TRP A 613 -20.74 1.86 7.48
CA TRP A 613 -21.20 2.35 8.77
C TRP A 613 -21.11 3.90 8.83
N ARG A 614 -21.49 4.60 7.74
CA ARG A 614 -21.46 6.07 7.70
C ARG A 614 -22.46 6.61 8.76
N ASP A 615 -22.07 7.62 9.56
CA ASP A 615 -22.95 8.09 10.65
C ASP A 615 -24.29 8.56 10.11
N GLY A 616 -25.37 8.05 10.71
CA GLY A 616 -26.73 8.31 10.25
C GLY A 616 -27.33 7.15 9.47
N ASP A 617 -26.48 6.18 9.02
CA ASP A 617 -26.90 5.01 8.25
C ASP A 617 -26.76 3.77 9.15
N ASN A 618 -27.88 3.34 9.76
CA ASN A 618 -27.88 2.19 10.68
C ASN A 618 -28.08 0.83 10.01
N ARG A 619 -28.08 0.77 8.67
CA ARG A 619 -28.41 -0.44 7.92
C ARG A 619 -27.41 -1.60 8.04
N TYR A 620 -26.09 -1.33 8.05
CA TYR A 620 -25.08 -2.40 8.11
C TYR A 620 -24.41 -2.56 9.48
N LEU A 621 -25.02 -2.02 10.56
CA LEU A 621 -24.45 -2.16 11.91
C LEU A 621 -24.54 -3.61 12.47
N GLN A 622 -25.39 -4.47 11.87
CA GLN A 622 -25.51 -5.88 12.25
C GLN A 622 -25.00 -6.78 11.10
N LEU A 623 -24.00 -6.32 10.33
CA LEU A 623 -23.46 -7.07 9.20
C LEU A 623 -22.85 -8.39 9.64
N PHE A 624 -22.10 -8.38 10.74
CA PHE A 624 -21.43 -9.57 11.25
C PHE A 624 -22.18 -10.22 12.43
N LYS A 625 -23.32 -9.66 12.86
CA LYS A 625 -24.08 -10.14 14.03
C LYS A 625 -24.54 -11.59 13.97
N ASN A 626 -25.02 -12.05 12.81
CA ASN A 626 -25.57 -13.42 12.67
C ASN A 626 -24.52 -14.47 12.27
N LEU A 627 -23.23 -14.16 12.44
CA LEU A 627 -22.16 -15.14 12.28
C LEU A 627 -22.07 -15.66 13.72
N LEU A 628 -22.99 -16.56 14.10
CA LEU A 628 -23.19 -16.99 15.49
C LEU A 628 -21.99 -17.65 16.19
N LYS A 629 -21.14 -18.40 15.46
CA LYS A 629 -19.98 -19.03 16.08
C LYS A 629 -18.67 -18.25 15.79
N LEU A 630 -18.75 -16.97 15.34
CA LEU A 630 -17.55 -16.17 15.05
C LEU A 630 -16.78 -15.82 16.32
N GLU A 631 -15.48 -16.12 16.32
CA GLU A 631 -14.59 -15.85 17.43
C GLU A 631 -13.50 -14.84 17.10
N GLU A 632 -13.13 -14.70 15.82
CA GLU A 632 -12.07 -13.78 15.43
C GLU A 632 -12.54 -12.93 14.26
N LEU A 633 -12.55 -11.61 14.43
CA LEU A 633 -12.93 -10.66 13.40
C LEU A 633 -11.81 -9.65 13.25
N ASP A 634 -11.27 -9.52 12.03
CA ASP A 634 -10.21 -8.56 11.76
C ASP A 634 -10.77 -7.46 10.87
N ILE A 635 -11.06 -6.29 11.46
CA ILE A 635 -11.56 -5.13 10.72
C ILE A 635 -10.54 -3.98 10.79
N SER A 636 -9.25 -4.33 10.68
CA SER A 636 -8.19 -3.36 10.63
C SER A 636 -8.13 -2.78 9.20
N LYS A 637 -7.45 -1.64 8.99
CA LYS A 637 -7.32 -1.02 7.67
C LYS A 637 -8.70 -0.78 7.01
N ASN A 638 -9.64 -0.20 7.75
CA ASN A 638 -10.99 0.10 7.22
C ASN A 638 -11.33 1.61 7.34
N SER A 639 -10.32 2.49 7.54
CA SER A 639 -10.52 3.95 7.64
C SER A 639 -11.54 4.36 8.70
N LEU A 640 -11.68 3.57 9.76
CA LEU A 640 -12.63 3.87 10.82
C LEU A 640 -12.00 4.86 11.77
N SER A 641 -12.22 6.16 11.53
CA SER A 641 -11.71 7.22 12.41
C SER A 641 -12.44 7.22 13.77
N PHE A 642 -13.69 6.74 13.79
CA PHE A 642 -14.50 6.54 14.99
C PHE A 642 -15.39 5.31 14.74
N LEU A 643 -15.84 4.67 15.80
CA LEU A 643 -16.74 3.53 15.68
C LEU A 643 -18.15 4.01 16.02
N PRO A 644 -19.10 4.05 15.07
CA PRO A 644 -20.45 4.53 15.43
C PRO A 644 -21.10 3.71 16.53
N SER A 645 -22.07 4.33 17.22
CA SER A 645 -22.80 3.64 18.27
C SER A 645 -23.71 2.62 17.58
N GLY A 646 -23.56 1.35 17.98
CA GLY A 646 -24.29 0.23 17.40
C GLY A 646 -23.36 -0.84 16.83
N VAL A 647 -22.07 -0.53 16.63
CA VAL A 647 -21.11 -1.50 16.14
C VAL A 647 -20.88 -2.58 17.20
N PHE A 648 -20.69 -2.19 18.47
CA PHE A 648 -20.43 -3.15 19.56
C PHE A 648 -21.65 -4.03 19.84
N ASP A 649 -22.85 -3.44 19.91
CA ASP A 649 -24.08 -4.19 20.13
C ASP A 649 -24.35 -5.17 18.96
N GLY A 650 -23.99 -4.77 17.74
CA GLY A 650 -24.17 -5.60 16.55
C GLY A 650 -23.07 -6.62 16.28
N MET A 651 -22.16 -6.86 17.24
CA MET A 651 -21.11 -7.87 17.06
C MET A 651 -21.66 -9.26 17.42
N PRO A 652 -21.09 -10.35 16.86
CA PRO A 652 -21.60 -11.70 17.24
C PRO A 652 -21.33 -12.04 18.72
N PRO A 653 -22.12 -12.96 19.30
CA PRO A 653 -22.04 -13.17 20.76
C PRO A 653 -20.78 -13.81 21.32
N ASN A 654 -20.07 -14.66 20.55
CA ASN A 654 -18.88 -15.34 21.04
C ASN A 654 -17.61 -14.74 20.43
N LEU A 655 -17.59 -13.41 20.22
CA LEU A 655 -16.43 -12.77 19.61
C LEU A 655 -15.33 -12.69 20.66
N LYS A 656 -14.18 -13.33 20.39
CA LYS A 656 -13.05 -13.39 21.31
C LYS A 656 -11.89 -12.46 20.90
N ASN A 657 -11.47 -12.46 19.62
CA ASN A 657 -10.35 -11.62 19.14
C ASN A 657 -10.86 -10.58 18.16
N LEU A 658 -10.70 -9.30 18.48
CA LEU A 658 -11.14 -8.23 17.59
C LEU A 658 -9.97 -7.33 17.26
N SER A 659 -9.69 -7.11 15.97
CA SER A 659 -8.64 -6.19 15.58
C SER A 659 -9.25 -4.96 14.88
N LEU A 660 -8.92 -3.78 15.40
CA LEU A 660 -9.27 -2.48 14.85
C LEU A 660 -7.96 -1.70 14.54
N ALA A 661 -6.86 -2.40 14.24
CA ALA A 661 -5.56 -1.79 14.00
C ALA A 661 -5.52 -0.99 12.70
N LYS A 662 -4.56 -0.06 12.57
CA LYS A 662 -4.36 0.71 11.34
C LYS A 662 -5.65 1.31 10.76
N ASN A 663 -6.43 2.01 11.60
CA ASN A 663 -7.70 2.63 11.20
C ASN A 663 -7.73 4.16 11.33
N GLY A 664 -6.76 4.75 12.02
CA GLY A 664 -6.76 6.17 12.28
C GLY A 664 -7.81 6.53 13.32
N LEU A 665 -8.12 5.60 14.25
CA LEU A 665 -9.12 5.81 15.30
C LEU A 665 -8.68 6.95 16.19
N LYS A 666 -9.35 8.11 16.10
CA LYS A 666 -9.03 9.26 16.93
C LYS A 666 -9.77 9.22 18.28
N SER A 667 -10.78 8.33 18.45
CA SER A 667 -11.56 8.21 19.68
C SER A 667 -12.13 6.79 19.83
N PHE A 668 -12.43 6.39 21.06
CA PHE A 668 -12.96 5.04 21.32
C PHE A 668 -13.73 5.04 22.64
N ILE A 669 -15.03 4.71 22.62
CA ILE A 669 -15.81 4.66 23.85
C ILE A 669 -15.54 3.30 24.48
N TRP A 670 -14.54 3.25 25.38
CA TRP A 670 -14.13 2.02 26.07
C TRP A 670 -15.27 1.34 26.81
N GLU A 671 -16.24 2.11 27.30
CA GLU A 671 -17.38 1.57 28.03
C GLU A 671 -18.19 0.57 27.19
N LYS A 672 -18.22 0.78 25.86
CA LYS A 672 -18.93 -0.10 24.94
C LYS A 672 -18.34 -1.52 24.86
N LEU A 673 -17.14 -1.77 25.41
CA LEU A 673 -16.57 -3.14 25.44
C LEU A 673 -17.41 -4.10 26.30
N ARG A 674 -18.35 -3.58 27.13
CA ARG A 674 -19.23 -4.39 27.95
C ARG A 674 -20.14 -5.27 27.10
N TYR A 675 -20.50 -4.83 25.89
CA TYR A 675 -21.33 -5.63 24.98
C TYR A 675 -20.60 -6.87 24.49
N LEU A 676 -19.27 -6.80 24.32
CA LEU A 676 -18.45 -7.92 23.87
C LEU A 676 -18.09 -8.76 25.10
N LYS A 677 -19.06 -9.55 25.57
CA LYS A 677 -18.94 -10.35 26.79
C LYS A 677 -17.91 -11.51 26.75
N ASN A 678 -17.47 -11.95 25.55
CA ASN A 678 -16.47 -13.01 25.44
C ASN A 678 -15.13 -12.51 24.89
N LEU A 679 -14.89 -11.17 24.90
CA LEU A 679 -13.68 -10.57 24.38
C LEU A 679 -12.50 -11.01 25.19
N GLU A 680 -11.43 -11.37 24.51
CA GLU A 680 -10.19 -11.81 25.14
C GLU A 680 -9.00 -11.04 24.58
N THR A 681 -8.98 -10.72 23.28
CA THR A 681 -7.89 -9.97 22.67
C THR A 681 -8.46 -8.76 21.94
N LEU A 682 -8.00 -7.55 22.30
CA LEU A 682 -8.41 -6.33 21.61
C LEU A 682 -7.15 -5.70 21.04
N ASP A 683 -7.06 -5.60 19.69
CA ASP A 683 -5.90 -4.98 19.06
C ASP A 683 -6.27 -3.62 18.48
N LEU A 684 -5.82 -2.54 19.14
CA LEU A 684 -6.04 -1.16 18.72
C LEU A 684 -4.72 -0.49 18.32
N SER A 685 -3.74 -1.27 17.81
CA SER A 685 -2.44 -0.73 17.43
C SER A 685 -2.49 0.15 16.20
N HIS A 686 -1.51 1.06 16.04
CA HIS A 686 -1.39 1.94 14.89
C HIS A 686 -2.63 2.77 14.66
N ASN A 687 -3.03 3.52 15.67
CA ASN A 687 -4.20 4.39 15.64
C ASN A 687 -3.81 5.77 16.24
N GLN A 688 -4.79 6.66 16.53
CA GLN A 688 -4.50 7.97 17.09
C GLN A 688 -5.22 8.15 18.42
N LEU A 689 -5.26 7.09 19.25
CA LEU A 689 -5.90 7.16 20.56
C LEU A 689 -5.01 7.95 21.51
N THR A 690 -5.60 8.86 22.29
CA THR A 690 -4.86 9.74 23.20
C THR A 690 -5.03 9.34 24.68
N THR A 691 -6.10 8.59 25.02
CA THR A 691 -6.39 8.19 26.40
C THR A 691 -6.79 6.72 26.51
N VAL A 692 -6.54 6.13 27.69
CA VAL A 692 -6.89 4.74 28.09
C VAL A 692 -8.12 4.84 29.04
N PRO A 693 -8.91 3.77 29.33
CA PRO A 693 -10.07 3.94 30.21
C PRO A 693 -9.73 4.26 31.66
N GLU A 694 -10.64 4.98 32.36
CA GLU A 694 -10.44 5.35 33.78
C GLU A 694 -10.16 4.12 34.65
N ARG A 695 -10.92 3.02 34.40
CA ARG A 695 -10.76 1.73 35.05
C ARG A 695 -11.06 0.63 34.01
N LEU A 696 -10.04 0.01 33.44
CA LEU A 696 -10.22 -1.04 32.43
C LEU A 696 -11.13 -2.18 32.90
N SER A 697 -11.00 -2.60 34.18
CA SER A 697 -11.83 -3.67 34.74
C SER A 697 -13.33 -3.38 34.63
N ASN A 698 -13.75 -2.10 34.66
CA ASN A 698 -15.16 -1.70 34.54
C ASN A 698 -15.68 -1.72 33.09
N CYS A 699 -14.80 -1.80 32.10
CA CYS A 699 -15.16 -1.84 30.69
C CYS A 699 -15.30 -3.25 30.18
N SER A 700 -14.49 -4.17 30.70
CA SER A 700 -14.51 -5.56 30.25
C SER A 700 -14.04 -6.47 31.37
N ARG A 701 -14.92 -7.40 31.80
CA ARG A 701 -14.58 -8.38 32.82
C ARG A 701 -13.70 -9.52 32.21
N SER A 702 -13.84 -9.81 30.91
CA SER A 702 -13.16 -10.93 30.25
C SER A 702 -11.83 -10.63 29.56
N LEU A 703 -11.58 -9.39 29.14
CA LEU A 703 -10.36 -9.03 28.38
C LEU A 703 -9.05 -9.54 29.03
N LYS A 704 -8.23 -10.25 28.24
CA LYS A 704 -6.96 -10.81 28.65
C LYS A 704 -5.76 -10.08 28.03
N ASN A 705 -5.80 -9.80 26.72
CA ASN A 705 -4.69 -9.21 25.98
C ASN A 705 -5.16 -7.90 25.39
N LEU A 706 -4.44 -6.82 25.65
CA LEU A 706 -4.79 -5.50 25.16
C LEU A 706 -3.59 -4.94 24.46
N ILE A 707 -3.71 -4.61 23.17
CA ILE A 707 -2.60 -4.08 22.40
C ILE A 707 -2.93 -2.65 22.03
N LEU A 708 -2.11 -1.71 22.54
CA LEU A 708 -2.24 -0.28 22.31
C LEU A 708 -0.96 0.33 21.71
N LYS A 709 -0.08 -0.49 21.12
CA LYS A 709 1.16 0.03 20.56
C LYS A 709 0.91 0.99 19.40
N ASN A 710 1.78 2.01 19.25
CA ASN A 710 1.71 2.98 18.18
C ASN A 710 0.43 3.80 18.19
N ASN A 711 0.25 4.56 19.28
CA ASN A 711 -0.86 5.48 19.48
C ASN A 711 -0.28 6.82 20.05
N GLN A 712 -1.13 7.78 20.43
CA GLN A 712 -0.72 9.07 20.96
C GLN A 712 -0.99 9.18 22.46
N ILE A 713 -0.95 8.07 23.21
CA ILE A 713 -1.26 8.10 24.64
C ILE A 713 -0.11 8.79 25.37
N ARG A 714 -0.40 9.92 26.05
CA ARG A 714 0.60 10.68 26.80
C ARG A 714 0.56 10.41 28.31
N SER A 715 -0.48 9.75 28.82
CA SER A 715 -0.56 9.41 30.24
C SER A 715 -1.61 8.32 30.47
N LEU A 716 -1.45 7.55 31.55
CA LEU A 716 -2.42 6.52 31.95
C LEU A 716 -3.34 7.14 33.02
N THR A 717 -4.61 6.71 33.05
CA THR A 717 -5.57 7.21 34.03
C THR A 717 -5.18 6.79 35.46
N LYS A 718 -5.64 7.54 36.49
CA LYS A 718 -5.21 7.30 37.87
C LYS A 718 -5.35 5.85 38.38
N TYR A 719 -6.37 5.08 37.94
CA TYR A 719 -6.54 3.68 38.38
C TYR A 719 -6.73 2.76 37.18
N PHE A 720 -5.99 3.01 36.09
CA PHE A 720 -6.13 2.28 34.83
C PHE A 720 -6.34 0.74 35.00
N LEU A 721 -5.38 0.01 35.59
CA LEU A 721 -5.48 -1.45 35.73
C LEU A 721 -5.98 -1.94 37.10
N GLN A 722 -6.69 -1.09 37.88
CA GLN A 722 -7.19 -1.50 39.18
C GLN A 722 -8.20 -2.66 39.06
N ASP A 723 -7.85 -3.85 39.59
CA ASP A 723 -8.71 -5.03 39.62
C ASP A 723 -8.96 -5.66 38.25
N ALA A 724 -8.06 -5.43 37.25
CA ALA A 724 -8.16 -6.05 35.91
C ALA A 724 -7.59 -7.48 36.04
N PHE A 725 -8.29 -8.35 36.78
CA PHE A 725 -7.83 -9.68 37.15
C PHE A 725 -7.67 -10.65 36.00
N GLN A 726 -8.31 -10.38 34.85
CA GLN A 726 -8.15 -11.27 33.69
C GLN A 726 -6.99 -10.86 32.81
N LEU A 727 -6.44 -9.63 32.94
CA LEU A 727 -5.35 -9.15 32.09
C LEU A 727 -4.06 -9.97 32.26
N ARG A 728 -3.55 -10.48 31.14
CA ARG A 728 -2.34 -11.28 31.07
C ARG A 728 -1.31 -10.73 30.09
N TYR A 729 -1.65 -9.71 29.29
CA TYR A 729 -0.74 -9.16 28.30
C TYR A 729 -1.16 -7.72 27.96
N LEU A 730 -0.26 -6.75 28.10
CA LEU A 730 -0.53 -5.34 27.83
C LEU A 730 0.62 -4.73 27.01
N ASP A 731 0.32 -4.10 25.87
CA ASP A 731 1.32 -3.46 25.03
C ASP A 731 1.03 -1.97 24.99
N LEU A 732 1.92 -1.18 25.59
CA LEU A 732 1.85 0.28 25.60
C LEU A 732 3.08 0.90 24.90
N SER A 733 3.82 0.12 24.09
CA SER A 733 5.02 0.60 23.42
C SER A 733 4.70 1.59 22.31
N SER A 734 5.69 2.41 21.93
CA SER A 734 5.54 3.41 20.88
C SER A 734 4.36 4.33 21.12
N ASN A 735 4.27 4.84 22.33
CA ASN A 735 3.27 5.85 22.68
C ASN A 735 4.08 7.09 23.14
N LYS A 736 3.51 8.04 23.88
CA LYS A 736 4.22 9.24 24.31
C LYS A 736 4.05 9.44 25.81
N ILE A 737 4.04 8.33 26.58
CA ILE A 737 3.81 8.34 28.02
C ILE A 737 5.04 8.88 28.71
N GLN A 738 4.86 9.82 29.64
CA GLN A 738 5.95 10.43 30.39
C GLN A 738 6.05 9.89 31.81
N MET A 739 4.90 9.66 32.46
CA MET A 739 4.89 9.19 33.83
C MET A 739 3.92 8.03 34.00
N ILE A 740 4.27 7.06 34.89
CA ILE A 740 3.38 5.95 35.29
C ILE A 740 3.44 5.92 36.82
N GLN A 741 2.28 6.08 37.50
CA GLN A 741 2.23 6.05 38.96
C GLN A 741 1.77 4.67 39.51
N LYS A 742 2.05 4.43 40.80
CA LYS A 742 1.74 3.17 41.51
C LYS A 742 0.27 2.79 41.41
N THR A 743 -0.65 3.78 41.44
CA THR A 743 -2.10 3.55 41.40
C THR A 743 -2.58 3.02 40.03
N SER A 744 -1.91 3.39 38.93
CA SER A 744 -2.29 2.92 37.60
C SER A 744 -1.91 1.45 37.40
N PHE A 745 -0.78 1.00 38.01
CA PHE A 745 -0.24 -0.36 37.91
C PHE A 745 -0.25 -1.09 39.27
N PRO A 746 -1.39 -1.68 39.70
CA PRO A 746 -1.40 -2.41 40.98
C PRO A 746 -0.59 -3.69 40.92
N GLU A 747 0.17 -3.99 42.00
CA GLU A 747 1.03 -5.17 42.07
C GLU A 747 0.24 -6.47 41.88
N ASN A 748 -0.99 -6.57 42.41
CA ASN A 748 -1.80 -7.80 42.24
C ASN A 748 -2.18 -8.06 40.78
N VAL A 749 -2.23 -7.01 39.93
CA VAL A 749 -2.50 -7.19 38.51
C VAL A 749 -1.19 -7.42 37.74
N LEU A 750 -0.13 -6.66 38.05
CA LEU A 750 1.15 -6.80 37.36
C LEU A 750 1.76 -8.19 37.47
N ASN A 751 1.70 -8.79 38.66
CA ASN A 751 2.30 -10.11 38.89
C ASN A 751 1.61 -11.21 38.05
N ASN A 752 0.36 -11.00 37.61
CA ASN A 752 -0.32 -11.93 36.71
C ASN A 752 0.08 -11.75 35.25
N LEU A 753 0.67 -10.60 34.86
CA LEU A 753 1.03 -10.35 33.47
C LEU A 753 2.13 -11.29 32.96
N LYS A 754 1.85 -11.94 31.83
CA LYS A 754 2.81 -12.78 31.13
C LYS A 754 3.84 -11.89 30.39
N MET A 755 3.43 -10.67 29.95
CA MET A 755 4.32 -9.71 29.31
C MET A 755 3.73 -8.31 29.35
N LEU A 756 4.59 -7.30 29.46
CA LEU A 756 4.20 -5.89 29.50
C LEU A 756 5.20 -5.13 28.64
N LEU A 757 4.77 -4.50 27.53
CA LEU A 757 5.67 -3.75 26.66
C LEU A 757 5.53 -2.24 26.90
N LEU A 758 6.66 -1.56 27.16
CA LEU A 758 6.71 -0.13 27.46
C LEU A 758 7.76 0.62 26.64
N HIS A 759 8.50 -0.03 25.72
CA HIS A 759 9.57 0.63 24.97
C HIS A 759 9.09 1.74 24.06
N HIS A 760 9.99 2.67 23.73
CA HIS A 760 9.72 3.76 22.82
C HIS A 760 8.61 4.68 23.29
N ASN A 761 8.67 5.10 24.55
CA ASN A 761 7.75 6.07 25.14
C ASN A 761 8.55 7.38 25.40
N ARG A 762 8.06 8.32 26.23
CA ARG A 762 8.73 9.59 26.47
C ARG A 762 8.95 9.76 27.96
N PHE A 763 9.56 8.76 28.60
CA PHE A 763 9.75 8.74 30.05
C PHE A 763 10.60 9.87 30.58
N LEU A 764 10.01 10.73 31.43
CA LEU A 764 10.71 11.83 32.06
C LEU A 764 11.27 11.31 33.38
N CYS A 765 12.59 11.35 33.55
CA CYS A 765 13.28 10.77 34.68
C CYS A 765 13.64 11.76 35.77
N THR A 766 12.61 12.40 36.35
CA THR A 766 12.75 13.34 37.46
C THR A 766 12.51 12.56 38.79
N CYS A 767 12.50 13.25 39.96
CA CYS A 767 12.23 12.58 41.23
C CYS A 767 10.75 12.18 41.38
N ASP A 768 9.84 12.68 40.52
CA ASP A 768 8.43 12.25 40.53
C ASP A 768 8.28 10.80 39.97
N ALA A 769 9.22 10.39 39.10
CA ALA A 769 9.28 9.05 38.51
C ALA A 769 10.07 8.10 39.41
N VAL A 770 10.07 8.33 40.74
CA VAL A 770 10.83 7.52 41.68
C VAL A 770 10.20 6.13 41.83
N TRP A 771 8.84 6.04 41.79
CA TRP A 771 8.18 4.74 41.89
C TRP A 771 8.48 3.89 40.65
N PHE A 772 8.18 4.42 39.44
CA PHE A 772 8.36 3.69 38.19
C PHE A 772 9.80 3.24 37.96
N VAL A 773 10.78 4.10 38.26
CA VAL A 773 12.17 3.74 38.07
C VAL A 773 12.55 2.59 39.02
N TRP A 774 12.10 2.64 40.28
CA TRP A 774 12.39 1.56 41.24
C TRP A 774 11.68 0.26 40.83
N TRP A 775 10.41 0.36 40.43
CA TRP A 775 9.61 -0.79 40.06
C TRP A 775 10.22 -1.51 38.84
N VAL A 776 10.58 -0.75 37.79
CA VAL A 776 11.21 -1.31 36.59
C VAL A 776 12.50 -2.05 36.94
N GLN A 777 13.28 -1.50 37.86
CA GLN A 777 14.55 -2.11 38.26
C GLN A 777 14.39 -3.41 39.06
N HIS A 778 13.34 -3.51 39.90
CA HIS A 778 13.14 -4.65 40.76
C HIS A 778 12.00 -5.59 40.39
N THR A 779 11.36 -5.43 39.23
CA THR A 779 10.26 -6.33 38.83
C THR A 779 10.79 -7.54 38.07
N GLU A 780 10.10 -8.67 38.22
CA GLU A 780 10.33 -9.94 37.52
C GLU A 780 9.43 -10.07 36.25
N VAL A 781 8.44 -9.15 36.05
CA VAL A 781 7.52 -9.15 34.90
C VAL A 781 8.34 -9.01 33.60
N THR A 782 8.01 -9.77 32.51
CA THR A 782 8.76 -9.68 31.26
C THR A 782 8.47 -8.36 30.55
N ILE A 783 9.50 -7.52 30.40
CA ILE A 783 9.42 -6.23 29.73
C ILE A 783 10.50 -6.29 28.66
N PRO A 784 10.16 -6.58 27.38
CA PRO A 784 11.22 -6.64 26.35
C PRO A 784 11.89 -5.30 26.06
N TYR A 785 13.14 -5.34 25.53
CA TYR A 785 13.95 -4.18 25.15
C TYR A 785 14.29 -3.26 26.33
N LEU A 786 14.40 -3.78 27.57
CA LEU A 786 14.70 -2.94 28.75
C LEU A 786 16.02 -2.15 28.72
N ALA A 787 17.08 -2.69 28.09
CA ALA A 787 18.36 -2.02 28.00
C ALA A 787 18.70 -1.47 26.63
N THR A 788 17.76 -1.46 25.67
CA THR A 788 18.02 -0.88 24.35
C THR A 788 16.92 0.10 23.92
N ASP A 789 15.70 0.07 24.54
CA ASP A 789 14.65 1.01 24.13
C ASP A 789 13.64 1.42 25.26
N VAL A 790 13.97 1.25 26.57
CA VAL A 790 13.11 1.76 27.66
C VAL A 790 13.97 2.89 28.26
N THR A 791 14.01 4.01 27.53
CA THR A 791 14.89 5.16 27.72
C THR A 791 14.25 6.43 28.32
N CYS A 792 15.08 7.30 28.94
CA CYS A 792 14.70 8.60 29.49
C CYS A 792 14.79 9.62 28.38
N VAL A 793 13.74 10.42 28.14
CA VAL A 793 13.85 11.56 27.20
C VAL A 793 14.43 12.81 27.88
N GLY A 794 14.42 12.86 29.22
CA GLY A 794 14.93 13.97 30.00
C GLY A 794 14.90 13.67 31.48
N PRO A 795 15.25 14.63 32.35
CA PRO A 795 15.68 16.01 32.06
C PRO A 795 17.17 16.07 31.77
N GLY A 796 17.55 16.91 30.78
CA GLY A 796 18.92 17.16 30.37
C GLY A 796 19.93 16.03 30.48
N ALA A 797 20.58 15.93 31.65
CA ALA A 797 21.59 14.91 31.93
C ALA A 797 21.16 13.48 31.57
N HIS A 798 19.93 13.08 31.95
CA HIS A 798 19.46 11.72 31.70
C HIS A 798 18.96 11.47 30.27
N LYS A 799 19.00 12.46 29.35
CA LYS A 799 18.51 12.24 27.99
C LYS A 799 19.27 11.11 27.30
N GLY A 800 18.56 10.08 26.83
CA GLY A 800 19.20 8.94 26.18
C GLY A 800 19.57 7.77 27.08
N GLN A 801 19.56 7.96 28.42
CA GLN A 801 19.93 6.91 29.37
C GLN A 801 18.81 5.87 29.57
N SER A 802 19.16 4.61 29.85
CA SER A 802 18.15 3.57 30.14
C SER A 802 17.65 3.77 31.57
N VAL A 803 16.33 3.61 31.81
CA VAL A 803 15.78 3.80 33.15
C VAL A 803 16.27 2.70 34.13
N ILE A 804 16.60 1.50 33.61
CA ILE A 804 17.13 0.40 34.43
C ILE A 804 18.47 0.80 35.12
N SER A 805 19.29 1.63 34.45
CA SER A 805 20.59 2.07 34.98
C SER A 805 20.51 3.45 35.66
N LEU A 806 19.33 3.84 36.16
CA LEU A 806 19.13 5.16 36.74
C LEU A 806 19.31 5.17 38.25
N ASP A 807 20.12 6.09 38.78
CA ASP A 807 20.38 6.18 40.22
C ASP A 807 19.76 7.45 40.77
N LEU A 808 18.57 7.35 41.38
CA LEU A 808 17.88 8.51 41.93
C LEU A 808 18.12 8.65 43.44
N TYR A 809 19.34 8.36 43.92
CA TYR A 809 19.65 8.50 45.34
C TYR A 809 19.51 9.96 45.81
N THR A 810 19.78 10.93 44.92
CA THR A 810 19.65 12.35 45.23
C THR A 810 18.21 12.74 45.61
N CYS A 811 17.21 11.97 45.14
CA CYS A 811 15.81 12.21 45.49
C CYS A 811 15.49 11.94 46.97
N GLU A 812 16.35 11.18 47.67
CA GLU A 812 16.14 10.83 49.07
C GLU A 812 17.41 11.14 49.88
N LEU A 813 17.43 12.31 50.53
CA LEU A 813 18.56 12.73 51.37
C LEU A 813 18.02 13.35 52.67
N ALA B 5 12.34 42.38 5.77
CA ALA B 5 12.60 42.93 7.10
C ALA B 5 11.46 43.83 7.59
N ARG B 6 10.38 43.19 8.09
CA ARG B 6 9.19 43.85 8.64
C ARG B 6 9.57 44.57 9.93
N TRP B 7 9.01 45.77 10.16
CA TRP B 7 9.28 46.52 11.37
C TRP B 7 8.41 46.01 12.54
N PHE B 8 7.19 45.54 12.25
CA PHE B 8 6.23 45.04 13.25
C PHE B 8 5.84 43.61 12.93
N PRO B 9 6.11 42.62 13.82
CA PRO B 9 5.73 41.24 13.50
C PRO B 9 4.24 40.97 13.41
N LYS B 10 3.86 40.07 12.51
CA LYS B 10 2.47 39.67 12.39
C LYS B 10 2.28 38.56 13.41
N THR B 11 1.52 38.82 14.46
CA THR B 11 1.25 37.82 15.51
C THR B 11 -0.14 37.16 15.34
N LEU B 12 -1.06 37.77 14.54
CA LEU B 12 -2.40 37.24 14.31
C LEU B 12 -2.32 35.82 13.73
N PRO B 13 -3.08 34.85 14.29
CA PRO B 13 -3.02 33.48 13.75
C PRO B 13 -3.85 33.25 12.47
N CYS B 14 -4.04 34.28 11.63
CA CYS B 14 -4.85 34.19 10.42
C CYS B 14 -4.09 34.74 9.22
N ASP B 15 -4.39 34.24 8.02
CA ASP B 15 -3.74 34.72 6.81
C ASP B 15 -4.41 36.01 6.34
N VAL B 16 -3.67 37.13 6.39
CA VAL B 16 -4.20 38.42 5.95
C VAL B 16 -3.68 38.68 4.53
N THR B 17 -4.60 38.94 3.59
CA THR B 17 -4.31 39.23 2.20
C THR B 17 -4.95 40.57 1.87
N LEU B 18 -4.25 41.41 1.10
CA LEU B 18 -4.74 42.73 0.73
C LEU B 18 -5.00 42.76 -0.78
N ASP B 19 -6.21 43.16 -1.16
CA ASP B 19 -6.64 43.28 -2.55
C ASP B 19 -7.03 44.75 -2.78
N VAL B 20 -6.06 45.54 -3.20
CA VAL B 20 -6.21 46.99 -3.44
C VAL B 20 -7.21 47.32 -4.57
N SER B 21 -7.37 46.42 -5.55
CA SER B 21 -8.28 46.63 -6.67
C SER B 21 -9.74 46.75 -6.18
N LYS B 22 -10.26 45.71 -5.49
CA LYS B 22 -11.62 45.70 -4.98
C LYS B 22 -11.77 46.31 -3.57
N ASN B 23 -10.83 47.18 -3.10
CA ASN B 23 -10.88 47.77 -1.74
C ASN B 23 -11.05 46.71 -0.63
N HIS B 24 -10.77 45.42 -0.92
CA HIS B 24 -10.96 44.33 0.02
C HIS B 24 -9.72 43.99 0.84
N VAL B 25 -9.95 43.56 2.09
CA VAL B 25 -8.93 43.15 3.04
C VAL B 25 -9.42 41.80 3.60
N ILE B 26 -8.85 40.69 3.11
CA ILE B 26 -9.29 39.34 3.46
C ILE B 26 -8.51 38.77 4.64
N VAL B 27 -9.21 38.36 5.70
CA VAL B 27 -8.62 37.75 6.88
C VAL B 27 -9.16 36.30 6.94
N ASP B 28 -8.28 35.29 6.72
CA ASP B 28 -8.68 33.87 6.73
C ASP B 28 -8.17 33.12 7.97
N CYS B 29 -9.09 32.80 8.90
CA CYS B 29 -8.80 32.06 10.12
C CYS B 29 -9.35 30.62 10.00
N THR B 30 -9.39 30.03 8.79
CA THR B 30 -9.93 28.68 8.62
C THR B 30 -9.07 27.67 9.34
N ASP B 31 -9.68 26.86 10.22
CA ASP B 31 -8.99 25.81 10.95
C ASP B 31 -7.74 26.30 11.68
N LYS B 32 -7.95 27.14 12.70
CA LYS B 32 -6.88 27.67 13.52
C LYS B 32 -7.12 27.39 15.03
N HIS B 33 -7.95 26.37 15.35
CA HIS B 33 -8.23 25.94 16.73
C HIS B 33 -8.53 27.10 17.67
N LEU B 34 -9.37 28.05 17.20
CA LEU B 34 -9.71 29.24 17.95
C LEU B 34 -10.90 29.00 18.84
N THR B 35 -10.80 29.39 20.11
CA THR B 35 -11.91 29.36 21.06
C THR B 35 -12.58 30.77 21.16
N GLU B 36 -11.94 31.83 20.61
CA GLU B 36 -12.46 33.21 20.59
C GLU B 36 -12.04 33.85 19.25
N ILE B 37 -12.73 34.91 18.81
CA ILE B 37 -12.35 35.64 17.59
C ILE B 37 -11.03 36.36 17.93
N PRO B 38 -9.93 36.13 17.19
CA PRO B 38 -8.66 36.75 17.59
C PRO B 38 -8.68 38.27 17.65
N GLY B 39 -7.88 38.81 18.56
CA GLY B 39 -7.77 40.25 18.72
C GLY B 39 -6.83 40.84 17.69
N GLY B 40 -7.04 42.10 17.37
CA GLY B 40 -6.20 42.80 16.41
C GLY B 40 -6.47 42.48 14.96
N ILE B 41 -7.72 42.11 14.60
CA ILE B 41 -8.10 41.90 13.20
C ILE B 41 -8.10 43.32 12.55
N PRO B 42 -7.57 43.53 11.33
CA PRO B 42 -7.55 44.90 10.77
C PRO B 42 -8.93 45.57 10.74
N THR B 43 -8.99 46.87 11.05
CA THR B 43 -10.26 47.59 11.06
C THR B 43 -10.91 47.66 9.66
N ASN B 44 -10.11 47.78 8.59
CA ASN B 44 -10.67 47.87 7.24
C ASN B 44 -11.10 46.51 6.66
N THR B 45 -11.04 45.40 7.44
CA THR B 45 -11.42 44.03 7.02
C THR B 45 -12.78 44.01 6.33
N THR B 46 -12.84 43.39 5.14
CA THR B 46 -14.06 43.23 4.36
C THR B 46 -14.51 41.76 4.41
N ASN B 47 -13.62 40.80 4.11
CA ASN B 47 -13.94 39.37 4.12
C ASN B 47 -13.29 38.68 5.33
N LEU B 48 -14.10 38.25 6.31
CA LEU B 48 -13.60 37.55 7.50
C LEU B 48 -14.11 36.10 7.52
N THR B 49 -13.19 35.10 7.57
CA THR B 49 -13.55 33.68 7.60
C THR B 49 -13.07 33.05 8.90
N LEU B 50 -13.99 32.43 9.65
CA LEU B 50 -13.72 31.75 10.90
C LEU B 50 -14.26 30.32 10.86
N THR B 51 -14.18 29.66 9.68
CA THR B 51 -14.66 28.29 9.47
C THR B 51 -13.76 27.29 10.19
N ILE B 52 -14.36 26.21 10.74
CA ILE B 52 -13.67 25.14 11.45
C ILE B 52 -12.89 25.67 12.66
N ASN B 53 -13.61 26.20 13.62
CA ASN B 53 -13.07 26.69 14.88
C ASN B 53 -14.07 26.28 15.98
N HIS B 54 -13.81 26.62 17.24
CA HIS B 54 -14.69 26.26 18.34
C HIS B 54 -15.04 27.49 19.12
N ILE B 55 -15.49 28.54 18.41
CA ILE B 55 -15.91 29.80 19.00
C ILE B 55 -17.33 29.54 19.47
N PRO B 56 -17.60 29.60 20.79
CA PRO B 56 -18.93 29.24 21.27
C PRO B 56 -20.04 30.25 21.04
N ASP B 57 -19.71 31.52 20.79
CA ASP B 57 -20.74 32.54 20.65
C ASP B 57 -20.33 33.76 19.83
N ILE B 58 -21.34 34.48 19.32
CA ILE B 58 -21.21 35.73 18.59
C ILE B 58 -22.02 36.77 19.39
N SER B 59 -21.49 37.99 19.51
CA SER B 59 -22.14 39.08 20.25
C SER B 59 -21.77 40.44 19.63
N PRO B 60 -22.39 41.57 20.02
CA PRO B 60 -22.00 42.86 19.44
C PRO B 60 -20.48 43.15 19.53
N ALA B 61 -19.81 42.64 20.58
CA ALA B 61 -18.36 42.81 20.74
C ALA B 61 -17.52 42.10 19.65
N SER B 62 -18.08 41.03 19.03
CA SER B 62 -17.40 40.23 18.00
C SER B 62 -16.90 41.05 16.80
N PHE B 63 -17.75 41.93 16.26
CA PHE B 63 -17.40 42.74 15.08
C PHE B 63 -17.62 44.24 15.39
N HIS B 64 -17.30 44.66 16.62
CA HIS B 64 -17.50 46.04 17.09
C HIS B 64 -16.81 47.11 16.24
N ARG B 65 -15.56 46.89 15.89
CA ARG B 65 -14.80 47.85 15.08
C ARG B 65 -14.65 47.44 13.61
N LEU B 66 -15.11 46.24 13.23
CA LEU B 66 -15.01 45.76 11.86
C LEU B 66 -16.25 46.23 11.08
N VAL B 67 -16.52 47.54 11.13
CA VAL B 67 -17.69 48.15 10.48
C VAL B 67 -17.70 48.02 8.96
N HIS B 68 -16.55 47.74 8.32
CA HIS B 68 -16.48 47.65 6.86
C HIS B 68 -16.63 46.20 6.36
N LEU B 69 -17.22 45.29 7.17
CA LEU B 69 -17.38 43.89 6.77
C LEU B 69 -18.44 43.72 5.69
N VAL B 70 -18.07 43.07 4.58
CA VAL B 70 -18.99 42.73 3.49
C VAL B 70 -19.30 41.22 3.51
N GLU B 71 -18.42 40.37 4.07
CA GLU B 71 -18.66 38.93 4.16
C GLU B 71 -18.15 38.37 5.48
N ILE B 72 -18.97 37.56 6.15
CA ILE B 72 -18.61 36.85 7.38
C ILE B 72 -18.90 35.40 7.13
N ASP B 73 -17.87 34.56 7.07
CA ASP B 73 -18.04 33.13 6.89
C ASP B 73 -17.75 32.48 8.24
N PHE B 74 -18.79 32.18 9.02
CA PHE B 74 -18.68 31.57 10.35
C PHE B 74 -19.29 30.17 10.30
N ARG B 75 -18.82 29.34 9.36
CA ARG B 75 -19.33 27.98 9.19
C ARG B 75 -18.63 26.94 10.07
N CYS B 76 -19.35 25.87 10.39
CA CYS B 76 -18.85 24.69 11.09
C CYS B 76 -18.09 24.97 12.39
N ASN B 77 -18.66 25.82 13.25
CA ASN B 77 -18.12 26.04 14.60
C ASN B 77 -18.84 25.11 15.62
N CYS B 78 -20.03 24.57 15.27
CA CYS B 78 -20.76 23.58 16.06
C CYS B 78 -21.47 22.64 15.09
N VAL B 79 -20.68 22.03 14.19
CA VAL B 79 -21.17 21.11 13.16
C VAL B 79 -22.02 19.97 13.78
N PRO B 80 -23.20 19.57 13.20
CA PRO B 80 -23.99 18.49 13.82
C PRO B 80 -23.20 17.22 14.11
N ILE B 81 -23.50 16.56 15.24
CA ILE B 81 -22.77 15.38 15.73
C ILE B 81 -22.50 14.30 14.66
N ARG B 82 -23.48 13.97 13.80
CA ARG B 82 -23.29 12.94 12.77
C ARG B 82 -22.42 13.39 11.58
N LEU B 83 -22.26 14.72 11.37
CA LEU B 83 -21.45 15.27 10.28
C LEU B 83 -20.02 15.66 10.72
N GLY B 84 -19.87 16.07 11.97
CA GLY B 84 -18.60 16.53 12.51
C GLY B 84 -17.72 15.47 13.14
N SER B 85 -16.57 15.94 13.67
CA SER B 85 -15.55 15.11 14.34
C SER B 85 -16.13 14.48 15.62
N LYS B 86 -15.62 13.29 15.99
CA LYS B 86 -16.02 12.58 17.21
C LYS B 86 -14.99 12.77 18.34
N SER B 87 -13.70 12.99 17.98
CA SER B 87 -12.65 13.25 18.96
C SER B 87 -12.88 14.61 19.64
N ASN B 88 -13.39 15.61 18.88
CA ASN B 88 -13.69 16.93 19.44
C ASN B 88 -15.10 17.35 19.02
N MET B 89 -16.11 16.74 19.64
CA MET B 89 -17.51 17.05 19.36
C MET B 89 -17.89 18.40 19.98
N CYS B 90 -18.95 19.02 19.45
CA CYS B 90 -19.42 20.30 19.96
C CYS B 90 -20.27 20.09 21.22
N PRO B 91 -19.98 20.76 22.35
CA PRO B 91 -20.78 20.56 23.56
C PRO B 91 -22.15 21.27 23.53
N ARG B 92 -22.19 22.55 23.11
CA ARG B 92 -23.43 23.32 23.03
C ARG B 92 -23.50 24.06 21.69
N ARG B 93 -24.73 24.29 21.18
CA ARG B 93 -24.95 24.99 19.91
C ARG B 93 -24.42 26.44 19.94
N LEU B 94 -24.13 27.03 18.76
CA LEU B 94 -23.64 28.40 18.66
C LEU B 94 -24.67 29.37 19.23
N GLN B 95 -24.24 30.32 20.08
CA GLN B 95 -25.13 31.30 20.69
C GLN B 95 -24.91 32.67 20.04
N ILE B 96 -25.93 33.19 19.35
CA ILE B 96 -25.84 34.51 18.69
C ILE B 96 -26.64 35.48 19.55
N LYS B 97 -25.96 36.36 20.30
CA LYS B 97 -26.64 37.33 21.15
C LYS B 97 -27.26 38.46 20.29
N PRO B 98 -28.28 39.19 20.78
CA PRO B 98 -28.90 40.24 19.95
C PRO B 98 -27.96 41.36 19.50
N ARG B 99 -28.28 42.01 18.35
CA ARG B 99 -27.53 43.12 17.76
C ARG B 99 -26.11 42.75 17.35
N SER B 100 -25.86 41.47 17.03
CA SER B 100 -24.53 41.01 16.62
C SER B 100 -24.15 41.46 15.21
N PHE B 101 -25.15 41.56 14.31
CA PHE B 101 -24.95 41.94 12.91
C PHE B 101 -25.64 43.26 12.52
N SER B 102 -26.61 43.74 13.32
CA SER B 102 -27.34 44.96 13.00
C SER B 102 -26.44 46.18 12.72
N GLY B 103 -25.30 46.27 13.39
CA GLY B 103 -24.37 47.36 13.19
C GLY B 103 -23.62 47.31 11.87
N LEU B 104 -23.45 46.12 11.29
CA LEU B 104 -22.70 45.94 10.05
C LEU B 104 -23.54 46.31 8.83
N THR B 105 -23.69 47.62 8.60
CA THR B 105 -24.51 48.16 7.51
C THR B 105 -23.98 47.86 6.08
N TYR B 106 -22.77 47.29 5.94
CA TYR B 106 -22.21 46.92 4.63
C TYR B 106 -22.22 45.40 4.37
N LEU B 107 -22.72 44.58 5.33
CA LEU B 107 -22.71 43.11 5.21
C LEU B 107 -23.55 42.61 4.03
N LYS B 108 -22.92 41.96 3.03
CA LYS B 108 -23.58 41.41 1.85
C LYS B 108 -23.74 39.89 1.95
N SER B 109 -22.74 39.15 2.47
CA SER B 109 -22.80 37.69 2.58
C SER B 109 -22.54 37.22 4.00
N LEU B 110 -23.36 36.29 4.49
CA LEU B 110 -23.22 35.74 5.83
C LEU B 110 -23.49 34.25 5.76
N TYR B 111 -22.48 33.42 6.11
CA TYR B 111 -22.61 31.97 6.13
C TYR B 111 -22.57 31.52 7.58
N LEU B 112 -23.64 30.89 8.06
CA LEU B 112 -23.73 30.34 9.41
C LEU B 112 -24.11 28.85 9.34
N ASP B 113 -23.61 28.14 8.31
CA ASP B 113 -23.85 26.71 8.11
C ASP B 113 -23.16 25.89 9.20
N GLY B 114 -23.73 24.71 9.48
CA GLY B 114 -23.19 23.76 10.45
C GLY B 114 -22.89 24.33 11.81
N ASN B 115 -23.89 24.94 12.46
CA ASN B 115 -23.75 25.52 13.80
C ASN B 115 -24.86 25.11 14.78
N GLN B 116 -25.74 24.16 14.39
CA GLN B 116 -26.84 23.67 15.21
C GLN B 116 -27.80 24.78 15.68
N LEU B 117 -28.00 25.81 14.86
CA LEU B 117 -28.90 26.91 15.19
C LEU B 117 -30.35 26.41 15.13
N LEU B 118 -31.19 26.80 16.09
CA LEU B 118 -32.59 26.38 16.15
C LEU B 118 -33.53 27.27 15.37
N GLU B 119 -33.19 28.57 15.22
CA GLU B 119 -34.02 29.54 14.50
C GLU B 119 -33.20 30.43 13.57
N ILE B 120 -33.88 31.08 12.62
CA ILE B 120 -33.23 31.98 11.67
C ILE B 120 -32.68 33.19 12.44
N PRO B 121 -31.37 33.51 12.39
CA PRO B 121 -30.87 34.67 13.15
C PRO B 121 -31.60 35.96 12.82
N GLN B 122 -32.04 36.69 13.85
CA GLN B 122 -32.77 37.95 13.67
C GLN B 122 -31.84 39.15 13.88
N GLY B 123 -32.29 40.34 13.47
CA GLY B 123 -31.51 41.55 13.58
C GLY B 123 -30.38 41.61 12.58
N LEU B 124 -30.62 41.12 11.36
CA LEU B 124 -29.61 41.14 10.30
C LEU B 124 -29.74 42.46 9.53
N PRO B 125 -28.65 42.99 8.96
CA PRO B 125 -28.77 44.28 8.24
C PRO B 125 -29.56 44.23 6.94
N PRO B 126 -30.09 45.38 6.49
CA PRO B 126 -30.86 45.40 5.23
C PRO B 126 -30.01 45.28 3.96
N SER B 127 -28.67 45.34 4.10
CA SER B 127 -27.77 45.21 2.96
C SER B 127 -27.45 43.75 2.61
N LEU B 128 -27.93 42.77 3.40
CA LEU B 128 -27.61 41.36 3.17
C LEU B 128 -28.26 40.85 1.88
N GLN B 129 -27.46 40.16 1.05
CA GLN B 129 -27.87 39.59 -0.24
C GLN B 129 -27.77 38.06 -0.24
N LEU B 130 -26.84 37.48 0.54
CA LEU B 130 -26.69 36.03 0.64
C LEU B 130 -26.72 35.62 2.10
N LEU B 131 -27.59 34.65 2.44
CA LEU B 131 -27.68 34.09 3.79
C LEU B 131 -27.67 32.58 3.61
N SER B 132 -26.79 31.89 4.34
CA SER B 132 -26.63 30.43 4.25
C SER B 132 -26.76 29.84 5.66
N LEU B 133 -27.69 28.90 5.83
CA LEU B 133 -27.96 28.25 7.10
C LEU B 133 -28.09 26.73 6.92
N GLU B 134 -27.30 26.14 6.03
CA GLU B 134 -27.33 24.70 5.83
C GLU B 134 -26.80 23.95 7.07
N ALA B 135 -27.17 22.67 7.24
CA ALA B 135 -26.70 21.84 8.35
C ALA B 135 -26.92 22.45 9.76
N ASN B 136 -28.06 23.12 9.96
CA ASN B 136 -28.49 23.66 11.25
C ASN B 136 -29.76 22.85 11.67
N ASN B 137 -30.49 23.27 12.71
CA ASN B 137 -31.70 22.57 13.14
C ASN B 137 -32.90 23.52 12.99
N ILE B 138 -33.03 24.14 11.80
CA ILE B 138 -34.11 25.07 11.47
C ILE B 138 -35.03 24.32 10.51
N PHE B 139 -36.15 23.78 11.02
CA PHE B 139 -37.11 22.98 10.22
C PHE B 139 -38.54 23.51 10.30
N SER B 140 -38.70 24.83 10.50
CA SER B 140 -40.00 25.50 10.52
C SER B 140 -39.78 26.95 10.09
N ILE B 141 -40.18 27.29 8.86
CA ILE B 141 -40.03 28.61 8.28
C ILE B 141 -41.33 29.41 8.42
N ARG B 142 -41.27 30.53 9.16
CA ARG B 142 -42.41 31.41 9.38
C ARG B 142 -42.19 32.73 8.64
N LYS B 143 -43.28 33.31 8.09
CA LYS B 143 -43.25 34.54 7.31
C LYS B 143 -42.63 35.70 8.11
N GLU B 144 -42.94 35.80 9.41
CA GLU B 144 -42.42 36.85 10.28
C GLU B 144 -40.90 36.81 10.40
N GLN B 145 -40.30 35.61 10.48
CA GLN B 145 -38.84 35.48 10.61
C GLN B 145 -38.08 35.94 9.37
N LEU B 146 -38.69 35.85 8.16
CA LEU B 146 -38.04 36.29 6.91
C LEU B 146 -38.33 37.77 6.57
N THR B 147 -39.04 38.53 7.45
CA THR B 147 -39.37 39.94 7.22
C THR B 147 -38.09 40.76 7.05
N GLU B 148 -37.12 40.50 7.91
CA GLU B 148 -35.80 41.17 7.89
C GLU B 148 -35.01 40.95 6.59
N LEU B 149 -35.29 39.85 5.88
CA LEU B 149 -34.58 39.47 4.66
C LEU B 149 -35.15 40.11 3.38
N ALA B 150 -35.79 41.28 3.49
CA ALA B 150 -36.42 41.98 2.35
C ALA B 150 -35.57 42.06 1.05
N ASN B 151 -34.27 42.38 1.17
CA ASN B 151 -33.38 42.54 0.01
C ASN B 151 -32.54 41.29 -0.31
N ILE B 152 -32.89 40.11 0.25
CA ILE B 152 -32.08 38.91 0.04
C ILE B 152 -32.21 38.41 -1.39
N GLU B 153 -31.12 37.84 -1.95
CA GLU B 153 -31.05 37.33 -3.31
C GLU B 153 -30.75 35.83 -3.35
N ILE B 154 -29.95 35.33 -2.39
CA ILE B 154 -29.56 33.92 -2.34
C ILE B 154 -29.79 33.42 -0.93
N LEU B 155 -30.52 32.31 -0.81
CA LEU B 155 -30.91 31.77 0.49
C LEU B 155 -30.77 30.24 0.50
N TYR B 156 -29.80 29.72 1.29
CA TYR B 156 -29.58 28.28 1.42
C TYR B 156 -30.09 27.85 2.78
N LEU B 157 -31.09 26.96 2.80
CA LEU B 157 -31.69 26.43 4.03
C LEU B 157 -31.69 24.88 4.07
N GLY B 158 -30.99 24.21 3.14
CA GLY B 158 -30.97 22.77 3.05
C GLY B 158 -30.14 22.04 4.11
N GLN B 159 -30.28 20.72 4.15
CA GLN B 159 -29.54 19.86 5.08
C GLN B 159 -29.92 20.08 6.56
N ASN B 160 -31.11 20.66 6.81
CA ASN B 160 -31.61 20.90 8.16
C ASN B 160 -32.50 19.76 8.70
N CYS B 161 -32.82 18.75 7.88
CA CYS B 161 -33.61 17.61 8.34
C CYS B 161 -33.47 16.40 7.40
N TYR B 162 -32.36 15.68 7.50
CA TYR B 162 -32.13 14.49 6.69
C TYR B 162 -31.44 13.38 7.53
N TYR B 163 -31.05 12.23 6.95
CA TYR B 163 -30.49 11.12 7.74
C TYR B 163 -29.22 11.50 8.54
N ARG B 164 -28.31 12.34 8.02
CA ARG B 164 -27.10 12.77 8.76
C ARG B 164 -27.39 13.93 9.75
N ASN B 165 -28.63 14.45 9.79
CA ASN B 165 -28.98 15.56 10.69
C ASN B 165 -30.52 15.58 10.84
N PRO B 166 -31.09 14.58 11.54
CA PRO B 166 -32.55 14.50 11.64
C PRO B 166 -33.23 15.51 12.52
N CYS B 167 -34.46 15.86 12.15
CA CYS B 167 -35.33 16.74 12.93
C CYS B 167 -36.57 15.98 13.46
N TYR B 168 -36.80 14.71 13.02
CA TYR B 168 -37.86 13.81 13.48
C TYR B 168 -39.30 14.27 13.17
N VAL B 169 -39.48 15.35 12.41
CA VAL B 169 -40.79 15.85 11.99
C VAL B 169 -40.70 16.32 10.53
N SER B 170 -41.85 16.52 9.86
CA SER B 170 -41.85 17.04 8.50
C SER B 170 -41.44 18.53 8.56
N TYR B 171 -40.82 19.02 7.49
CA TYR B 171 -40.41 20.42 7.41
C TYR B 171 -41.68 21.25 7.22
N SER B 172 -41.80 22.37 7.95
CA SER B 172 -42.98 23.24 7.84
C SER B 172 -42.58 24.56 7.23
N ILE B 173 -43.37 25.05 6.28
CA ILE B 173 -43.16 26.35 5.65
C ILE B 173 -44.52 27.03 5.66
N GLU B 174 -44.59 28.25 6.21
CA GLU B 174 -45.83 29.01 6.26
C GLU B 174 -46.25 29.42 4.83
N LYS B 175 -47.56 29.63 4.61
CA LYS B 175 -48.04 30.01 3.27
C LYS B 175 -47.50 31.40 2.93
N ASP B 176 -47.01 31.60 1.68
CA ASP B 176 -46.45 32.87 1.21
C ASP B 176 -45.29 33.37 2.10
N ALA B 177 -44.49 32.45 2.68
CA ALA B 177 -43.38 32.84 3.54
C ALA B 177 -42.32 33.63 2.76
N PHE B 178 -41.96 33.17 1.54
CA PHE B 178 -40.96 33.83 0.69
C PHE B 178 -41.56 34.81 -0.31
N LEU B 179 -42.90 34.96 -0.38
CA LEU B 179 -43.55 35.80 -1.38
C LEU B 179 -43.09 37.25 -1.37
N ASN B 180 -42.91 37.88 -0.19
CA ASN B 180 -42.49 39.28 -0.14
C ASN B 180 -40.96 39.46 -0.24
N LEU B 181 -40.20 38.40 -0.56
CA LEU B 181 -38.76 38.52 -0.80
C LEU B 181 -38.65 38.85 -2.30
N THR B 182 -38.98 40.10 -2.62
CA THR B 182 -39.11 40.62 -3.98
C THR B 182 -37.80 40.68 -4.81
N LYS B 183 -36.65 40.28 -4.24
CA LYS B 183 -35.36 40.24 -4.96
C LYS B 183 -34.74 38.82 -4.96
N LEU B 184 -35.45 37.80 -4.40
CA LEU B 184 -34.96 36.42 -4.26
C LEU B 184 -34.77 35.70 -5.60
N LYS B 185 -33.51 35.43 -5.99
CA LYS B 185 -33.15 34.73 -7.22
C LYS B 185 -32.84 33.24 -6.98
N VAL B 186 -32.20 32.89 -5.84
CA VAL B 186 -31.87 31.49 -5.57
C VAL B 186 -32.47 31.07 -4.23
N LEU B 187 -33.17 29.92 -4.22
CA LEU B 187 -33.75 29.36 -3.02
C LEU B 187 -33.44 27.88 -3.02
N SER B 188 -32.87 27.37 -1.92
CA SER B 188 -32.53 25.96 -1.82
C SER B 188 -33.06 25.38 -0.51
N LEU B 189 -34.03 24.45 -0.63
CA LEU B 189 -34.63 23.72 0.49
C LEU B 189 -34.33 22.21 0.36
N LYS B 190 -33.15 21.85 -0.20
CA LYS B 190 -32.71 20.46 -0.41
C LYS B 190 -32.49 19.71 0.91
N ASP B 191 -32.55 18.37 0.89
CA ASP B 191 -32.26 17.53 2.06
C ASP B 191 -32.95 18.03 3.35
N ASN B 192 -34.27 18.35 3.29
CA ASN B 192 -35.01 18.93 4.41
C ASN B 192 -36.28 18.20 4.87
N ASN B 193 -36.69 17.10 4.24
CA ASN B 193 -37.90 16.39 4.65
C ASN B 193 -39.15 17.29 4.43
N VAL B 194 -39.19 17.97 3.26
CA VAL B 194 -40.28 18.86 2.83
C VAL B 194 -41.35 18.00 2.18
N THR B 195 -42.64 18.21 2.49
CA THR B 195 -43.72 17.40 1.94
C THR B 195 -44.49 18.04 0.76
N THR B 196 -44.46 19.37 0.59
CA THR B 196 -45.12 20.05 -0.52
C THR B 196 -44.27 21.20 -1.02
N VAL B 197 -44.45 21.61 -2.30
CA VAL B 197 -43.73 22.74 -2.86
C VAL B 197 -44.24 24.00 -2.16
N PRO B 198 -43.39 24.81 -1.49
CA PRO B 198 -43.92 25.99 -0.81
C PRO B 198 -44.49 26.98 -1.81
N THR B 199 -45.68 27.51 -1.52
CA THR B 199 -46.32 28.49 -2.40
C THR B 199 -46.86 29.65 -1.55
N VAL B 200 -47.00 30.88 -2.10
CA VAL B 200 -46.60 31.28 -3.45
C VAL B 200 -45.15 31.75 -3.36
N LEU B 201 -44.32 31.37 -4.34
CA LEU B 201 -42.91 31.77 -4.35
C LEU B 201 -42.74 33.08 -5.15
N PRO B 202 -41.70 33.91 -4.85
CA PRO B 202 -41.54 35.17 -5.62
C PRO B 202 -41.18 34.89 -7.07
N SER B 203 -41.88 35.54 -8.03
CA SER B 203 -41.66 35.35 -9.47
C SER B 203 -40.25 35.70 -9.96
N THR B 204 -39.46 36.39 -9.13
CA THR B 204 -38.11 36.76 -9.50
C THR B 204 -37.09 35.58 -9.33
N LEU B 205 -37.55 34.36 -8.92
CA LEU B 205 -36.68 33.20 -8.75
C LEU B 205 -36.08 32.72 -10.08
N THR B 206 -34.75 32.50 -10.11
CA THR B 206 -33.99 31.95 -11.23
C THR B 206 -33.54 30.51 -10.95
N GLU B 207 -33.36 30.12 -9.68
CA GLU B 207 -32.92 28.75 -9.35
C GLU B 207 -33.70 28.27 -8.14
N LEU B 208 -34.31 27.07 -8.23
CA LEU B 208 -35.08 26.47 -7.14
C LEU B 208 -34.65 25.02 -6.97
N TYR B 209 -34.11 24.69 -5.77
CA TYR B 209 -33.63 23.35 -5.45
C TYR B 209 -34.50 22.77 -4.34
N LEU B 210 -35.27 21.72 -4.67
CA LEU B 210 -36.16 21.03 -3.74
C LEU B 210 -35.90 19.52 -3.77
N TYR B 211 -34.63 19.11 -3.95
CA TYR B 211 -34.31 17.69 -4.05
C TYR B 211 -34.04 17.02 -2.71
N ASN B 212 -34.19 15.68 -2.68
CA ASN B 212 -34.00 14.85 -1.51
C ASN B 212 -34.95 15.29 -0.40
N ASN B 213 -36.25 15.21 -0.70
CA ASN B 213 -37.34 15.59 0.21
C ASN B 213 -38.47 14.50 0.17
N MET B 214 -39.63 14.77 0.82
CA MET B 214 -40.80 13.89 0.88
C MET B 214 -41.94 14.50 0.05
N ILE B 215 -41.63 15.10 -1.11
CA ILE B 215 -42.67 15.66 -1.99
C ILE B 215 -43.15 14.49 -2.86
N ALA B 216 -44.39 14.04 -2.63
CA ALA B 216 -44.98 12.92 -3.38
C ALA B 216 -45.73 13.39 -4.63
N GLU B 217 -46.18 14.66 -4.66
CA GLU B 217 -46.98 15.19 -5.74
C GLU B 217 -46.73 16.66 -5.95
N ILE B 218 -46.78 17.11 -7.21
CA ILE B 218 -46.67 18.51 -7.59
C ILE B 218 -48.06 18.96 -8.04
N GLN B 219 -48.54 20.12 -7.57
CA GLN B 219 -49.82 20.67 -8.00
C GLN B 219 -49.60 21.42 -9.32
N GLU B 220 -50.61 21.47 -10.20
CA GLU B 220 -50.48 22.13 -11.49
C GLU B 220 -50.12 23.61 -11.42
N ASP B 221 -50.27 24.24 -10.24
CA ASP B 221 -50.00 25.67 -10.05
C ASP B 221 -48.85 25.96 -9.08
N ASP B 222 -48.02 24.95 -8.74
CA ASP B 222 -46.89 25.13 -7.83
C ASP B 222 -45.83 26.07 -8.43
N PHE B 223 -45.69 26.13 -9.76
CA PHE B 223 -44.72 27.00 -10.43
C PHE B 223 -45.41 27.87 -11.49
N ASN B 224 -46.67 28.31 -11.20
CA ASN B 224 -47.46 29.12 -12.15
C ASN B 224 -46.94 30.53 -12.37
N ASN B 225 -46.13 31.08 -11.46
CA ASN B 225 -45.64 32.44 -11.60
C ASN B 225 -44.13 32.54 -11.77
N LEU B 226 -43.39 31.43 -11.75
CA LEU B 226 -41.93 31.48 -11.85
C LEU B 226 -41.49 31.58 -13.32
N ASN B 227 -41.93 32.67 -13.99
CA ASN B 227 -41.61 32.94 -15.39
C ASN B 227 -40.13 33.29 -15.67
N GLN B 228 -39.29 33.42 -14.62
CA GLN B 228 -37.85 33.70 -14.78
C GLN B 228 -36.98 32.51 -14.31
N LEU B 229 -37.59 31.35 -13.98
CA LEU B 229 -36.85 30.20 -13.49
C LEU B 229 -35.97 29.61 -14.58
N GLN B 230 -34.70 29.37 -14.25
CA GLN B 230 -33.69 28.83 -15.14
C GLN B 230 -33.30 27.42 -14.71
N ILE B 231 -33.19 27.18 -13.40
CA ILE B 231 -32.82 25.87 -12.88
C ILE B 231 -33.92 25.38 -11.95
N LEU B 232 -34.39 24.14 -12.15
CA LEU B 232 -35.37 23.50 -11.28
C LEU B 232 -34.87 22.09 -11.01
N ASP B 233 -34.74 21.73 -9.73
CA ASP B 233 -34.26 20.42 -9.33
C ASP B 233 -35.29 19.81 -8.38
N LEU B 234 -35.97 18.73 -8.81
CA LEU B 234 -36.95 18.03 -7.99
C LEU B 234 -36.50 16.58 -7.74
N SER B 235 -35.17 16.30 -7.80
CA SER B 235 -34.61 14.96 -7.65
C SER B 235 -34.82 14.35 -6.27
N GLY B 236 -34.74 13.03 -6.17
CA GLY B 236 -34.87 12.35 -4.88
C GLY B 236 -36.18 12.58 -4.14
N ASN B 237 -37.28 12.73 -4.88
CA ASN B 237 -38.62 12.86 -4.32
C ASN B 237 -39.31 11.65 -4.91
N CYS B 238 -39.58 10.63 -4.08
CA CYS B 238 -40.01 9.28 -4.51
C CYS B 238 -38.77 8.65 -5.15
N PRO B 239 -37.72 8.40 -4.37
CA PRO B 239 -36.47 7.90 -4.95
C PRO B 239 -36.47 6.45 -5.39
N ARG B 240 -35.58 6.12 -6.33
CA ARG B 240 -35.34 4.76 -6.77
C ARG B 240 -34.26 4.31 -5.80
N CYS B 241 -34.58 3.37 -4.90
CA CYS B 241 -33.67 2.94 -3.84
C CYS B 241 -32.83 1.70 -4.13
N TYR B 242 -32.95 1.05 -5.31
CA TYR B 242 -32.18 -0.15 -5.59
C TYR B 242 -30.66 0.13 -5.56
N ASN B 243 -29.93 -0.46 -4.57
CA ASN B 243 -28.49 -0.29 -4.35
C ASN B 243 -28.11 1.15 -3.93
N ALA B 244 -28.98 1.84 -3.19
CA ALA B 244 -28.67 3.18 -2.70
C ALA B 244 -27.65 3.03 -1.56
N PRO B 245 -26.50 3.72 -1.61
CA PRO B 245 -25.52 3.60 -0.52
C PRO B 245 -25.80 4.55 0.66
N PHE B 246 -27.08 4.95 0.84
CA PHE B 246 -27.54 5.80 1.92
C PHE B 246 -28.98 5.38 2.30
N PRO B 247 -29.49 5.69 3.52
CA PRO B 247 -30.87 5.29 3.87
C PRO B 247 -31.85 5.93 2.89
N CYS B 248 -32.66 5.09 2.21
CA CYS B 248 -33.52 5.50 1.12
C CYS B 248 -34.93 4.90 1.31
N THR B 249 -35.97 5.76 1.42
CA THR B 249 -37.34 5.30 1.56
C THR B 249 -38.12 5.72 0.30
N PRO B 250 -38.56 4.75 -0.54
CA PRO B 250 -39.31 5.12 -1.74
C PRO B 250 -40.78 5.45 -1.43
N CYS B 251 -41.47 6.05 -2.39
CA CYS B 251 -42.89 6.36 -2.21
C CYS B 251 -43.69 5.05 -2.21
N LYS B 252 -44.79 5.01 -1.45
CA LYS B 252 -45.61 3.80 -1.34
C LYS B 252 -46.08 3.28 -2.69
N ASN B 253 -46.31 1.96 -2.79
CA ASN B 253 -46.78 1.31 -4.02
C ASN B 253 -45.79 1.47 -5.19
N ASN B 254 -44.50 1.82 -4.92
CA ASN B 254 -43.48 2.08 -5.95
C ASN B 254 -43.95 3.22 -6.91
N SER B 255 -44.83 4.13 -6.45
CA SER B 255 -45.35 5.18 -7.32
C SER B 255 -44.31 6.27 -7.56
N PRO B 256 -44.37 6.95 -8.72
CA PRO B 256 -43.40 8.03 -8.98
C PRO B 256 -43.79 9.38 -8.38
N LEU B 257 -42.94 10.41 -8.58
CA LEU B 257 -43.27 11.79 -8.21
C LEU B 257 -44.35 12.18 -9.23
N GLN B 258 -45.57 12.46 -8.76
CA GLN B 258 -46.66 12.78 -9.68
C GLN B 258 -46.56 14.23 -10.12
N ILE B 259 -46.30 14.47 -11.41
CA ILE B 259 -46.19 15.83 -11.95
C ILE B 259 -47.29 16.02 -13.02
N PRO B 260 -48.26 16.92 -12.82
CA PRO B 260 -49.27 17.15 -13.86
C PRO B 260 -48.65 17.55 -15.21
N VAL B 261 -49.31 17.15 -16.30
CA VAL B 261 -48.77 17.43 -17.64
C VAL B 261 -48.54 18.94 -17.91
N ASN B 262 -49.24 19.83 -17.21
CA ASN B 262 -49.10 21.28 -17.40
C ASN B 262 -48.34 21.99 -16.26
N ALA B 263 -47.59 21.25 -15.43
CA ALA B 263 -46.90 21.84 -14.28
C ALA B 263 -45.76 22.81 -14.62
N PHE B 264 -45.10 22.63 -15.77
CA PHE B 264 -43.98 23.48 -16.17
C PHE B 264 -44.35 24.53 -17.24
N ASP B 265 -45.65 24.80 -17.46
CA ASP B 265 -46.08 25.74 -18.50
C ASP B 265 -45.56 27.18 -18.37
N ALA B 266 -45.47 27.71 -17.15
CA ALA B 266 -44.99 29.07 -16.92
C ALA B 266 -43.46 29.22 -17.01
N LEU B 267 -42.71 28.09 -17.06
CA LEU B 267 -41.26 28.08 -17.03
C LEU B 267 -40.65 28.24 -18.42
N THR B 268 -41.00 29.32 -19.12
CA THR B 268 -40.50 29.59 -20.46
C THR B 268 -38.98 29.86 -20.51
N GLU B 269 -38.36 30.18 -19.37
CA GLU B 269 -36.91 30.44 -19.31
C GLU B 269 -36.11 29.25 -18.77
N LEU B 270 -36.74 28.09 -18.51
CA LEU B 270 -36.03 26.94 -17.93
C LEU B 270 -34.94 26.42 -18.85
N LYS B 271 -33.72 26.33 -18.31
CA LYS B 271 -32.52 25.84 -19.00
C LYS B 271 -32.10 24.49 -18.43
N VAL B 272 -32.24 24.28 -17.11
CA VAL B 272 -31.87 23.02 -16.47
C VAL B 272 -33.07 22.46 -15.73
N LEU B 273 -33.40 21.18 -15.98
CA LEU B 273 -34.47 20.45 -15.29
C LEU B 273 -33.86 19.16 -14.84
N ARG B 274 -33.87 18.89 -13.53
CA ARG B 274 -33.27 17.68 -12.99
C ARG B 274 -34.33 16.84 -12.31
N LEU B 275 -34.62 15.66 -12.88
CA LEU B 275 -35.59 14.70 -12.37
C LEU B 275 -34.89 13.37 -12.11
N HIS B 276 -33.80 13.44 -11.36
CA HIS B 276 -33.00 12.28 -11.00
C HIS B 276 -33.64 11.57 -9.82
N SER B 277 -33.74 10.24 -9.86
CA SER B 277 -34.27 9.47 -8.75
C SER B 277 -35.67 9.90 -8.33
N ASN B 278 -36.59 9.90 -9.29
CA ASN B 278 -38.01 10.22 -9.06
C ASN B 278 -38.93 9.01 -9.38
N SER B 279 -38.34 7.80 -9.61
CA SER B 279 -39.06 6.56 -9.91
C SER B 279 -40.04 6.73 -11.09
N LEU B 280 -39.73 7.63 -12.03
CA LEU B 280 -40.60 7.90 -13.18
C LEU B 280 -40.65 6.69 -14.10
N GLN B 281 -41.83 6.36 -14.61
CA GLN B 281 -42.01 5.27 -15.56
C GLN B 281 -42.31 5.81 -16.97
N HIS B 282 -42.88 7.04 -17.06
CA HIS B 282 -43.20 7.71 -18.32
C HIS B 282 -42.74 9.18 -18.26
N VAL B 283 -42.39 9.76 -19.43
CA VAL B 283 -42.02 11.18 -19.53
C VAL B 283 -43.01 11.77 -20.55
N PRO B 284 -44.11 12.40 -20.12
CA PRO B 284 -45.10 12.88 -21.10
C PRO B 284 -44.59 14.02 -21.96
N PRO B 285 -44.70 13.93 -23.31
CA PRO B 285 -44.24 15.04 -24.15
C PRO B 285 -44.81 16.41 -23.77
N ARG B 286 -46.05 16.40 -23.28
CA ARG B 286 -46.76 17.62 -22.88
C ARG B 286 -45.99 18.46 -21.85
N TRP B 287 -45.14 17.85 -20.99
CA TRP B 287 -44.34 18.62 -20.02
C TRP B 287 -43.53 19.75 -20.69
N PHE B 288 -42.93 19.46 -21.87
CA PHE B 288 -42.04 20.38 -22.60
C PHE B 288 -42.71 21.19 -23.71
N LYS B 289 -44.05 21.31 -23.69
CA LYS B 289 -44.78 22.07 -24.71
C LYS B 289 -44.31 23.54 -24.74
N ASN B 290 -44.25 24.22 -23.57
CA ASN B 290 -43.85 25.62 -23.44
C ASN B 290 -42.37 25.82 -23.04
N ILE B 291 -41.59 24.73 -22.88
CA ILE B 291 -40.17 24.85 -22.54
C ILE B 291 -39.40 24.60 -23.84
N ASN B 292 -39.04 25.67 -24.53
CA ASN B 292 -38.34 25.56 -25.80
C ASN B 292 -36.83 25.66 -25.62
N ASN B 293 -36.36 26.46 -24.64
CA ASN B 293 -34.93 26.68 -24.43
C ASN B 293 -34.27 25.73 -23.42
N LEU B 294 -34.84 24.51 -23.20
CA LEU B 294 -34.25 23.57 -22.24
C LEU B 294 -32.92 23.05 -22.75
N GLN B 295 -31.85 23.20 -21.95
CA GLN B 295 -30.50 22.81 -22.32
C GLN B 295 -30.02 21.54 -21.62
N GLU B 296 -30.30 21.36 -20.32
CA GLU B 296 -29.86 20.18 -19.57
C GLU B 296 -31.06 19.44 -18.97
N LEU B 297 -31.10 18.11 -19.16
CA LEU B 297 -32.18 17.27 -18.63
C LEU B 297 -31.59 16.01 -18.01
N ASP B 298 -31.74 15.86 -16.69
CA ASP B 298 -31.25 14.68 -15.98
C ASP B 298 -32.45 13.80 -15.65
N LEU B 299 -32.53 12.59 -16.24
CA LEU B 299 -33.58 11.62 -15.97
C LEU B 299 -32.95 10.28 -15.50
N SER B 300 -31.81 10.33 -14.79
CA SER B 300 -31.14 9.15 -14.27
C SER B 300 -31.80 8.62 -12.99
N GLN B 301 -31.66 7.31 -12.72
CA GLN B 301 -32.24 6.66 -11.56
C GLN B 301 -33.76 6.72 -11.56
N ASN B 302 -34.37 6.33 -12.67
CA ASN B 302 -35.81 6.23 -12.80
C ASN B 302 -36.09 4.81 -13.37
N PHE B 303 -37.32 4.53 -13.81
CA PHE B 303 -37.67 3.24 -14.40
C PHE B 303 -38.11 3.50 -15.83
N LEU B 304 -37.27 4.21 -16.58
CA LEU B 304 -37.56 4.64 -17.95
C LEU B 304 -36.90 3.72 -18.99
N ALA B 305 -36.67 2.42 -18.68
CA ALA B 305 -36.07 1.51 -19.67
C ALA B 305 -36.96 1.36 -20.91
N LYS B 306 -38.28 1.14 -20.71
CA LYS B 306 -39.21 1.00 -21.85
C LYS B 306 -39.40 2.34 -22.54
N GLU B 307 -39.47 3.44 -21.77
CA GLU B 307 -39.63 4.78 -22.35
C GLU B 307 -38.47 5.13 -23.30
N ILE B 308 -37.23 4.69 -23.03
CA ILE B 308 -36.10 4.97 -23.93
C ILE B 308 -36.37 4.47 -25.38
N GLY B 309 -37.19 3.43 -25.52
CA GLY B 309 -37.54 2.87 -26.82
C GLY B 309 -38.63 3.63 -27.57
N ASP B 310 -39.40 4.48 -26.86
CA ASP B 310 -40.47 5.28 -27.45
C ASP B 310 -40.06 6.78 -27.44
N ALA B 311 -39.84 7.35 -26.24
CA ALA B 311 -39.33 8.70 -26.00
C ALA B 311 -39.86 9.82 -26.93
N LYS B 312 -41.19 9.90 -27.12
CA LYS B 312 -41.78 10.93 -27.98
C LYS B 312 -41.50 12.36 -27.48
N PHE B 313 -41.25 12.54 -26.17
CA PHE B 313 -40.94 13.87 -25.63
C PHE B 313 -39.68 14.52 -26.23
N LEU B 314 -38.75 13.73 -26.81
CA LEU B 314 -37.52 14.26 -27.39
C LEU B 314 -37.79 15.17 -28.60
N HIS B 315 -38.96 15.03 -29.26
CA HIS B 315 -39.35 15.89 -30.38
C HIS B 315 -39.58 17.35 -29.93
N PHE B 316 -39.83 17.60 -28.62
CA PHE B 316 -40.03 18.95 -28.08
C PHE B 316 -38.75 19.52 -27.46
N LEU B 317 -37.55 18.93 -27.75
CA LEU B 317 -36.29 19.36 -27.14
C LEU B 317 -35.16 19.57 -28.19
N PRO B 318 -35.36 20.45 -29.19
CA PRO B 318 -34.31 20.67 -30.21
C PRO B 318 -33.11 21.50 -29.75
N ASN B 319 -33.20 22.20 -28.60
CA ASN B 319 -32.08 23.01 -28.07
C ASN B 319 -31.37 22.34 -26.89
N LEU B 320 -31.62 21.03 -26.64
CA LEU B 320 -31.03 20.30 -25.53
C LEU B 320 -29.58 19.97 -25.84
N ILE B 321 -28.67 20.34 -24.93
CA ILE B 321 -27.23 20.10 -25.03
C ILE B 321 -26.85 18.82 -24.30
N GLN B 322 -27.39 18.61 -23.10
CA GLN B 322 -27.06 17.45 -22.28
C GLN B 322 -28.31 16.65 -21.92
N LEU B 323 -28.22 15.31 -22.09
CA LEU B 323 -29.28 14.36 -21.76
C LEU B 323 -28.70 13.20 -20.99
N ASP B 324 -29.21 12.96 -19.78
CA ASP B 324 -28.75 11.85 -18.96
C ASP B 324 -29.91 10.88 -18.71
N LEU B 325 -29.78 9.63 -19.17
CA LEU B 325 -30.77 8.58 -18.97
C LEU B 325 -30.12 7.35 -18.30
N SER B 326 -29.10 7.58 -17.43
CA SER B 326 -28.37 6.51 -16.75
C SER B 326 -29.17 5.84 -15.64
N PHE B 327 -28.82 4.58 -15.35
CA PHE B 327 -29.42 3.74 -14.33
C PHE B 327 -30.95 3.77 -14.35
N ASN B 328 -31.48 3.29 -15.48
CA ASN B 328 -32.93 3.13 -15.70
C ASN B 328 -33.28 1.64 -15.96
N PHE B 329 -32.32 0.70 -15.77
CA PHE B 329 -32.56 -0.73 -16.00
C PHE B 329 -33.75 -1.28 -15.24
N GLU B 330 -34.32 -2.37 -15.74
CA GLU B 330 -35.39 -3.06 -15.02
C GLU B 330 -34.63 -4.01 -14.08
N LEU B 331 -34.84 -3.85 -12.77
CA LEU B 331 -34.14 -4.57 -11.69
C LEU B 331 -33.75 -6.05 -11.99
N GLN B 332 -34.62 -6.83 -12.66
CA GLN B 332 -34.32 -8.25 -12.93
C GLN B 332 -34.25 -8.63 -14.41
N VAL B 333 -33.94 -7.69 -15.34
CA VAL B 333 -33.87 -8.00 -16.78
C VAL B 333 -32.52 -7.61 -17.37
N TYR B 334 -31.82 -8.58 -17.98
CA TYR B 334 -30.57 -8.36 -18.70
C TYR B 334 -30.95 -8.37 -20.18
N ARG B 335 -31.27 -7.19 -20.75
CA ARG B 335 -31.72 -7.08 -22.13
C ARG B 335 -30.71 -7.63 -23.13
N ALA B 336 -31.19 -8.11 -24.27
CA ALA B 336 -30.32 -8.63 -25.32
C ALA B 336 -29.64 -7.50 -26.08
N SER B 337 -30.29 -6.32 -26.20
CA SER B 337 -29.78 -5.20 -26.97
C SER B 337 -30.36 -3.87 -26.49
N MET B 338 -29.77 -2.74 -26.90
CA MET B 338 -30.28 -1.42 -26.52
C MET B 338 -31.27 -0.88 -27.55
N ASN B 339 -32.49 -0.54 -27.10
CA ASN B 339 -33.53 0.00 -27.96
C ASN B 339 -33.60 1.53 -27.82
N LEU B 340 -32.87 2.28 -28.67
CA LEU B 340 -32.90 3.74 -28.69
C LEU B 340 -33.96 4.16 -29.69
N SER B 341 -34.96 4.94 -29.27
CA SER B 341 -36.01 5.42 -30.16
C SER B 341 -35.45 6.25 -31.32
N GLN B 342 -36.13 6.25 -32.48
CA GLN B 342 -35.72 7.14 -33.59
C GLN B 342 -35.89 8.62 -33.20
N ALA B 343 -36.65 8.93 -32.11
CA ALA B 343 -36.84 10.31 -31.64
C ALA B 343 -35.53 10.96 -31.21
N PHE B 344 -34.52 10.16 -30.81
CA PHE B 344 -33.19 10.70 -30.45
C PHE B 344 -32.57 11.47 -31.64
N SER B 345 -32.97 11.16 -32.90
CA SER B 345 -32.48 11.88 -34.08
C SER B 345 -32.96 13.33 -34.14
N SER B 346 -34.04 13.68 -33.43
CA SER B 346 -34.56 15.05 -33.40
C SER B 346 -33.83 15.94 -32.37
N LEU B 347 -32.78 15.43 -31.68
CA LEU B 347 -32.03 16.22 -30.70
C LEU B 347 -30.85 16.92 -31.40
N LYS B 348 -31.17 17.83 -32.35
CA LYS B 348 -30.21 18.56 -33.17
C LYS B 348 -29.03 19.20 -32.42
N SER B 349 -29.28 19.79 -31.23
CA SER B 349 -28.23 20.47 -30.48
C SER B 349 -27.47 19.61 -29.45
N LEU B 350 -27.74 18.30 -29.38
CA LEU B 350 -27.13 17.45 -28.35
C LEU B 350 -25.62 17.30 -28.48
N LYS B 351 -24.91 17.51 -27.36
CA LYS B 351 -23.47 17.38 -27.24
C LYS B 351 -23.10 16.20 -26.34
N ILE B 352 -23.83 16.01 -25.22
CA ILE B 352 -23.54 14.93 -24.28
C ILE B 352 -24.77 14.04 -24.10
N LEU B 353 -24.59 12.72 -24.28
CA LEU B 353 -25.63 11.73 -24.08
C LEU B 353 -25.03 10.66 -23.18
N ARG B 354 -25.61 10.45 -21.99
CA ARG B 354 -25.13 9.43 -21.08
C ARG B 354 -26.24 8.42 -20.84
N ILE B 355 -25.95 7.12 -21.06
CA ILE B 355 -26.90 6.05 -20.82
C ILE B 355 -26.16 4.89 -20.16
N ARG B 356 -25.62 5.13 -18.97
CA ARG B 356 -25.02 4.07 -18.16
C ARG B 356 -26.18 3.25 -17.53
N GLY B 357 -25.89 2.10 -16.96
CA GLY B 357 -26.91 1.30 -16.28
C GLY B 357 -28.19 1.03 -17.04
N TYR B 358 -28.13 0.93 -18.37
CA TYR B 358 -29.27 0.49 -19.18
C TYR B 358 -29.30 -1.05 -19.03
N VAL B 359 -28.11 -1.72 -19.11
CA VAL B 359 -27.86 -3.14 -18.90
C VAL B 359 -28.37 -3.99 -20.08
N PHE B 360 -27.44 -4.35 -20.99
CA PHE B 360 -27.74 -5.13 -22.19
C PHE B 360 -26.50 -5.91 -22.67
N LYS B 361 -26.74 -7.07 -23.31
CA LYS B 361 -25.67 -8.00 -23.72
C LYS B 361 -24.87 -7.57 -24.95
N GLU B 362 -25.54 -7.21 -26.06
CA GLU B 362 -24.83 -6.91 -27.30
C GLU B 362 -25.19 -5.56 -27.87
N LEU B 363 -24.16 -4.76 -28.19
CA LEU B 363 -24.32 -3.48 -28.85
C LEU B 363 -24.03 -3.74 -30.34
N LYS B 364 -24.95 -3.34 -31.22
CA LYS B 364 -24.81 -3.49 -32.67
C LYS B 364 -24.82 -2.10 -33.31
N SER B 365 -24.08 -1.94 -34.41
CA SER B 365 -23.91 -0.64 -35.08
C SER B 365 -25.23 0.07 -35.40
N PHE B 366 -26.25 -0.67 -35.82
CA PHE B 366 -27.54 -0.09 -36.17
C PHE B 366 -28.31 0.45 -34.99
N GLN B 367 -28.16 -0.14 -33.79
CA GLN B 367 -28.88 0.33 -32.61
C GLN B 367 -28.57 1.79 -32.29
N LEU B 368 -27.37 2.30 -32.69
CA LEU B 368 -26.96 3.70 -32.51
C LEU B 368 -27.30 4.58 -33.73
N SER B 369 -28.14 4.11 -34.68
CA SER B 369 -28.47 4.87 -35.88
C SER B 369 -29.21 6.19 -35.62
N PRO B 370 -30.12 6.30 -34.61
CA PRO B 370 -30.74 7.60 -34.34
C PRO B 370 -29.71 8.70 -34.03
N LEU B 371 -28.50 8.34 -33.57
CA LEU B 371 -27.45 9.29 -33.24
C LEU B 371 -26.53 9.65 -34.43
N HIS B 372 -26.67 8.97 -35.59
CA HIS B 372 -25.78 9.16 -36.74
C HIS B 372 -25.70 10.59 -37.29
N ASN B 373 -26.84 11.30 -37.32
CA ASN B 373 -26.90 12.65 -37.87
C ASN B 373 -27.13 13.72 -36.79
N LEU B 374 -26.42 13.61 -35.65
CA LEU B 374 -26.45 14.60 -34.57
C LEU B 374 -25.08 15.26 -34.66
N GLN B 375 -24.96 16.27 -35.51
CA GLN B 375 -23.68 16.90 -35.84
C GLN B 375 -22.88 17.46 -34.66
N ASN B 376 -23.52 17.85 -33.55
CA ASN B 376 -22.78 18.40 -32.41
C ASN B 376 -22.47 17.38 -31.32
N LEU B 377 -22.71 16.08 -31.55
CA LEU B 377 -22.46 15.07 -30.51
C LEU B 377 -20.95 15.00 -30.21
N GLU B 378 -20.59 15.11 -28.92
CA GLU B 378 -19.23 15.11 -28.43
C GLU B 378 -18.97 13.93 -27.48
N VAL B 379 -19.94 13.58 -26.63
CA VAL B 379 -19.76 12.48 -25.68
C VAL B 379 -20.89 11.49 -25.80
N LEU B 380 -20.55 10.19 -25.93
CA LEU B 380 -21.50 9.09 -25.92
C LEU B 380 -20.96 8.21 -24.80
N ASP B 381 -21.71 8.10 -23.70
CA ASP B 381 -21.26 7.33 -22.55
C ASP B 381 -22.20 6.16 -22.28
N LEU B 382 -21.70 4.92 -22.55
CA LEU B 382 -22.44 3.68 -22.33
C LEU B 382 -21.71 2.79 -21.33
N GLY B 383 -21.20 3.40 -20.27
CA GLY B 383 -20.50 2.67 -19.22
C GLY B 383 -21.44 1.86 -18.34
N THR B 384 -20.88 0.98 -17.50
CA THR B 384 -21.64 0.16 -16.54
C THR B 384 -22.92 -0.46 -17.14
N ASN B 385 -22.80 -1.17 -18.27
CA ASN B 385 -23.94 -1.82 -18.94
C ASN B 385 -23.80 -3.33 -19.06
N PHE B 386 -22.65 -3.93 -18.68
CA PHE B 386 -22.42 -5.37 -18.81
C PHE B 386 -22.53 -5.82 -20.27
N ILE B 387 -21.98 -5.01 -21.20
CA ILE B 387 -22.03 -5.33 -22.63
C ILE B 387 -20.94 -6.37 -22.88
N LYS B 388 -21.30 -7.54 -23.40
CA LYS B 388 -20.33 -8.62 -23.67
C LYS B 388 -19.84 -8.58 -25.12
N ILE B 389 -20.69 -8.14 -26.06
CA ILE B 389 -20.33 -8.12 -27.47
C ILE B 389 -20.50 -6.73 -28.07
N ALA B 390 -19.45 -6.23 -28.75
CA ALA B 390 -19.49 -4.93 -29.42
C ALA B 390 -18.35 -4.81 -30.43
N ASN B 391 -18.67 -4.71 -31.74
CA ASN B 391 -17.64 -4.56 -32.76
C ASN B 391 -17.14 -3.12 -32.65
N LEU B 392 -15.91 -2.93 -32.15
CA LEU B 392 -15.37 -1.58 -31.96
C LEU B 392 -15.33 -0.76 -33.24
N SER B 393 -15.27 -1.41 -34.43
CA SER B 393 -15.26 -0.69 -35.71
C SER B 393 -16.55 0.09 -35.97
N MET B 394 -17.66 -0.22 -35.26
CA MET B 394 -18.90 0.54 -35.44
C MET B 394 -18.71 2.04 -35.16
N PHE B 395 -17.74 2.38 -34.30
CA PHE B 395 -17.46 3.76 -33.95
C PHE B 395 -16.76 4.55 -35.05
N LYS B 396 -16.56 3.98 -36.26
CA LYS B 396 -16.03 4.73 -37.40
C LYS B 396 -17.03 5.84 -37.83
N GLN B 397 -18.35 5.63 -37.60
CA GLN B 397 -19.37 6.64 -37.88
C GLN B 397 -19.47 7.72 -36.77
N PHE B 398 -18.57 7.71 -35.76
CA PHE B 398 -18.56 8.68 -34.67
C PHE B 398 -17.15 9.25 -34.51
N LYS B 399 -16.51 9.64 -35.63
CA LYS B 399 -15.18 10.27 -35.63
C LYS B 399 -15.25 11.68 -35.02
N ARG B 400 -16.40 12.37 -35.15
CA ARG B 400 -16.59 13.72 -34.62
C ARG B 400 -16.59 13.76 -33.08
N LEU B 401 -16.96 12.64 -32.42
CA LEU B 401 -17.03 12.60 -30.96
C LEU B 401 -15.66 12.76 -30.31
N LYS B 402 -15.64 13.37 -29.13
CA LYS B 402 -14.45 13.59 -28.32
C LYS B 402 -14.20 12.41 -27.38
N VAL B 403 -15.26 11.85 -26.77
CA VAL B 403 -15.15 10.72 -25.86
C VAL B 403 -16.22 9.69 -26.16
N ILE B 404 -15.85 8.40 -26.24
CA ILE B 404 -16.75 7.28 -26.41
C ILE B 404 -16.45 6.40 -25.21
N ASP B 405 -17.28 6.47 -24.18
CA ASP B 405 -17.02 5.77 -22.93
C ASP B 405 -17.74 4.45 -22.85
N LEU B 406 -17.00 3.33 -22.88
CA LEU B 406 -17.55 1.99 -22.66
C LEU B 406 -16.86 1.36 -21.42
N SER B 407 -16.53 2.19 -20.42
CA SER B 407 -15.86 1.73 -19.21
C SER B 407 -16.80 0.84 -18.40
N VAL B 408 -16.25 -0.11 -17.64
CA VAL B 408 -17.03 -1.00 -16.76
C VAL B 408 -18.06 -1.81 -17.53
N ASN B 409 -17.59 -2.66 -18.44
CA ASN B 409 -18.46 -3.53 -19.23
C ASN B 409 -17.83 -4.96 -19.26
N LYS B 410 -18.26 -5.86 -20.17
CA LYS B 410 -17.76 -7.22 -20.29
C LYS B 410 -17.27 -7.55 -21.72
N ILE B 411 -16.95 -6.53 -22.55
CA ILE B 411 -16.47 -6.74 -23.93
C ILE B 411 -15.22 -7.65 -23.94
N SER B 412 -15.20 -8.62 -24.87
CA SER B 412 -14.12 -9.61 -25.02
C SER B 412 -14.07 -10.10 -26.47
N PRO B 413 -12.91 -10.62 -26.96
CA PRO B 413 -12.85 -11.06 -28.37
C PRO B 413 -13.82 -12.19 -28.73
N LEU B 441 -18.12 7.99 -7.36
CA LEU B 441 -19.50 8.09 -6.89
C LEU B 441 -20.16 9.35 -7.49
N TYR B 442 -21.19 9.17 -8.34
CA TYR B 442 -21.87 10.25 -9.03
C TYR B 442 -23.39 9.98 -9.09
N TYR B 443 -23.81 8.91 -9.77
CA TYR B 443 -25.24 8.57 -9.86
C TYR B 443 -25.80 7.96 -8.58
N PHE B 444 -24.95 7.45 -7.68
CA PHE B 444 -25.41 6.78 -6.48
C PHE B 444 -25.18 7.59 -5.22
N ARG B 445 -24.46 8.75 -5.25
CA ARG B 445 -24.33 9.53 -4.01
C ARG B 445 -25.62 10.30 -3.72
N TYR B 446 -25.87 10.57 -2.44
CA TYR B 446 -27.07 11.24 -1.97
C TYR B 446 -27.22 12.66 -2.53
N ASP B 447 -26.18 13.48 -2.37
CA ASP B 447 -26.20 14.86 -2.81
C ASP B 447 -24.84 15.18 -3.43
N LYS B 448 -24.73 15.13 -4.77
CA LYS B 448 -23.46 15.39 -5.45
C LYS B 448 -23.02 16.87 -5.34
N TYR B 449 -23.88 17.78 -4.82
CA TYR B 449 -23.52 19.18 -4.61
C TYR B 449 -23.45 19.51 -3.10
N ALA B 450 -23.12 18.53 -2.24
CA ALA B 450 -23.06 18.77 -0.80
C ALA B 450 -21.81 19.58 -0.47
N ARG B 451 -22.00 20.70 0.23
CA ARG B 451 -20.93 21.60 0.63
C ARG B 451 -20.15 21.03 1.82
N SER B 452 -18.83 21.24 1.84
CA SER B 452 -17.95 20.82 2.93
C SER B 452 -17.38 22.06 3.65
N CYS B 453 -16.93 21.89 4.90
CA CYS B 453 -16.35 22.97 5.69
C CYS B 453 -14.95 23.31 5.16
N SER B 468 -5.83 12.25 -17.24
CA SER B 468 -6.81 12.17 -18.32
C SER B 468 -6.18 12.48 -19.69
N CYS B 469 -6.71 11.86 -20.74
CA CYS B 469 -6.17 11.98 -22.11
C CYS B 469 -7.13 12.65 -23.11
N TYR B 470 -8.27 13.19 -22.64
CA TYR B 470 -9.25 13.81 -23.53
C TYR B 470 -8.65 14.97 -24.33
N LYS B 471 -7.69 15.71 -23.74
CA LYS B 471 -6.99 16.82 -24.41
C LYS B 471 -6.31 16.41 -25.72
N TYR B 472 -5.90 15.13 -25.86
CA TYR B 472 -5.25 14.61 -27.06
C TYR B 472 -6.17 14.48 -28.26
N GLY B 473 -7.47 14.27 -28.02
CA GLY B 473 -8.47 14.17 -29.07
C GLY B 473 -9.40 13.00 -28.87
N GLN B 474 -9.90 12.40 -29.98
CA GLN B 474 -10.84 11.28 -29.95
C GLN B 474 -10.38 10.16 -29.02
N THR B 475 -11.15 9.95 -27.94
CA THR B 475 -10.85 8.96 -26.93
C THR B 475 -11.85 7.84 -26.98
N LEU B 476 -11.37 6.59 -26.92
CA LEU B 476 -12.22 5.40 -26.82
C LEU B 476 -11.80 4.75 -25.51
N ASP B 477 -12.68 4.78 -24.51
CA ASP B 477 -12.40 4.21 -23.21
C ASP B 477 -12.98 2.81 -23.08
N LEU B 478 -12.12 1.78 -23.13
CA LEU B 478 -12.50 0.39 -22.91
C LEU B 478 -11.97 -0.09 -21.55
N SER B 479 -11.77 0.80 -20.57
CA SER B 479 -11.23 0.44 -19.29
C SER B 479 -12.21 -0.39 -18.45
N LYS B 480 -11.64 -1.21 -17.53
CA LYS B 480 -12.38 -2.09 -16.64
C LYS B 480 -13.33 -3.01 -17.41
N ASN B 481 -12.78 -3.74 -18.39
CA ASN B 481 -13.52 -4.65 -19.26
C ASN B 481 -12.84 -6.06 -19.29
N SER B 482 -13.43 -7.05 -19.99
CA SER B 482 -12.90 -8.42 -20.03
C SER B 482 -12.12 -8.76 -21.33
N ILE B 483 -11.38 -7.79 -21.88
CA ILE B 483 -10.57 -8.03 -23.07
C ILE B 483 -9.31 -8.77 -22.60
N PHE B 484 -9.11 -10.02 -23.03
CA PHE B 484 -7.94 -10.82 -22.64
C PHE B 484 -6.90 -10.94 -23.77
N PHE B 485 -7.31 -10.74 -25.03
CA PHE B 485 -6.41 -10.84 -26.16
C PHE B 485 -6.76 -9.76 -27.18
N ILE B 486 -5.73 -9.13 -27.77
CA ILE B 486 -5.91 -8.08 -28.76
C ILE B 486 -5.20 -8.43 -30.06
N LYS B 487 -5.79 -8.01 -31.17
CA LYS B 487 -5.24 -8.21 -32.52
C LYS B 487 -5.62 -6.98 -33.36
N SER B 488 -4.84 -6.69 -34.40
CA SER B 488 -5.05 -5.53 -35.26
C SER B 488 -6.50 -5.39 -35.78
N SER B 489 -7.14 -6.50 -36.19
CA SER B 489 -8.51 -6.46 -36.69
C SER B 489 -9.50 -5.83 -35.70
N ASP B 490 -9.23 -5.94 -34.38
CA ASP B 490 -10.09 -5.36 -33.33
C ASP B 490 -10.20 -3.83 -33.42
N PHE B 491 -9.18 -3.17 -34.01
CA PHE B 491 -9.13 -1.71 -34.14
C PHE B 491 -9.23 -1.27 -35.60
N GLN B 492 -9.82 -2.09 -36.48
CA GLN B 492 -9.95 -1.74 -37.90
C GLN B 492 -10.95 -0.59 -38.02
N HIS B 493 -10.67 0.36 -38.92
CA HIS B 493 -11.54 1.53 -39.16
C HIS B 493 -11.49 2.58 -38.03
N LEU B 494 -10.63 2.41 -37.00
CA LEU B 494 -10.50 3.37 -35.89
C LEU B 494 -9.14 4.10 -35.94
N SER B 495 -8.57 4.31 -37.13
CA SER B 495 -7.28 4.99 -37.29
C SER B 495 -7.28 6.42 -36.74
N PHE B 496 -8.45 7.05 -36.65
CA PHE B 496 -8.58 8.42 -36.15
C PHE B 496 -8.34 8.57 -34.64
N LEU B 497 -8.38 7.48 -33.85
CA LEU B 497 -8.24 7.60 -32.39
C LEU B 497 -6.95 8.25 -31.95
N LYS B 498 -7.05 9.20 -31.02
CA LYS B 498 -5.91 9.90 -30.42
C LYS B 498 -5.61 9.32 -29.02
N CYS B 499 -6.62 8.81 -28.30
CA CYS B 499 -6.40 8.14 -27.02
C CYS B 499 -7.20 6.86 -26.97
N LEU B 500 -6.60 5.79 -26.43
CA LEU B 500 -7.27 4.52 -26.24
C LEU B 500 -6.93 4.10 -24.81
N ASN B 501 -7.95 3.95 -23.96
CA ASN B 501 -7.72 3.53 -22.58
C ASN B 501 -8.14 2.08 -22.40
N LEU B 502 -7.17 1.15 -22.41
CA LEU B 502 -7.39 -0.28 -22.15
C LEU B 502 -7.04 -0.61 -20.68
N SER B 503 -7.07 0.37 -19.75
CA SER B 503 -6.70 0.11 -18.36
C SER B 503 -7.64 -0.86 -17.69
N GLY B 504 -7.10 -1.76 -16.89
CA GLY B 504 -7.92 -2.70 -16.13
C GLY B 504 -8.61 -3.79 -16.92
N ASN B 505 -7.96 -4.32 -17.94
CA ASN B 505 -8.50 -5.44 -18.71
C ASN B 505 -7.75 -6.74 -18.28
N LEU B 506 -7.87 -7.85 -19.03
CA LEU B 506 -7.20 -9.11 -18.67
C LEU B 506 -6.11 -9.44 -19.70
N ILE B 507 -5.42 -8.42 -20.24
CA ILE B 507 -4.46 -8.64 -21.32
C ILE B 507 -3.13 -9.27 -20.83
N SER B 508 -3.02 -10.61 -20.93
CA SER B 508 -1.80 -11.39 -20.60
C SER B 508 -1.22 -11.82 -21.93
N GLN B 509 -0.39 -10.97 -22.52
CA GLN B 509 0.11 -11.20 -23.87
C GLN B 509 1.49 -10.62 -24.11
N THR B 510 2.19 -11.16 -25.12
CA THR B 510 3.51 -10.69 -25.54
C THR B 510 3.26 -9.85 -26.77
N LEU B 511 3.43 -8.54 -26.67
CA LEU B 511 3.24 -7.64 -27.80
C LEU B 511 4.53 -7.63 -28.65
N ASN B 512 4.39 -7.74 -29.99
CA ASN B 512 5.53 -7.74 -30.91
C ASN B 512 5.49 -6.58 -31.96
N GLY B 513 4.52 -5.68 -31.86
CA GLY B 513 4.39 -4.57 -32.80
C GLY B 513 3.40 -4.83 -33.92
N SER B 514 2.37 -5.66 -33.67
CA SER B 514 1.34 -6.00 -34.66
C SER B 514 -0.09 -6.04 -34.07
N GLU B 515 -0.30 -5.57 -32.84
CA GLU B 515 -1.60 -5.64 -32.19
C GLU B 515 -2.44 -4.38 -32.43
N PHE B 516 -1.79 -3.22 -32.63
CA PHE B 516 -2.48 -1.94 -32.86
C PHE B 516 -2.06 -1.33 -34.21
N GLN B 517 -1.89 -2.16 -35.27
CA GLN B 517 -1.49 -1.64 -36.58
C GLN B 517 -2.41 -0.53 -37.14
N PRO B 518 -3.75 -0.61 -37.00
CA PRO B 518 -4.61 0.45 -37.56
C PRO B 518 -4.56 1.79 -36.84
N LEU B 519 -4.17 1.82 -35.56
CA LEU B 519 -4.13 3.06 -34.77
C LEU B 519 -2.91 3.92 -35.10
N ALA B 520 -2.87 4.46 -36.32
CA ALA B 520 -1.77 5.30 -36.80
C ALA B 520 -1.73 6.71 -36.22
N GLU B 521 -2.85 7.22 -35.70
CA GLU B 521 -2.87 8.58 -35.13
C GLU B 521 -2.80 8.61 -33.60
N LEU B 522 -2.72 7.44 -32.92
CA LEU B 522 -2.74 7.38 -31.46
C LEU B 522 -1.58 8.11 -30.79
N ARG B 523 -1.91 9.03 -29.89
CA ARG B 523 -0.96 9.83 -29.10
C ARG B 523 -0.86 9.36 -27.65
N TYR B 524 -1.90 8.70 -27.12
CA TYR B 524 -1.93 8.26 -25.72
C TYR B 524 -2.53 6.87 -25.59
N LEU B 525 -1.77 5.91 -25.06
CA LEU B 525 -2.28 4.59 -24.78
C LEU B 525 -2.17 4.32 -23.28
N ASP B 526 -3.31 4.09 -22.59
CA ASP B 526 -3.27 3.73 -21.18
C ASP B 526 -3.45 2.21 -21.13
N PHE B 527 -2.37 1.48 -20.84
CA PHE B 527 -2.34 0.02 -20.73
C PHE B 527 -2.13 -0.42 -19.26
N SER B 528 -2.44 0.44 -18.28
CA SER B 528 -2.25 0.07 -16.87
C SER B 528 -3.18 -1.05 -16.42
N ASN B 529 -2.84 -1.73 -15.32
CA ASN B 529 -3.65 -2.81 -14.75
C ASN B 529 -3.99 -3.91 -15.75
N ASN B 530 -2.95 -4.41 -16.40
CA ASN B 530 -3.03 -5.52 -17.35
C ASN B 530 -1.89 -6.53 -16.97
N ARG B 531 -1.53 -7.49 -17.85
CA ARG B 531 -0.46 -8.44 -17.58
C ARG B 531 0.46 -8.47 -18.78
N LEU B 532 1.01 -7.31 -19.12
CA LEU B 532 1.94 -7.15 -20.25
C LEU B 532 3.15 -8.08 -20.07
N ASP B 533 3.56 -8.75 -21.16
CA ASP B 533 4.74 -9.63 -21.14
C ASP B 533 5.73 -9.05 -22.15
N LEU B 534 6.75 -8.33 -21.65
CA LEU B 534 7.75 -7.72 -22.51
C LEU B 534 8.80 -8.75 -22.94
N LEU B 535 8.37 -9.73 -23.72
CA LEU B 535 9.28 -10.74 -24.26
C LEU B 535 10.07 -10.12 -25.40
N HIS B 536 9.43 -9.27 -26.23
CA HIS B 536 10.04 -8.66 -27.40
C HIS B 536 10.25 -7.16 -27.20
N SER B 537 11.39 -6.64 -27.65
CA SER B 537 11.66 -5.20 -27.59
C SER B 537 10.90 -4.43 -28.69
N THR B 538 10.17 -5.12 -29.60
CA THR B 538 9.38 -4.47 -30.64
C THR B 538 7.93 -4.16 -30.15
N ALA B 539 7.64 -4.29 -28.83
CA ALA B 539 6.30 -4.01 -28.31
C ALA B 539 5.96 -2.54 -28.51
N PHE B 540 4.71 -2.25 -28.96
CA PHE B 540 4.21 -0.89 -29.17
C PHE B 540 4.83 -0.11 -30.35
N GLU B 541 5.82 -0.65 -31.08
CA GLU B 541 6.48 0.09 -32.16
C GLU B 541 5.56 0.51 -33.33
N GLU B 542 4.43 -0.19 -33.56
CA GLU B 542 3.50 0.16 -34.63
C GLU B 542 2.77 1.50 -34.36
N LEU B 543 2.66 1.90 -33.07
CA LEU B 543 2.05 3.16 -32.69
C LEU B 543 3.12 4.24 -32.87
N ARG B 544 3.34 4.65 -34.12
CA ARG B 544 4.42 5.57 -34.50
C ARG B 544 4.22 7.02 -34.04
N LYS B 545 2.97 7.45 -33.77
CA LYS B 545 2.73 8.81 -33.28
C LYS B 545 2.47 8.84 -31.76
N LEU B 546 2.82 7.78 -31.02
CA LEU B 546 2.56 7.68 -29.58
C LEU B 546 3.47 8.61 -28.79
N GLU B 547 2.86 9.50 -27.98
CA GLU B 547 3.53 10.47 -27.12
C GLU B 547 3.50 10.05 -25.64
N VAL B 548 2.43 9.37 -25.18
CA VAL B 548 2.32 8.95 -23.78
C VAL B 548 1.90 7.50 -23.70
N LEU B 549 2.67 6.70 -22.93
CA LEU B 549 2.42 5.28 -22.75
C LEU B 549 2.41 4.95 -21.27
N ASP B 550 1.29 4.41 -20.77
CA ASP B 550 1.20 3.99 -19.38
C ASP B 550 1.14 2.47 -19.30
N ILE B 551 2.20 1.83 -18.82
CA ILE B 551 2.23 0.38 -18.60
C ILE B 551 2.38 0.09 -17.08
N SER B 552 1.87 0.99 -16.20
CA SER B 552 1.93 0.80 -14.77
C SER B 552 1.04 -0.34 -14.33
N SER B 553 1.33 -0.93 -13.16
CA SER B 553 0.56 -2.03 -12.60
C SER B 553 0.35 -3.18 -13.57
N ASN B 554 1.44 -3.63 -14.19
CA ASN B 554 1.54 -4.81 -15.05
C ASN B 554 2.65 -5.67 -14.40
N SER B 555 2.55 -5.92 -13.09
CA SER B 555 3.57 -6.63 -12.33
C SER B 555 3.59 -8.15 -12.49
N HIS B 556 2.49 -8.76 -12.99
CA HIS B 556 2.37 -10.21 -13.08
C HIS B 556 3.65 -10.98 -13.52
N TYR B 557 4.15 -10.73 -14.73
CA TYR B 557 5.33 -11.44 -15.23
C TYR B 557 6.65 -11.00 -14.58
N PHE B 558 6.69 -9.78 -14.00
CA PHE B 558 7.89 -9.32 -13.30
C PHE B 558 8.05 -9.97 -11.92
N GLN B 559 7.01 -10.63 -11.39
CA GLN B 559 7.05 -11.26 -10.06
C GLN B 559 7.61 -12.69 -10.06
N SER B 560 7.64 -13.42 -11.19
CA SER B 560 8.16 -14.78 -11.22
C SER B 560 9.57 -14.81 -11.79
N GLU B 561 10.49 -15.51 -11.12
CA GLU B 561 11.90 -15.56 -11.52
C GLU B 561 12.15 -16.28 -12.85
N GLY B 562 13.28 -15.96 -13.47
CA GLY B 562 13.74 -16.60 -14.69
C GLY B 562 13.08 -16.18 -15.99
N ILE B 563 12.10 -15.27 -15.95
CA ILE B 563 11.36 -14.80 -17.12
C ILE B 563 12.08 -13.59 -17.79
N THR B 564 12.19 -13.62 -19.14
CA THR B 564 12.83 -12.55 -19.93
C THR B 564 11.97 -11.29 -19.99
N HIS B 565 12.59 -10.11 -19.69
CA HIS B 565 11.92 -8.80 -19.73
C HIS B 565 12.78 -7.85 -20.56
N MET B 566 12.23 -7.25 -21.63
CA MET B 566 12.96 -6.32 -22.48
C MET B 566 12.49 -4.90 -22.20
N LEU B 567 13.19 -4.18 -21.32
CA LEU B 567 12.85 -2.80 -21.00
C LEU B 567 13.38 -1.79 -22.05
N ASN B 568 14.16 -2.27 -23.05
CA ASN B 568 14.72 -1.44 -24.13
C ASN B 568 13.76 -1.26 -25.31
N PHE B 569 12.45 -1.54 -25.12
CA PHE B 569 11.46 -1.35 -26.18
C PHE B 569 11.24 0.13 -26.56
N THR B 570 11.70 1.07 -25.71
CA THR B 570 11.53 2.52 -25.92
C THR B 570 12.26 3.07 -27.14
N LYS B 571 13.38 2.43 -27.54
CA LYS B 571 14.20 2.87 -28.67
C LYS B 571 13.39 3.05 -29.95
N ASN B 572 12.41 2.18 -30.20
CA ASN B 572 11.60 2.24 -31.43
C ASN B 572 10.53 3.35 -31.42
N LEU B 573 10.12 3.84 -30.24
CA LEU B 573 9.08 4.88 -30.13
C LEU B 573 9.74 6.27 -30.26
N LYS B 574 9.74 6.80 -31.50
CA LYS B 574 10.48 8.01 -31.87
C LYS B 574 9.89 9.34 -31.41
N VAL B 575 8.61 9.41 -31.01
CA VAL B 575 8.03 10.66 -30.50
C VAL B 575 7.48 10.49 -29.09
N LEU B 576 7.89 9.42 -28.34
CA LEU B 576 7.41 9.18 -26.99
C LEU B 576 7.96 10.27 -26.07
N GLN B 577 7.08 10.93 -25.31
CA GLN B 577 7.42 12.02 -24.39
C GLN B 577 7.34 11.58 -22.93
N LYS B 578 6.34 10.73 -22.57
CA LYS B 578 6.15 10.30 -21.18
C LYS B 578 5.82 8.82 -21.10
N LEU B 579 6.60 8.08 -20.30
CA LEU B 579 6.43 6.63 -20.09
C LEU B 579 6.23 6.41 -18.61
N MET B 580 5.14 5.73 -18.25
CA MET B 580 4.88 5.42 -16.86
C MET B 580 4.91 3.93 -16.72
N MET B 581 5.80 3.42 -15.89
CA MET B 581 5.90 1.99 -15.65
C MET B 581 6.02 1.80 -14.15
N ASN B 582 5.06 2.39 -13.40
CA ASN B 582 4.99 2.38 -11.95
C ASN B 582 4.41 1.08 -11.43
N ASP B 583 4.76 0.71 -10.19
CA ASP B 583 4.20 -0.43 -9.51
C ASP B 583 4.23 -1.74 -10.31
N ASN B 584 5.33 -1.98 -11.02
CA ASN B 584 5.53 -3.22 -11.79
C ASN B 584 6.39 -4.24 -11.03
N ASP B 585 6.97 -3.89 -9.86
CA ASP B 585 7.77 -4.83 -9.09
C ASP B 585 9.01 -5.30 -9.88
N ILE B 586 9.55 -4.44 -10.76
CA ILE B 586 10.68 -4.79 -11.61
C ILE B 586 11.93 -4.96 -10.78
N SER B 587 12.43 -6.19 -10.67
CA SER B 587 13.67 -6.52 -9.97
C SER B 587 14.72 -7.14 -10.92
N SER B 588 14.38 -7.35 -12.22
CA SER B 588 15.31 -7.94 -13.19
C SER B 588 15.00 -7.47 -14.61
N SER B 589 15.99 -7.55 -15.50
CA SER B 589 15.81 -7.12 -16.89
C SER B 589 16.85 -7.79 -17.76
N THR B 590 16.43 -8.37 -18.90
CA THR B 590 17.38 -8.99 -19.83
C THR B 590 18.26 -7.90 -20.49
N SER B 591 17.68 -6.70 -20.73
CA SER B 591 18.39 -5.56 -21.31
C SER B 591 18.95 -4.67 -20.21
N ARG B 592 20.20 -4.20 -20.37
CA ARG B 592 20.85 -3.35 -19.37
C ARG B 592 20.64 -1.85 -19.59
N THR B 593 20.14 -1.43 -20.76
CA THR B 593 19.95 -0.02 -21.05
C THR B 593 18.64 0.29 -21.77
N MET B 594 17.88 1.25 -21.23
CA MET B 594 16.70 1.79 -21.88
C MET B 594 17.23 2.97 -22.71
N GLU B 595 16.85 3.06 -24.00
CA GLU B 595 17.33 4.14 -24.86
C GLU B 595 16.18 4.89 -25.47
N SER B 596 16.36 6.19 -25.68
CA SER B 596 15.35 7.02 -26.30
C SER B 596 15.91 8.39 -26.62
N GLU B 597 15.62 8.89 -27.82
CA GLU B 597 16.05 10.23 -28.23
C GLU B 597 14.98 11.29 -27.89
N SER B 598 13.73 10.89 -27.51
CA SER B 598 12.62 11.82 -27.29
C SER B 598 12.01 11.83 -25.91
N LEU B 599 12.09 10.72 -25.16
CA LEU B 599 11.45 10.64 -23.83
C LEU B 599 11.91 11.73 -22.89
N ARG B 600 10.96 12.47 -22.30
CA ARG B 600 11.24 13.56 -21.38
C ARG B 600 10.86 13.22 -19.93
N THR B 601 9.91 12.31 -19.70
CA THR B 601 9.48 11.91 -18.37
C THR B 601 9.39 10.40 -18.26
N LEU B 602 9.96 9.83 -17.19
CA LEU B 602 9.90 8.39 -16.92
C LEU B 602 9.49 8.22 -15.47
N GLU B 603 8.35 7.57 -15.23
CA GLU B 603 7.92 7.29 -13.88
C GLU B 603 8.22 5.80 -13.65
N PHE B 604 9.14 5.50 -12.71
CA PHE B 604 9.57 4.14 -12.41
C PHE B 604 9.40 3.88 -10.90
N ARG B 605 8.34 4.41 -10.28
CA ARG B 605 8.12 4.21 -8.84
C ARG B 605 7.52 2.81 -8.60
N GLY B 606 7.59 2.31 -7.38
CA GLY B 606 7.02 1.01 -7.03
C GLY B 606 7.69 -0.19 -7.68
N ASN B 607 8.98 -0.08 -7.99
CA ASN B 607 9.78 -1.15 -8.60
C ASN B 607 10.89 -1.58 -7.61
N HIS B 608 11.87 -2.40 -8.05
CA HIS B 608 12.93 -2.90 -7.18
C HIS B 608 14.30 -2.56 -7.70
N LEU B 609 14.59 -1.26 -7.83
CA LEU B 609 15.92 -0.82 -8.22
C LEU B 609 16.95 -1.19 -7.12
N ASP B 610 16.51 -1.47 -5.88
CA ASP B 610 17.43 -1.93 -4.84
C ASP B 610 18.04 -3.28 -5.25
N VAL B 611 17.26 -4.15 -5.93
CA VAL B 611 17.75 -5.43 -6.42
C VAL B 611 18.54 -5.26 -7.73
N LEU B 612 18.05 -4.47 -8.70
CA LEU B 612 18.80 -4.26 -9.95
C LEU B 612 20.18 -3.64 -9.68
N TRP B 613 20.22 -2.63 -8.79
CA TRP B 613 21.47 -1.96 -8.39
C TRP B 613 22.03 -2.58 -7.10
N ARG B 614 21.98 -3.92 -6.95
CA ARG B 614 22.50 -4.60 -5.76
C ARG B 614 24.03 -4.33 -5.67
N ASP B 615 24.56 -3.99 -4.48
CA ASP B 615 25.99 -3.64 -4.37
C ASP B 615 26.88 -4.79 -4.85
N GLY B 616 27.81 -4.47 -5.73
CA GLY B 616 28.67 -5.46 -6.37
C GLY B 616 28.25 -5.80 -7.79
N ASP B 617 27.00 -5.42 -8.19
CA ASP B 617 26.46 -5.66 -9.53
C ASP B 617 26.36 -4.32 -10.27
N ASN B 618 27.36 -4.02 -11.11
CA ASN B 618 27.44 -2.77 -11.85
C ASN B 618 26.70 -2.77 -13.21
N ARG B 619 25.95 -3.84 -13.51
CA ARG B 619 25.33 -4.02 -14.82
C ARG B 619 24.20 -3.03 -15.18
N TYR B 620 23.32 -2.67 -14.23
CA TYR B 620 22.19 -1.78 -14.51
C TYR B 620 22.38 -0.34 -14.00
N LEU B 621 23.63 0.09 -13.70
CA LEU B 621 23.87 1.45 -13.22
C LEU B 621 23.68 2.52 -14.32
N GLN B 622 23.65 2.12 -15.60
CA GLN B 622 23.41 3.03 -16.71
C GLN B 622 22.07 2.70 -17.41
N LEU B 623 21.07 2.20 -16.64
CA LEU B 623 19.78 1.80 -17.17
C LEU B 623 19.06 2.98 -17.80
N PHE B 624 19.10 4.14 -17.16
CA PHE B 624 18.42 5.34 -17.64
C PHE B 624 19.37 6.33 -18.35
N LYS B 625 20.67 6.01 -18.46
CA LYS B 625 21.67 6.92 -19.04
C LYS B 625 21.43 7.34 -20.47
N ASN B 626 20.99 6.43 -21.35
CA ASN B 626 20.80 6.72 -22.77
C ASN B 626 19.41 7.26 -23.12
N LEU B 627 18.64 7.73 -22.12
CA LEU B 627 17.38 8.42 -22.36
C LEU B 627 17.89 9.87 -22.43
N LEU B 628 18.44 10.24 -23.60
CA LEU B 628 19.18 11.50 -23.78
C LEU B 628 18.41 12.80 -23.51
N LYS B 629 17.10 12.85 -23.79
CA LYS B 629 16.32 14.06 -23.54
C LYS B 629 15.49 13.95 -22.23
N LEU B 630 15.79 12.97 -21.33
CA LEU B 630 15.05 12.81 -20.08
C LEU B 630 15.28 13.97 -19.11
N GLU B 631 14.18 14.59 -18.67
CA GLU B 631 14.16 15.75 -17.77
C GLU B 631 13.57 15.42 -16.39
N GLU B 632 12.71 14.40 -16.28
CA GLU B 632 12.06 14.04 -15.02
C GLU B 632 12.10 12.53 -14.82
N LEU B 633 12.72 12.08 -13.72
CA LEU B 633 12.81 10.67 -13.37
C LEU B 633 12.28 10.50 -11.96
N ASP B 634 11.26 9.65 -11.79
CA ASP B 634 10.69 9.37 -10.49
C ASP B 634 11.05 7.94 -10.09
N ILE B 635 12.03 7.80 -9.18
CA ILE B 635 12.45 6.49 -8.67
C ILE B 635 12.16 6.39 -7.17
N SER B 636 11.01 6.94 -6.75
CA SER B 636 10.56 6.83 -5.37
C SER B 636 9.96 5.43 -5.15
N LYS B 637 9.78 4.99 -3.90
CA LYS B 637 9.21 3.68 -3.59
C LYS B 637 9.97 2.54 -4.30
N ASN B 638 11.30 2.54 -4.21
CA ASN B 638 12.13 1.49 -4.82
C ASN B 638 13.04 0.78 -3.77
N SER B 639 12.73 0.91 -2.46
CA SER B 639 13.49 0.26 -1.38
C SER B 639 14.98 0.57 -1.41
N LEU B 640 15.37 1.74 -1.91
CA LEU B 640 16.77 2.13 -1.99
C LEU B 640 17.20 2.68 -0.65
N SER B 641 17.73 1.82 0.22
CA SER B 641 18.24 2.24 1.54
C SER B 641 19.52 3.09 1.39
N PHE B 642 20.28 2.87 0.32
CA PHE B 642 21.45 3.64 -0.06
C PHE B 642 21.50 3.67 -1.60
N LEU B 643 22.18 4.66 -2.17
CA LEU B 643 22.34 4.76 -3.62
C LEU B 643 23.76 4.33 -3.94
N PRO B 644 23.97 3.18 -4.62
CA PRO B 644 25.36 2.78 -4.92
C PRO B 644 26.14 3.80 -5.73
N SER B 645 27.47 3.73 -5.63
CA SER B 645 28.32 4.64 -6.39
C SER B 645 28.22 4.21 -7.85
N GLY B 646 27.85 5.16 -8.71
CA GLY B 646 27.64 4.92 -10.14
C GLY B 646 26.24 5.27 -10.60
N VAL B 647 25.28 5.44 -9.65
CA VAL B 647 23.92 5.82 -10.01
C VAL B 647 23.91 7.26 -10.54
N PHE B 648 24.61 8.19 -9.88
CA PHE B 648 24.64 9.60 -10.29
C PHE B 648 25.36 9.79 -11.62
N ASP B 649 26.52 9.14 -11.80
CA ASP B 649 27.27 9.22 -13.06
C ASP B 649 26.46 8.60 -14.23
N GLY B 650 25.68 7.55 -13.95
CA GLY B 650 24.85 6.90 -14.93
C GLY B 650 23.49 7.54 -15.20
N MET B 651 23.24 8.75 -14.69
CA MET B 651 21.98 9.45 -14.96
C MET B 651 22.05 10.17 -16.32
N PRO B 652 20.91 10.41 -16.99
CA PRO B 652 20.96 11.13 -18.27
C PRO B 652 21.44 12.59 -18.11
N PRO B 653 21.98 13.21 -19.17
CA PRO B 653 22.63 14.52 -19.02
C PRO B 653 21.74 15.72 -18.72
N ASN B 654 20.47 15.72 -19.17
CA ASN B 654 19.58 16.86 -18.95
C ASN B 654 18.52 16.55 -17.88
N LEU B 655 18.90 15.86 -16.79
CA LEU B 655 17.92 15.51 -15.74
C LEU B 655 17.63 16.72 -14.84
N LYS B 656 16.39 17.25 -14.88
CA LYS B 656 15.97 18.41 -14.09
C LYS B 656 15.30 18.01 -12.75
N ASN B 657 14.24 17.17 -12.75
CA ASN B 657 13.59 16.76 -11.48
C ASN B 657 13.88 15.32 -11.21
N LEU B 658 14.40 15.01 -10.01
CA LEU B 658 14.68 13.64 -9.58
C LEU B 658 13.97 13.39 -8.26
N SER B 659 13.15 12.34 -8.18
CA SER B 659 12.51 11.97 -6.93
C SER B 659 13.05 10.64 -6.43
N LEU B 660 13.54 10.64 -5.19
CA LEU B 660 14.01 9.49 -4.44
C LEU B 660 13.16 9.35 -3.13
N ALA B 661 11.90 9.83 -3.14
CA ALA B 661 11.03 9.82 -1.97
C ALA B 661 10.59 8.41 -1.56
N LYS B 662 10.17 8.23 -0.30
CA LYS B 662 9.65 6.94 0.19
C LYS B 662 10.53 5.74 -0.17
N ASN B 663 11.85 5.84 0.12
CA ASN B 663 12.82 4.77 -0.17
C ASN B 663 13.50 4.18 1.08
N GLY B 664 13.37 4.82 2.23
CA GLY B 664 14.06 4.39 3.42
C GLY B 664 15.55 4.69 3.33
N LEU B 665 15.93 5.76 2.60
CA LEU B 665 17.32 6.15 2.43
C LEU B 665 17.92 6.53 3.76
N LYS B 666 18.82 5.70 4.28
CA LYS B 666 19.51 5.99 5.54
C LYS B 666 20.74 6.88 5.35
N SER B 667 21.26 7.01 4.13
CA SER B 667 22.46 7.79 3.85
C SER B 667 22.41 8.34 2.42
N PHE B 668 23.15 9.42 2.16
CA PHE B 668 23.16 10.04 0.83
C PHE B 668 24.46 10.84 0.67
N ILE B 669 25.28 10.51 -0.34
CA ILE B 669 26.52 11.26 -0.58
C ILE B 669 26.14 12.48 -1.40
N TRP B 670 25.90 13.59 -0.69
CA TRP B 670 25.47 14.85 -1.30
C TRP B 670 26.45 15.39 -2.34
N GLU B 671 27.75 15.07 -2.19
CA GLU B 671 28.79 15.51 -3.14
C GLU B 671 28.54 14.97 -4.54
N LYS B 672 27.93 13.78 -4.66
CA LYS B 672 27.62 13.16 -5.94
C LYS B 672 26.58 13.96 -6.78
N LEU B 673 25.91 14.96 -6.20
CA LEU B 673 24.98 15.79 -6.96
C LEU B 673 25.69 16.63 -8.05
N ARG B 674 27.03 16.73 -7.99
CA ARG B 674 27.83 17.45 -8.98
C ARG B 674 27.68 16.83 -10.37
N TYR B 675 27.47 15.50 -10.45
CA TYR B 675 27.28 14.83 -11.73
C TYR B 675 25.99 15.25 -12.42
N LEU B 676 24.94 15.55 -11.64
CA LEU B 676 23.65 15.99 -12.17
C LEU B 676 23.72 17.51 -12.41
N LYS B 677 24.38 17.90 -13.49
CA LYS B 677 24.65 19.30 -13.83
C LYS B 677 23.41 20.15 -14.18
N ASN B 678 22.26 19.53 -14.52
CA ASN B 678 21.05 20.28 -14.85
C ASN B 678 19.94 20.08 -13.80
N LEU B 679 20.28 19.69 -12.56
CA LEU B 679 19.27 19.42 -11.53
C LEU B 679 18.63 20.70 -11.00
N GLU B 680 17.30 20.78 -11.06
CA GLU B 680 16.55 21.91 -10.53
C GLU B 680 15.73 21.47 -9.32
N THR B 681 15.11 20.28 -9.37
CA THR B 681 14.30 19.77 -8.27
C THR B 681 14.81 18.42 -7.75
N LEU B 682 15.03 18.29 -6.43
CA LEU B 682 15.45 17.03 -5.80
C LEU B 682 14.47 16.76 -4.68
N ASP B 683 13.79 15.62 -4.74
CA ASP B 683 12.82 15.25 -3.72
C ASP B 683 13.30 14.04 -2.95
N LEU B 684 13.74 14.25 -1.70
CA LEU B 684 14.20 13.19 -0.79
C LEU B 684 13.25 13.05 0.41
N SER B 685 11.95 13.33 0.23
CA SER B 685 10.97 13.25 1.31
C SER B 685 10.67 11.83 1.74
N HIS B 686 10.21 11.65 2.99
CA HIS B 686 9.82 10.35 3.55
C HIS B 686 10.95 9.34 3.48
N ASN B 687 12.09 9.69 4.06
CA ASN B 687 13.28 8.85 4.09
C ASN B 687 13.85 8.85 5.54
N GLN B 688 15.06 8.34 5.77
CA GLN B 688 15.65 8.31 7.10
C GLN B 688 16.99 9.04 7.11
N LEU B 689 17.06 10.19 6.41
CA LEU B 689 18.28 10.99 6.37
C LEU B 689 18.44 11.71 7.70
N THR B 690 19.64 11.71 8.26
CA THR B 690 19.92 12.34 9.55
C THR B 690 20.70 13.65 9.44
N THR B 691 21.40 13.88 8.30
CA THR B 691 22.23 15.07 8.09
C THR B 691 22.03 15.68 6.70
N VAL B 692 22.36 16.97 6.61
CA VAL B 692 22.29 17.80 5.40
C VAL B 692 23.76 18.02 4.92
N PRO B 693 24.03 18.47 3.67
CA PRO B 693 25.44 18.68 3.26
C PRO B 693 26.15 19.76 4.05
N GLU B 694 27.47 19.58 4.30
CA GLU B 694 28.29 20.59 4.99
C GLU B 694 28.28 21.91 4.20
N ARG B 695 28.19 21.83 2.85
CA ARG B 695 28.06 22.98 1.96
C ARG B 695 27.21 22.60 0.75
N LEU B 696 25.92 23.02 0.71
CA LEU B 696 25.04 22.74 -0.42
C LEU B 696 25.54 23.36 -1.73
N SER B 697 26.28 24.47 -1.65
CA SER B 697 26.86 25.12 -2.83
C SER B 697 27.94 24.22 -3.43
N ASN B 698 28.79 23.61 -2.58
CA ASN B 698 29.84 22.69 -3.04
C ASN B 698 29.26 21.35 -3.56
N CYS B 699 27.91 21.17 -3.62
CA CYS B 699 27.26 19.94 -4.08
C CYS B 699 26.54 20.16 -5.42
N SER B 700 25.78 21.25 -5.56
CA SER B 700 25.06 21.53 -6.80
C SER B 700 24.93 23.03 -7.05
N ARG B 701 25.43 23.49 -8.19
CA ARG B 701 25.33 24.89 -8.59
C ARG B 701 23.94 25.23 -9.19
N SER B 702 23.16 24.22 -9.62
CA SER B 702 21.88 24.42 -10.29
C SER B 702 20.63 24.22 -9.43
N LEU B 703 20.69 23.36 -8.39
CA LEU B 703 19.54 23.00 -7.56
C LEU B 703 18.73 24.19 -7.05
N LYS B 704 17.46 24.28 -7.47
CA LYS B 704 16.53 25.34 -7.07
C LYS B 704 15.58 24.88 -5.92
N ASN B 705 15.00 23.67 -6.03
CA ASN B 705 14.03 23.16 -5.06
C ASN B 705 14.52 21.91 -4.36
N LEU B 706 14.77 21.99 -3.05
CA LEU B 706 15.21 20.85 -2.24
C LEU B 706 14.09 20.47 -1.29
N ILE B 707 13.58 19.22 -1.40
CA ILE B 707 12.53 18.75 -0.51
C ILE B 707 13.10 17.69 0.41
N LEU B 708 13.15 17.97 1.72
CA LEU B 708 13.65 17.05 2.74
C LEU B 708 12.61 16.80 3.84
N LYS B 709 11.30 16.99 3.56
CA LYS B 709 10.27 16.77 4.56
C LYS B 709 10.19 15.29 4.96
N ASN B 710 9.85 15.04 6.24
CA ASN B 710 9.69 13.69 6.77
C ASN B 710 10.97 12.87 6.73
N ASN B 711 11.98 13.35 7.45
CA ASN B 711 13.28 12.70 7.62
C ASN B 711 13.66 12.76 9.13
N GLN B 712 14.88 12.33 9.50
CA GLN B 712 15.34 12.33 10.89
C GLN B 712 16.42 13.40 11.12
N ILE B 713 16.37 14.52 10.38
CA ILE B 713 17.40 15.56 10.52
C ILE B 713 17.20 16.27 11.85
N ARG B 714 18.21 16.21 12.75
CA ARG B 714 18.16 16.85 14.06
C ARG B 714 18.92 18.19 14.13
N SER B 715 19.73 18.50 13.11
CA SER B 715 20.43 19.78 13.05
C SER B 715 20.93 20.07 11.65
N LEU B 716 21.11 21.34 11.34
CA LEU B 716 21.67 21.75 10.07
C LEU B 716 23.18 21.96 10.27
N THR B 717 23.98 21.67 9.24
CA THR B 717 25.44 21.82 9.33
C THR B 717 25.82 23.29 9.55
N LYS B 718 26.94 23.52 10.24
CA LYS B 718 27.43 24.86 10.61
C LYS B 718 27.28 25.93 9.51
N TYR B 719 27.43 25.58 8.21
CA TYR B 719 27.35 26.51 7.08
C TYR B 719 26.55 25.89 5.91
N PHE B 720 25.39 25.29 6.22
CA PHE B 720 24.54 24.59 5.24
C PHE B 720 24.31 25.39 3.93
N LEU B 721 23.42 26.41 3.92
CA LEU B 721 23.11 27.14 2.68
C LEU B 721 24.11 28.26 2.36
N GLN B 722 25.31 28.24 2.97
CA GLN B 722 26.29 29.30 2.76
C GLN B 722 26.70 29.44 1.30
N ASP B 723 26.39 30.60 0.69
CA ASP B 723 26.68 30.91 -0.71
C ASP B 723 25.87 30.06 -1.74
N ALA B 724 24.73 29.48 -1.34
CA ALA B 724 23.89 28.70 -2.26
C ALA B 724 22.75 29.61 -2.77
N PHE B 725 23.11 30.64 -3.53
CA PHE B 725 22.18 31.67 -4.00
C PHE B 725 21.09 31.20 -4.99
N GLN B 726 21.31 30.10 -5.71
CA GLN B 726 20.35 29.58 -6.69
C GLN B 726 19.09 28.94 -6.07
N LEU B 727 19.13 28.61 -4.77
CA LEU B 727 18.02 27.94 -4.09
C LEU B 727 16.81 28.88 -3.95
N ARG B 728 15.63 28.43 -4.40
CA ARG B 728 14.38 29.18 -4.37
C ARG B 728 13.24 28.47 -3.62
N TYR B 729 13.45 27.26 -3.11
CA TYR B 729 12.42 26.53 -2.38
C TYR B 729 13.10 25.45 -1.50
N LEU B 730 12.81 25.45 -0.20
CA LEU B 730 13.39 24.49 0.74
C LEU B 730 12.30 23.95 1.66
N ASP B 731 12.23 22.63 1.80
CA ASP B 731 11.27 22.03 2.70
C ASP B 731 12.02 21.21 3.74
N LEU B 732 12.00 21.63 4.99
CA LEU B 732 12.60 20.90 6.11
C LEU B 732 11.54 20.55 7.17
N SER B 733 10.24 20.56 6.80
CA SER B 733 9.17 20.26 7.71
C SER B 733 9.18 18.79 8.13
N SER B 734 8.55 18.47 9.27
CA SER B 734 8.47 17.11 9.79
C SER B 734 9.83 16.45 9.93
N ASN B 735 10.76 17.18 10.53
CA ASN B 735 12.08 16.64 10.84
C ASN B 735 12.20 16.75 12.39
N LYS B 736 13.40 16.72 12.99
CA LYS B 736 13.55 16.81 14.44
C LYS B 736 14.59 17.88 14.78
N ILE B 737 14.59 18.99 14.02
CA ILE B 737 15.56 20.09 14.17
C ILE B 737 15.23 20.87 15.42
N GLN B 738 16.23 21.14 16.25
CA GLN B 738 16.08 21.90 17.50
C GLN B 738 16.57 23.33 17.36
N MET B 739 17.68 23.54 16.66
CA MET B 739 18.27 24.86 16.51
C MET B 739 18.63 25.14 15.06
N ILE B 740 18.45 26.40 14.62
CA ILE B 740 18.84 26.88 13.28
C ILE B 740 19.54 28.21 13.53
N GLN B 741 20.85 28.30 13.23
CA GLN B 741 21.62 29.53 13.46
C GLN B 741 21.81 30.36 12.17
N LYS B 742 22.30 31.61 12.32
CA LYS B 742 22.51 32.53 11.20
C LYS B 742 23.55 32.02 10.17
N THR B 743 24.55 31.23 10.59
CA THR B 743 25.57 30.70 9.68
C THR B 743 25.01 29.62 8.75
N SER B 744 24.19 28.71 9.28
CA SER B 744 23.57 27.64 8.48
C SER B 744 22.51 28.20 7.53
N PHE B 745 21.81 29.26 7.96
CA PHE B 745 20.74 29.91 7.21
C PHE B 745 21.09 31.41 7.03
N PRO B 746 22.04 31.76 6.13
CA PRO B 746 22.37 33.18 5.95
C PRO B 746 21.21 33.92 5.29
N GLU B 747 20.99 35.18 5.70
CA GLU B 747 19.89 36.00 5.17
C GLU B 747 20.03 36.36 3.69
N ASN B 748 21.26 36.43 3.14
CA ASN B 748 21.46 36.72 1.71
C ASN B 748 20.88 35.62 0.79
N VAL B 749 20.65 34.40 1.33
CA VAL B 749 20.07 33.27 0.60
C VAL B 749 18.59 33.12 0.98
N LEU B 750 18.27 33.21 2.28
CA LEU B 750 16.90 33.02 2.77
C LEU B 750 15.90 34.00 2.20
N ASN B 751 16.31 35.26 2.01
CA ASN B 751 15.42 36.29 1.49
C ASN B 751 15.04 36.04 0.01
N ASN B 752 15.89 35.30 -0.74
CA ASN B 752 15.61 34.94 -2.14
C ASN B 752 14.56 33.82 -2.25
N LEU B 753 14.32 33.03 -1.17
CA LEU B 753 13.39 31.90 -1.24
C LEU B 753 11.94 32.27 -1.52
N LYS B 754 11.33 31.59 -2.50
CA LYS B 754 9.92 31.73 -2.85
C LYS B 754 9.06 31.10 -1.73
N MET B 755 9.58 30.06 -1.04
CA MET B 755 8.92 29.42 0.09
C MET B 755 9.92 28.64 0.94
N LEU B 756 9.70 28.59 2.24
CA LEU B 756 10.55 27.87 3.19
C LEU B 756 9.64 27.15 4.20
N LEU B 757 9.64 25.81 4.23
CA LEU B 757 8.78 25.08 5.17
C LEU B 757 9.60 24.55 6.37
N LEU B 758 9.16 24.88 7.59
CA LEU B 758 9.85 24.49 8.83
C LEU B 758 8.91 23.87 9.89
N HIS B 759 7.63 23.70 9.58
CA HIS B 759 6.68 23.19 10.56
C HIS B 759 6.94 21.78 11.03
N HIS B 760 6.45 21.46 12.21
CA HIS B 760 6.54 20.13 12.78
C HIS B 760 7.98 19.65 13.00
N ASN B 761 8.79 20.52 13.61
CA ASN B 761 10.18 20.22 13.98
C ASN B 761 10.23 20.15 15.55
N ARG B 762 11.42 20.22 16.19
CA ARG B 762 11.54 20.11 17.63
C ARG B 762 12.26 21.33 18.17
N PHE B 763 11.77 22.53 17.81
CA PHE B 763 12.42 23.79 18.16
C PHE B 763 12.52 24.06 19.65
N LEU B 764 13.74 24.16 20.17
CA LEU B 764 13.99 24.45 21.56
C LEU B 764 14.09 25.97 21.67
N CYS B 765 13.17 26.58 22.41
CA CYS B 765 13.05 28.04 22.50
C CYS B 765 13.77 28.65 23.72
N THR B 766 15.10 28.46 23.78
CA THR B 766 15.98 29.03 24.81
C THR B 766 16.56 30.37 24.25
N CYS B 767 17.47 31.05 25.00
CA CYS B 767 18.09 32.27 24.50
C CYS B 767 19.12 32.01 23.39
N ASP B 768 19.52 30.74 23.16
CA ASP B 768 20.43 30.40 22.05
C ASP B 768 19.69 30.48 20.69
N ALA B 769 18.34 30.37 20.67
CA ALA B 769 17.53 30.46 19.45
C ALA B 769 17.03 31.87 19.20
N VAL B 770 17.71 32.89 19.74
CA VAL B 770 17.28 34.28 19.70
C VAL B 770 17.24 34.79 18.23
N TRP B 771 18.14 34.32 17.34
CA TRP B 771 18.14 34.73 15.92
C TRP B 771 16.99 34.10 15.15
N PHE B 772 16.78 32.78 15.31
CA PHE B 772 15.72 32.08 14.57
C PHE B 772 14.34 32.65 14.88
N VAL B 773 14.06 32.86 16.16
CA VAL B 773 12.78 33.41 16.61
C VAL B 773 12.59 34.81 16.04
N TRP B 774 13.62 35.67 16.11
CA TRP B 774 13.51 37.02 15.58
C TRP B 774 13.30 37.04 14.06
N TRP B 775 14.13 36.29 13.30
CA TRP B 775 14.00 36.28 11.84
C TRP B 775 12.63 35.73 11.42
N VAL B 776 12.16 34.63 12.00
CA VAL B 776 10.84 34.07 11.67
C VAL B 776 9.73 35.10 11.89
N GLN B 777 9.82 35.91 12.95
CA GLN B 777 8.84 36.94 13.28
C GLN B 777 8.81 38.13 12.30
N HIS B 778 9.98 38.56 11.78
CA HIS B 778 10.09 39.71 10.88
C HIS B 778 10.42 39.38 9.41
N THR B 779 10.36 38.11 8.99
CA THR B 779 10.71 37.76 7.60
C THR B 779 9.55 37.95 6.64
N GLU B 780 9.84 38.40 5.41
CA GLU B 780 8.79 38.50 4.39
C GLU B 780 8.61 37.15 3.63
N VAL B 781 9.54 36.18 3.83
CA VAL B 781 9.54 34.90 3.14
C VAL B 781 8.36 34.08 3.59
N THR B 782 7.73 33.44 2.62
CA THR B 782 6.54 32.65 2.87
C THR B 782 6.93 31.39 3.66
N ILE B 783 6.45 31.28 4.89
CA ILE B 783 6.70 30.13 5.75
C ILE B 783 5.30 29.64 6.09
N PRO B 784 4.77 28.59 5.43
CA PRO B 784 3.40 28.18 5.77
C PRO B 784 3.31 27.64 7.18
N TYR B 785 2.12 27.71 7.75
CA TYR B 785 1.82 27.23 9.09
C TYR B 785 2.62 27.92 10.21
N LEU B 786 3.02 29.20 10.04
CA LEU B 786 3.80 29.95 11.04
C LEU B 786 3.16 29.98 12.43
N ALA B 787 1.87 30.29 12.47
CA ALA B 787 1.13 30.51 13.70
C ALA B 787 0.29 29.31 14.12
N THR B 788 0.46 28.12 13.49
CA THR B 788 -0.30 26.93 13.89
C THR B 788 0.59 25.67 14.03
N ASP B 789 1.82 25.62 13.43
CA ASP B 789 2.65 24.42 13.55
C ASP B 789 4.18 24.70 13.54
N VAL B 790 4.61 25.93 13.83
CA VAL B 790 6.03 26.25 14.00
C VAL B 790 6.08 26.55 15.51
N THR B 791 6.11 25.46 16.29
CA THR B 791 5.99 25.44 17.74
C THR B 791 7.27 25.10 18.51
N CYS B 792 7.32 25.55 19.78
CA CYS B 792 8.41 25.26 20.70
C CYS B 792 8.13 23.94 21.39
N VAL B 793 9.08 22.99 21.40
CA VAL B 793 8.91 21.77 22.21
C VAL B 793 9.33 22.00 23.70
N GLY B 794 10.03 23.11 23.97
CA GLY B 794 10.48 23.48 25.30
C GLY B 794 11.21 24.82 25.28
N PRO B 795 11.86 25.22 26.39
CA PRO B 795 11.90 24.56 27.69
C PRO B 795 10.66 24.86 28.50
N GLY B 796 10.16 23.85 29.22
CA GLY B 796 8.99 23.94 30.11
C GLY B 796 7.88 24.90 29.73
N ALA B 797 7.99 26.16 30.19
CA ALA B 797 7.00 27.21 29.93
C ALA B 797 6.64 27.36 28.44
N HIS B 798 7.65 27.35 27.55
CA HIS B 798 7.43 27.51 26.12
C HIS B 798 6.95 26.24 25.38
N LYS B 799 6.74 25.12 26.08
CA LYS B 799 6.27 23.88 25.44
C LYS B 799 4.85 24.12 24.88
N GLY B 800 4.67 23.89 23.58
CA GLY B 800 3.40 24.10 22.91
C GLY B 800 3.19 25.50 22.37
N GLN B 801 4.01 26.47 22.79
CA GLN B 801 3.86 27.86 22.37
C GLN B 801 4.42 28.10 20.96
N SER B 802 3.65 28.81 20.11
CA SER B 802 4.08 29.16 18.76
C SER B 802 5.28 30.09 18.82
N VAL B 803 6.29 29.91 17.94
CA VAL B 803 7.47 30.79 17.97
C VAL B 803 7.11 32.23 17.56
N ILE B 804 6.01 32.43 16.80
CA ILE B 804 5.58 33.75 16.33
C ILE B 804 5.14 34.63 17.54
N SER B 805 4.47 34.03 18.56
CA SER B 805 4.01 34.74 19.76
C SER B 805 5.04 34.78 20.90
N LEU B 806 6.29 34.33 20.66
CA LEU B 806 7.31 34.27 21.69
C LEU B 806 7.91 35.64 21.99
N ASP B 807 8.21 35.93 23.26
CA ASP B 807 8.84 37.20 23.69
C ASP B 807 10.14 36.88 24.43
N LEU B 808 11.28 37.00 23.76
CA LEU B 808 12.59 36.71 24.37
C LEU B 808 13.30 38.00 24.85
N TYR B 809 12.54 38.94 25.44
CA TYR B 809 13.14 40.17 25.94
C TYR B 809 14.09 39.91 27.12
N THR B 810 13.81 38.86 27.92
CA THR B 810 14.66 38.47 29.05
C THR B 810 16.08 38.08 28.61
N CYS B 811 16.25 37.64 27.34
CA CYS B 811 17.56 37.30 26.81
C CYS B 811 18.47 38.51 26.62
N GLU B 812 17.92 39.73 26.61
CA GLU B 812 18.69 40.97 26.42
C GLU B 812 18.33 41.98 27.50
N LEU B 813 19.14 42.03 28.56
CA LEU B 813 18.95 42.97 29.67
C LEU B 813 20.31 43.57 30.06
#